data_9OOG
#
_entry.id   9OOG
#
_cell.length_a   1.00
_cell.length_b   1.00
_cell.length_c   1.00
_cell.angle_alpha   90.00
_cell.angle_beta   90.00
_cell.angle_gamma   90.00
#
_symmetry.space_group_name_H-M   'P 1'
#
loop_
_entity.id
_entity.type
_entity.pdbx_description
1 polymer 'T3_NB_G05 heavy chain'
2 polymer 'T3_NB_G05 light chain'
3 polymer 'HIV Env gp120'
4 polymer 'HIV Env gp41 ectodomain'
5 branched 2-acetamido-2-deoxy-beta-D-glucopyranose-(1-4)-2-acetamido-2-deoxy-beta-D-glucopyranose
6 branched beta-D-mannopyranose-(1-4)-2-acetamido-2-deoxy-beta-D-glucopyranose-(1-4)-2-acetamido-2-deoxy-beta-D-glucopyranose
7 branched alpha-D-mannopyranose-(1-3)-[alpha-D-mannopyranose-(1-6)]beta-D-mannopyranose-(1-4)-2-acetamido-2-deoxy-beta-D-glucopyranose-(1-4)-2-acetamido-2-deoxy-beta-D-glucopyranose
8 branched alpha-D-mannopyranose-(1-6)-alpha-D-mannopyranose-(1-6)-beta-D-mannopyranose-(1-4)-2-acetamido-2-deoxy-beta-D-glucopyranose-(1-4)-2-acetamido-2-deoxy-beta-D-glucopyranose
9 branched alpha-D-mannopyranose-(1-2)-alpha-D-mannopyranose-(1-3)-[alpha-D-mannopyranose-(1-6)]beta-D-mannopyranose-(1-4)-2-acetamido-2-deoxy-beta-D-glucopyranose-(1-4)-2-acetamido-2-deoxy-beta-D-glucopyranose
10 non-polymer 2-acetamido-2-deoxy-beta-D-glucopyranose
#
loop_
_entity_poly.entity_id
_entity_poly.type
_entity_poly.pdbx_seq_one_letter_code
_entity_poly.pdbx_strand_id
1 'polypeptide(L)'
;EVHLVESGGGLATPGGSLRLSCAASGFTFSNYWMNWVRQTPGKGLEWIASINSAGGARDYADSVMGRFTISRDNSKNTLS
LKMNSLRTEDTAVYYCAKVDEDDYGYFSIVPGDLKKYYFKYWGQGVQVTVSSASTTPPSVYPLAPGSAAQTNSMVTLGCL
VKGYFPEPVTVTWNSGSLSSGVHTFPAVLQSDLYTLSSSVTVPSSTWPSETVTCNVAHPASSTKVDKKIVPRDCG
;
H,I,J
2 'polypeptide(L)'
;DIQMTQSPSSLSASVGDRVTITCQASQGISSWLAWYQQKPGKAPKSLIYKASSLESGVPSRFSGSGSGTDFTLTISSLQP
EDFATYYCQQYDSAPFSFGQGTEVEIKRTDAAPTVSIFPPSSEQLTSGGASVVCFLNNFYPKDINVKWKIDGSERQNGVL
NSWTDQDSKDSTYSMSSTLTLTKDEYERHNSYTCEATHKTSTSPIVKSFNRNEC
;
L,M,N
3 'polypeptide(L)'
;MDAMKRGLCCVLLLCGAVFVSPSQEIHARFRRGARAENLWVTVYYGVPVWRDAETTLFCASDAKAYETEKHNVWATHACV
PTDPNPQEIHLDNVTEKFNMWKNNMVEQMHTDIISLWDQSLKPCVKLTPLCVTLHCTNVTSVNTTGDREELKNCSFNMTT
ELRDKRQKVYSLFYRLDIVPINESQGSEYRLINCNTSACTQACPKVSFEPIPIHYCAPAGFAILKCKDEGFNGTGLCKNV
STVQCTHGIKPVVSTQLLLNGSLAEKNITIRSENITNNAKIIIVQLVQPVTIKCIRPNNYTRKSIRIGPGQAFYAMGDII
GDIRQAHCNVSRSRWNKTLQEVAEKLRTYFGNKTIIFANSSGGDLEITTHSFNCGGEFFYCNTSGLFNSTWYVNSTWNDT
DSTQESNDTITLPCRIKQIINMWQRAGQCMYAPPIPGVIKCESNITGLLLTRDGGKDNNVNETFRPGGGDMRDNWRSELY
KYKVVEIEPLGVAPTRCKRRVVE
;
b,d,f
4 'polypeptide(L)'
;AVGIGAVRRGFLGAAGSTMGAASITLTVQARQLLSGIVQPQNNLLRAPEAQQHLLKLGVWGIKQLQARVLAVERYLRDQQ
LLGIWGCSGKLICCTNVPWNSSWSNKSLDEIWNNMTWLQWDKEIGNYTQLIYRLIEESQNQQEKNEKELLALD
;
c,e,g
#
# COMPACT_ATOMS: atom_id res chain seq x y z
N GLU A 1 -17.87 35.52 31.68
CA GLU A 1 -17.17 34.52 32.54
C GLU A 1 -18.12 33.36 32.83
N VAL A 2 -17.57 32.20 33.19
CA VAL A 2 -18.37 30.99 33.42
C VAL A 2 -19.42 31.23 34.49
N HIS A 3 -20.69 31.19 34.08
CA HIS A 3 -21.82 31.38 34.97
C HIS A 3 -22.68 30.12 34.97
N LEU A 4 -23.05 29.68 36.18
CA LEU A 4 -23.88 28.50 36.37
C LEU A 4 -25.07 28.84 37.25
N VAL A 5 -26.21 28.22 36.93
CA VAL A 5 -27.46 28.42 37.65
C VAL A 5 -28.22 27.11 37.64
N GLU A 6 -28.85 26.79 38.77
CA GLU A 6 -29.63 25.57 38.93
C GLU A 6 -31.00 25.90 39.51
N SER A 7 -31.99 25.11 39.11
CA SER A 7 -33.35 25.30 39.57
C SER A 7 -34.08 23.96 39.53
N GLY A 8 -35.30 23.96 40.05
CA GLY A 8 -36.13 22.78 40.09
C GLY A 8 -36.16 22.08 41.43
N GLY A 9 -35.17 22.32 42.29
CA GLY A 9 -35.15 21.69 43.59
C GLY A 9 -36.15 22.32 44.54
N GLY A 10 -36.57 21.54 45.53
CA GLY A 10 -37.54 22.03 46.50
C GLY A 10 -38.11 20.91 47.33
N LEU A 11 -39.26 21.20 47.94
CA LEU A 11 -39.94 20.22 48.77
C LEU A 11 -40.58 19.12 47.92
N ALA A 12 -40.50 17.88 48.42
CA ALA A 12 -41.05 16.73 47.74
C ALA A 12 -41.44 15.69 48.79
N THR A 13 -42.47 14.92 48.48
CA THR A 13 -42.93 13.88 49.42
C THR A 13 -41.85 12.80 49.54
N PRO A 14 -41.62 12.24 50.73
CA PRO A 14 -40.61 11.19 50.84
C PRO A 14 -40.95 9.98 49.96
N GLY A 15 -39.93 9.41 49.33
CA GLY A 15 -40.11 8.26 48.48
C GLY A 15 -40.72 8.55 47.13
N GLY A 16 -40.95 9.82 46.80
CA GLY A 16 -41.54 10.18 45.52
C GLY A 16 -40.50 10.39 44.44
N SER A 17 -40.65 11.45 43.66
CA SER A 17 -39.73 11.77 42.58
C SER A 17 -39.54 13.28 42.49
N LEU A 18 -38.40 13.68 41.95
CA LEU A 18 -38.06 15.09 41.79
C LEU A 18 -37.10 15.21 40.62
N ARG A 19 -37.03 16.41 40.05
CA ARG A 19 -36.16 16.69 38.91
C ARG A 19 -35.39 17.98 39.17
N LEU A 20 -34.08 17.91 38.99
CA LEU A 20 -33.18 19.06 39.17
C LEU A 20 -32.59 19.42 37.81
N SER A 21 -32.51 20.72 37.55
CA SER A 21 -31.98 21.22 36.28
C SER A 21 -30.89 22.25 36.55
N CYS A 22 -30.00 22.39 35.57
CA CYS A 22 -28.90 23.33 35.66
C CYS A 22 -28.55 23.85 34.28
N ALA A 23 -28.40 25.17 34.18
CA ALA A 23 -28.06 25.85 32.94
C ALA A 23 -26.71 26.54 33.11
N ALA A 24 -25.98 26.68 32.01
CA ALA A 24 -24.67 27.29 32.03
C ALA A 24 -24.48 28.16 30.80
N SER A 25 -23.55 29.11 30.89
CA SER A 25 -23.23 30.03 29.81
C SER A 25 -21.82 30.55 30.01
N GLY A 26 -21.27 31.14 28.96
CA GLY A 26 -19.93 31.69 29.00
C GLY A 26 -18.83 30.72 28.65
N PHE A 27 -19.14 29.54 28.13
CA PHE A 27 -18.13 28.57 27.76
C PHE A 27 -18.77 27.51 26.88
N THR A 28 -17.91 26.71 26.24
CA THR A 28 -18.39 25.63 25.38
C THR A 28 -18.91 24.50 26.25
N PHE A 29 -20.21 24.47 26.49
CA PHE A 29 -20.82 23.45 27.34
C PHE A 29 -20.61 22.04 26.78
N SER A 30 -20.38 21.91 25.48
CA SER A 30 -20.20 20.60 24.87
C SER A 30 -18.76 20.08 24.97
N ASN A 31 -17.93 20.64 25.86
CA ASN A 31 -16.55 20.21 26.01
C ASN A 31 -16.11 20.11 27.45
N TYR A 32 -17.03 20.07 28.42
CA TYR A 32 -16.69 19.99 29.83
C TYR A 32 -17.58 18.99 30.56
N TRP A 33 -16.96 18.16 31.40
CA TRP A 33 -17.71 17.20 32.20
C TRP A 33 -18.48 17.94 33.28
N MET A 34 -19.60 17.36 33.70
CA MET A 34 -20.44 17.95 34.74
C MET A 34 -20.63 16.96 35.86
N ASN A 35 -20.63 17.49 37.09
CA ASN A 35 -20.78 16.69 38.30
C ASN A 35 -21.80 17.33 39.22
N TRP A 36 -22.48 16.50 40.00
CA TRP A 36 -23.47 16.93 40.97
C TRP A 36 -23.00 16.49 42.35
N VAL A 37 -23.00 17.43 43.30
CA VAL A 37 -22.58 17.17 44.67
C VAL A 37 -23.58 17.81 45.61
N ARG A 38 -23.60 17.30 46.85
CA ARG A 38 -24.51 17.76 47.89
C ARG A 38 -23.72 18.21 49.12
N GLN A 39 -24.36 19.05 49.93
CA GLN A 39 -23.78 19.57 51.16
C GLN A 39 -24.82 19.46 52.27
N THR A 40 -24.77 18.36 53.01
CA THR A 40 -25.71 18.17 54.11
C THR A 40 -25.27 18.98 55.32
N PRO A 41 -26.18 19.35 56.21
CA PRO A 41 -25.78 20.12 57.39
C PRO A 41 -24.95 19.27 58.33
N GLY A 42 -23.83 19.84 58.77
CA GLY A 42 -22.94 19.12 59.68
C GLY A 42 -21.95 18.26 58.92
N LYS A 43 -22.44 17.17 58.32
CA LYS A 43 -21.58 16.28 57.57
C LYS A 43 -21.03 17.00 56.34
N GLY A 44 -19.76 16.74 56.02
CA GLY A 44 -19.10 17.37 54.90
C GLY A 44 -19.75 17.11 53.55
N LEU A 45 -19.12 17.68 52.52
CA LEU A 45 -19.59 17.54 51.15
C LEU A 45 -19.54 16.08 50.72
N GLU A 46 -20.19 15.78 49.60
CA GLU A 46 -20.24 14.41 49.08
C GLU A 46 -20.66 14.43 47.63
N TRP A 47 -19.82 13.88 46.76
CA TRP A 47 -20.13 13.81 45.33
C TRP A 47 -21.11 12.67 45.08
N ILE A 48 -22.15 12.94 44.28
CA ILE A 48 -23.19 11.94 44.02
C ILE A 48 -23.26 11.46 42.57
N ALA A 49 -22.86 12.29 41.61
CA ALA A 49 -22.96 11.86 40.22
C ALA A 49 -22.01 12.62 39.32
N SER A 50 -21.83 12.09 38.11
CA SER A 50 -20.97 12.66 37.08
C SER A 50 -21.46 12.20 35.73
N ILE A 51 -21.20 13.02 34.71
CA ILE A 51 -21.61 12.74 33.34
C ILE A 51 -20.55 13.31 32.40
N ASN A 52 -20.33 12.63 31.27
CA ASN A 52 -19.34 13.09 30.32
C ASN A 52 -19.86 14.27 29.50
N SER A 53 -18.98 14.80 28.66
CA SER A 53 -19.34 15.94 27.81
C SER A 53 -20.48 15.61 26.86
N ALA A 54 -20.35 14.50 26.14
CA ALA A 54 -21.38 14.10 25.18
C ALA A 54 -22.63 13.56 25.84
N GLY A 55 -22.62 13.29 27.14
CA GLY A 55 -23.79 12.78 27.83
C GLY A 55 -24.02 11.29 27.67
N GLY A 56 -23.00 10.53 27.30
CA GLY A 56 -23.15 9.10 27.12
C GLY A 56 -22.79 8.29 28.35
N ALA A 57 -21.59 8.50 28.89
CA ALA A 57 -21.12 7.77 30.05
C ALA A 57 -21.62 8.45 31.33
N ARG A 58 -22.08 7.65 32.28
CA ARG A 58 -22.59 8.13 33.55
C ARG A 58 -22.00 7.31 34.69
N ASP A 59 -21.84 7.95 35.85
CA ASP A 59 -21.31 7.31 37.04
C ASP A 59 -21.95 7.97 38.25
N TYR A 60 -22.25 7.17 39.26
CA TYR A 60 -22.87 7.65 40.49
C TYR A 60 -22.25 6.98 41.70
N ALA A 61 -22.43 7.61 42.84
CA ALA A 61 -21.93 7.06 44.09
C ALA A 61 -22.86 5.94 44.55
N ASP A 62 -22.33 5.00 45.32
CA ASP A 62 -23.15 3.89 45.79
C ASP A 62 -24.35 4.35 46.62
N SER A 63 -24.27 5.53 47.24
CA SER A 63 -25.39 6.02 48.04
C SER A 63 -26.60 6.41 47.19
N VAL A 64 -26.39 6.72 45.91
CA VAL A 64 -27.48 7.11 45.02
C VAL A 64 -27.49 6.29 43.74
N MET A 65 -26.70 5.21 43.70
CA MET A 65 -26.63 4.38 42.51
C MET A 65 -27.98 3.73 42.24
N GLY A 66 -28.46 3.88 41.00
CA GLY A 66 -29.73 3.32 40.59
C GLY A 66 -30.93 4.17 40.90
N ARG A 67 -30.89 4.91 42.01
CA ARG A 67 -32.03 5.75 42.38
C ARG A 67 -32.06 7.04 41.56
N PHE A 68 -30.89 7.64 41.32
CA PHE A 68 -30.80 8.89 40.58
C PHE A 68 -30.49 8.59 39.11
N THR A 69 -30.51 9.65 38.30
CA THR A 69 -30.23 9.53 36.87
C THR A 69 -29.82 10.90 36.36
N ILE A 70 -28.57 11.00 35.88
CA ILE A 70 -28.03 12.25 35.37
C ILE A 70 -28.15 12.27 33.85
N SER A 71 -28.43 13.45 33.30
CA SER A 71 -28.58 13.63 31.86
C SER A 71 -28.26 15.07 31.51
N ARG A 72 -27.99 15.30 30.23
CA ARG A 72 -27.67 16.64 29.76
C ARG A 72 -28.12 16.81 28.31
N ASP A 73 -28.19 18.07 27.88
CA ASP A 73 -28.59 18.43 26.52
C ASP A 73 -27.66 19.55 26.08
N ASN A 74 -26.66 19.20 25.26
CA ASN A 74 -25.70 20.18 24.78
C ASN A 74 -26.31 21.23 23.86
N SER A 75 -27.41 20.93 23.18
CA SER A 75 -28.02 21.91 22.29
C SER A 75 -28.55 23.12 23.05
N LYS A 76 -29.13 22.90 24.24
CA LYS A 76 -29.68 23.98 25.05
C LYS A 76 -28.74 24.42 26.17
N ASN A 77 -27.55 23.82 26.29
CA ASN A 77 -26.61 24.17 27.34
C ASN A 77 -27.24 23.99 28.72
N THR A 78 -27.88 22.84 28.90
CA THR A 78 -28.56 22.50 30.14
C THR A 78 -28.12 21.14 30.65
N LEU A 79 -28.25 20.96 31.97
CA LEU A 79 -27.92 19.73 32.67
C LEU A 79 -29.09 19.37 33.56
N SER A 80 -29.32 18.08 33.77
CA SER A 80 -30.42 17.63 34.60
C SER A 80 -30.02 16.45 35.46
N LEU A 81 -30.83 16.21 36.50
CA LEU A 81 -30.58 15.10 37.43
C LEU A 81 -31.95 14.63 37.93
N LYS A 82 -32.43 13.52 37.38
CA LYS A 82 -33.72 12.99 37.79
C LYS A 82 -33.56 12.22 39.11
N MET A 83 -34.56 12.36 39.98
CA MET A 83 -34.57 11.70 41.28
C MET A 83 -35.80 10.81 41.39
N ASN A 84 -35.58 9.57 41.82
CA ASN A 84 -36.64 8.59 41.99
C ASN A 84 -36.42 7.85 43.30
N SER A 85 -37.48 7.66 44.07
CA SER A 85 -37.41 6.98 45.35
C SER A 85 -36.50 7.71 46.33
N LEU A 86 -36.52 9.03 46.28
CA LEU A 86 -35.69 9.82 47.19
C LEU A 86 -36.14 9.61 48.62
N ARG A 87 -35.21 9.75 49.55
CA ARG A 87 -35.46 9.55 50.97
C ARG A 87 -35.07 10.79 51.77
N THR A 88 -35.34 10.71 53.08
CA THR A 88 -35.03 11.83 53.98
C THR A 88 -33.54 12.09 54.10
N GLU A 89 -32.71 11.09 53.83
CA GLU A 89 -31.26 11.28 53.93
C GLU A 89 -30.70 12.07 52.75
N ASP A 90 -31.51 12.32 51.72
CA ASP A 90 -31.06 13.07 50.55
C ASP A 90 -31.23 14.57 50.68
N THR A 91 -31.83 15.05 51.77
CA THR A 91 -32.02 16.49 51.94
C THR A 91 -30.66 17.18 52.07
N ALA A 92 -30.39 18.11 51.15
CA ALA A 92 -29.12 18.83 51.15
C ALA A 92 -29.17 19.90 50.07
N VAL A 93 -28.08 20.66 49.98
CA VAL A 93 -27.96 21.71 48.97
C VAL A 93 -27.17 21.14 47.80
N TYR A 94 -27.86 20.89 46.68
CA TYR A 94 -27.25 20.33 45.49
C TYR A 94 -26.60 21.42 44.67
N TYR A 95 -25.31 21.24 44.37
CA TYR A 95 -24.52 22.20 43.60
C TYR A 95 -24.23 21.67 42.21
N CYS A 96 -24.36 22.54 41.21
CA CYS A 96 -24.07 22.17 39.83
C CYS A 96 -22.63 22.54 39.53
N ALA A 97 -21.74 21.55 39.59
CA ALA A 97 -20.32 21.76 39.39
C ALA A 97 -19.87 21.40 37.98
N LYS A 98 -18.77 22.03 37.58
CA LYS A 98 -18.13 21.82 36.27
C LYS A 98 -16.67 21.52 36.52
N VAL A 99 -16.10 20.64 35.70
CA VAL A 99 -14.69 20.27 35.83
C VAL A 99 -13.80 21.45 35.45
N ASP A 100 -12.51 21.33 35.76
CA ASP A 100 -11.54 22.38 35.50
C ASP A 100 -10.98 22.39 34.08
N GLU A 101 -10.78 21.22 33.46
CA GLU A 101 -10.21 21.14 32.12
C GLU A 101 -11.18 20.46 31.17
N ASP A 102 -11.15 20.91 29.92
CA ASP A 102 -12.02 20.34 28.90
C ASP A 102 -11.61 18.90 28.61
N ASP A 103 -12.47 18.19 27.90
CA ASP A 103 -12.25 16.78 27.55
C ASP A 103 -11.27 16.57 26.39
N TYR A 104 -10.57 17.56 25.84
CA TYR A 104 -9.66 17.28 24.73
C TYR A 104 -8.44 16.51 25.24
N GLY A 105 -7.88 15.69 24.35
CA GLY A 105 -6.71 14.89 24.63
C GLY A 105 -6.97 13.41 24.40
N TYR A 106 -5.96 12.61 24.75
CA TYR A 106 -6.05 11.17 24.59
C TYR A 106 -7.12 10.59 25.51
N PHE A 107 -7.71 9.48 25.08
CA PHE A 107 -8.74 8.82 25.88
C PHE A 107 -8.82 7.37 25.44
N SER A 108 -9.47 6.56 26.29
CA SER A 108 -9.62 5.13 26.04
C SER A 108 -10.99 4.77 25.47
N ILE A 109 -12.06 5.11 26.19
CA ILE A 109 -13.42 4.78 25.76
C ILE A 109 -14.22 6.05 25.50
N VAL A 110 -14.44 6.83 26.56
CA VAL A 110 -15.21 8.08 26.45
C VAL A 110 -14.20 9.21 26.29
N PRO A 111 -14.53 10.31 25.59
CA PRO A 111 -13.53 11.38 25.39
C PRO A 111 -12.87 11.95 26.64
N GLY A 112 -13.59 12.12 27.74
CA GLY A 112 -12.99 12.71 28.92
C GLY A 112 -12.32 11.80 29.93
N ASP A 113 -12.35 10.48 29.73
CA ASP A 113 -11.71 9.60 30.69
C ASP A 113 -10.19 9.73 30.58
N LEU A 114 -9.49 8.94 31.38
CA LEU A 114 -8.02 8.93 31.41
C LEU A 114 -7.46 10.28 31.86
N LYS A 115 -8.25 11.06 32.58
CA LYS A 115 -7.84 12.37 33.06
C LYS A 115 -8.50 12.61 34.41
N LYS A 116 -7.79 13.32 35.28
CA LYS A 116 -8.26 13.63 36.63
C LYS A 116 -8.80 15.05 36.64
N TYR A 117 -10.00 15.21 37.21
CA TYR A 117 -10.67 16.50 37.28
C TYR A 117 -10.94 16.94 38.71
N TYR A 118 -11.38 18.19 38.84
CA TYR A 118 -11.69 18.80 40.11
C TYR A 118 -12.78 19.83 39.85
N PHE A 119 -13.56 20.15 40.87
CA PHE A 119 -14.67 21.10 40.73
C PHE A 119 -14.11 22.52 40.82
N LYS A 120 -13.90 23.14 39.65
CA LYS A 120 -13.36 24.49 39.61
C LYS A 120 -14.44 25.55 39.72
N TYR A 121 -15.58 25.36 39.04
CA TYR A 121 -16.68 26.32 39.08
C TYR A 121 -17.91 25.63 39.64
N TRP A 122 -18.54 26.29 40.61
CA TRP A 122 -19.73 25.79 41.28
C TRP A 122 -20.87 26.80 41.17
N GLY A 123 -22.07 26.29 40.90
CA GLY A 123 -23.22 27.15 40.82
C GLY A 123 -23.87 27.30 42.19
N GLN A 124 -24.62 28.38 42.37
CA GLN A 124 -25.29 28.63 43.65
C GLN A 124 -26.29 27.51 43.85
N GLY A 125 -25.96 26.58 44.76
CA GLY A 125 -26.81 25.44 45.02
C GLY A 125 -28.25 25.81 45.34
N VAL A 126 -29.11 24.81 45.20
CA VAL A 126 -30.54 24.93 45.46
C VAL A 126 -30.90 23.95 46.57
N GLN A 127 -31.70 24.41 47.53
CA GLN A 127 -32.10 23.56 48.65
C GLN A 127 -33.07 22.49 48.21
N VAL A 128 -32.90 21.29 48.76
CA VAL A 128 -33.75 20.14 48.48
C VAL A 128 -34.00 19.43 49.79
N THR A 129 -35.27 19.10 50.06
CA THR A 129 -35.63 18.41 51.29
C THR A 129 -36.98 17.73 51.09
N VAL A 130 -37.27 16.78 51.98
CA VAL A 130 -38.52 16.03 51.95
C VAL A 130 -39.05 15.89 53.36
N SER A 131 -40.37 16.00 53.51
CA SER A 131 -41.02 15.89 54.81
C SER A 131 -42.51 15.74 54.56
N SER A 132 -43.24 15.47 55.65
CA SER A 132 -44.70 15.30 55.56
C SER A 132 -45.39 16.64 55.52
N ASP B 1 -13.32 1.22 51.02
CA ASP B 1 -13.02 2.24 49.98
C ASP B 1 -12.13 3.35 50.55
N ILE B 2 -11.63 4.21 49.68
CA ILE B 2 -10.77 5.30 50.12
C ILE B 2 -11.57 6.30 50.96
N GLN B 3 -10.94 6.80 52.02
CA GLN B 3 -11.56 7.76 52.92
C GLN B 3 -10.48 8.76 53.33
N MET B 4 -10.92 9.96 53.69
CA MET B 4 -10.02 11.04 54.10
C MET B 4 -10.33 11.52 55.51
N THR B 5 -9.28 11.98 56.20
CA THR B 5 -9.35 12.52 57.55
C THR B 5 -8.68 13.88 57.53
N GLN B 6 -9.32 14.87 58.14
CA GLN B 6 -8.81 16.23 58.18
C GLN B 6 -8.73 16.72 59.62
N SER B 7 -7.61 17.36 59.96
CA SER B 7 -7.38 17.89 61.29
C SER B 7 -6.57 19.18 61.17
N PRO B 8 -6.71 20.11 62.13
CA PRO B 8 -7.58 20.09 63.32
C PRO B 8 -9.03 20.34 62.94
N SER B 9 -10.00 19.78 63.68
CA SER B 9 -11.40 19.97 63.33
C SER B 9 -11.78 21.44 63.29
N SER B 10 -11.27 22.23 64.24
CA SER B 10 -11.57 23.65 64.28
C SER B 10 -10.47 24.34 65.08
N LEU B 11 -10.25 25.62 64.76
CA LEU B 11 -9.23 26.40 65.43
C LEU B 11 -9.59 27.88 65.33
N SER B 12 -8.97 28.67 66.19
CA SER B 12 -9.16 30.12 66.24
C SER B 12 -7.84 30.82 65.94
N ALA B 13 -7.94 31.97 65.30
CA ALA B 13 -6.77 32.74 64.92
C ALA B 13 -7.14 34.22 64.94
N SER B 14 -6.30 35.06 64.34
CA SER B 14 -6.54 36.49 64.28
C SER B 14 -5.83 37.04 63.04
N VAL B 15 -6.04 38.32 62.78
CA VAL B 15 -5.41 38.95 61.62
C VAL B 15 -3.91 38.90 61.80
N GLY B 16 -3.21 38.32 60.82
CA GLY B 16 -1.78 38.18 60.87
C GLY B 16 -1.28 36.95 61.58
N ASP B 17 -2.16 36.18 62.20
CA ASP B 17 -1.76 34.96 62.91
C ASP B 17 -1.50 33.84 61.91
N ARG B 18 -0.54 32.99 62.23
CA ARG B 18 -0.13 31.87 61.39
C ARG B 18 -0.69 30.56 61.95
N VAL B 19 -1.39 29.82 61.09
CA VAL B 19 -1.96 28.52 61.43
C VAL B 19 -1.87 27.65 60.18
N THR B 20 -2.18 26.36 60.34
CA THR B 20 -2.10 25.43 59.23
C THR B 20 -3.17 24.35 59.35
N ILE B 21 -3.54 23.78 58.21
CA ILE B 21 -4.54 22.72 58.11
C ILE B 21 -3.89 21.56 57.39
N THR B 22 -4.22 20.34 57.80
CA THR B 22 -3.67 19.13 57.21
C THR B 22 -4.73 18.05 57.13
N CYS B 23 -4.52 17.11 56.20
CA CYS B 23 -5.43 15.99 56.00
C CYS B 23 -4.62 14.81 55.49
N GLN B 24 -5.16 13.61 55.71
CA GLN B 24 -4.51 12.37 55.31
C GLN B 24 -5.50 11.50 54.53
N ALA B 25 -4.95 10.62 53.70
CA ALA B 25 -5.73 9.71 52.87
C ALA B 25 -5.49 8.28 53.30
N SER B 26 -6.55 7.48 53.31
CA SER B 26 -6.43 6.08 53.70
C SER B 26 -5.56 5.28 52.74
N GLN B 27 -5.42 5.73 51.50
CA GLN B 27 -4.60 5.06 50.50
C GLN B 27 -3.82 6.12 49.73
N GLY B 28 -2.74 5.67 49.08
CA GLY B 28 -1.90 6.59 48.32
C GLY B 28 -2.69 7.20 47.17
N ILE B 29 -2.50 8.52 46.99
CA ILE B 29 -3.17 9.26 45.93
C ILE B 29 -2.16 10.13 45.18
N SER B 30 -0.87 9.84 45.36
CA SER B 30 0.20 10.58 44.69
C SER B 30 0.13 12.07 45.04
N SER B 31 -0.48 12.88 44.16
CA SER B 31 -0.59 14.31 44.40
C SER B 31 -1.94 14.88 43.95
N TRP B 32 -2.90 14.05 43.58
CA TRP B 32 -4.22 14.52 43.14
C TRP B 32 -5.05 14.87 44.36
N LEU B 33 -4.81 16.07 44.89
CA LEU B 33 -5.52 16.58 46.06
C LEU B 33 -5.75 18.07 45.88
N ALA B 34 -7.00 18.49 46.04
CA ALA B 34 -7.40 19.89 45.91
C ALA B 34 -7.93 20.43 47.23
N TRP B 35 -7.86 21.75 47.37
CA TRP B 35 -8.31 22.46 48.56
C TRP B 35 -9.38 23.48 48.16
N TYR B 36 -10.37 23.65 49.04
CA TYR B 36 -11.46 24.58 48.80
C TYR B 36 -11.80 25.33 50.08
N GLN B 37 -12.39 26.51 49.91
CA GLN B 37 -12.85 27.36 51.00
C GLN B 37 -14.27 27.77 50.67
N GLN B 38 -15.13 27.83 51.69
CA GLN B 38 -16.54 28.18 51.48
C GLN B 38 -17.01 29.16 52.55
N LYS B 39 -17.44 30.34 52.12
CA LYS B 39 -17.97 31.31 53.05
C LYS B 39 -19.36 30.83 53.50
N PRO B 40 -19.84 31.25 54.67
CA PRO B 40 -21.17 30.80 55.10
C PRO B 40 -22.27 31.28 54.17
N GLY B 41 -23.02 30.32 53.62
CA GLY B 41 -24.12 30.60 52.72
C GLY B 41 -23.76 30.68 51.25
N LYS B 42 -22.48 30.65 50.89
CA LYS B 42 -22.04 30.73 49.51
C LYS B 42 -21.51 29.36 49.05
N ALA B 43 -21.28 29.24 47.75
CA ALA B 43 -20.78 27.98 47.21
C ALA B 43 -19.27 27.89 47.43
N PRO B 44 -18.70 26.69 47.55
CA PRO B 44 -17.25 26.58 47.74
C PRO B 44 -16.47 27.09 46.53
N LYS B 45 -15.24 27.53 46.80
CA LYS B 45 -14.34 28.05 45.80
C LYS B 45 -13.03 27.27 45.80
N SER B 46 -12.47 27.04 44.62
CA SER B 46 -11.21 26.32 44.51
C SER B 46 -10.06 27.24 44.89
N LEU B 47 -9.12 26.73 45.68
CA LEU B 47 -7.98 27.50 46.13
C LEU B 47 -6.68 26.91 45.62
N ILE B 48 -6.51 25.59 45.79
CA ILE B 48 -5.34 24.86 45.32
C ILE B 48 -5.85 23.63 44.61
N TYR B 49 -5.42 23.42 43.36
CA TYR B 49 -5.88 22.25 42.61
C TYR B 49 -4.92 21.08 42.81
N LYS B 50 -3.66 21.22 42.41
CA LYS B 50 -2.71 20.13 42.62
C LYS B 50 -2.23 20.19 44.05
N ALA B 51 -1.42 19.21 44.46
CA ALA B 51 -0.91 19.19 45.83
C ALA B 51 -0.16 20.46 46.19
N SER B 52 0.49 21.11 45.23
CA SER B 52 1.26 22.33 45.48
C SER B 52 1.10 23.41 44.43
N SER B 53 0.04 23.38 43.61
CA SER B 53 -0.19 24.37 42.58
C SER B 53 -1.34 25.27 42.99
N LEU B 54 -1.06 26.58 43.10
CA LEU B 54 -2.06 27.55 43.51
C LEU B 54 -3.02 27.89 42.37
N GLU B 55 -4.23 28.27 42.74
CA GLU B 55 -5.26 28.63 41.77
C GLU B 55 -5.06 30.08 41.32
N SER B 56 -5.36 30.35 40.05
CA SER B 56 -5.23 31.69 39.52
C SER B 56 -6.22 32.62 40.20
N GLY B 57 -5.81 33.87 40.42
CA GLY B 57 -6.64 34.86 41.06
C GLY B 57 -6.54 34.89 42.57
N VAL B 58 -6.17 33.78 43.20
CA VAL B 58 -6.02 33.74 44.66
C VAL B 58 -4.73 34.45 45.04
N PRO B 59 -4.64 35.12 46.18
CA PRO B 59 -3.38 35.78 46.53
C PRO B 59 -2.22 34.80 46.61
N SER B 60 -1.04 35.26 46.19
CA SER B 60 0.15 34.42 46.22
C SER B 60 0.53 33.97 47.63
N ARG B 61 -0.01 34.64 48.65
CA ARG B 61 0.23 34.28 50.06
C ARG B 61 -0.04 32.79 50.26
N PHE B 62 -1.09 32.27 49.64
CA PHE B 62 -1.50 30.89 49.84
C PHE B 62 -0.46 29.92 49.27
N SER B 63 -0.35 28.76 49.91
CA SER B 63 0.60 27.73 49.49
C SER B 63 0.18 26.42 50.11
N GLY B 64 0.69 25.32 49.54
CA GLY B 64 0.40 23.99 50.02
C GLY B 64 1.58 23.08 49.76
N SER B 65 1.56 21.91 50.42
CA SER B 65 2.63 20.95 50.26
C SER B 65 2.12 19.57 50.67
N GLY B 66 2.90 18.56 50.31
CA GLY B 66 2.59 17.18 50.62
C GLY B 66 2.54 16.31 49.37
N SER B 67 2.59 15.00 49.62
CA SER B 67 2.56 14.02 48.55
C SER B 67 2.46 12.63 49.16
N GLY B 68 1.85 11.72 48.40
CA GLY B 68 1.71 10.35 48.82
C GLY B 68 0.51 10.05 49.72
N THR B 69 0.62 10.39 51.01
CA THR B 69 -0.47 10.11 51.95
C THR B 69 -0.87 11.31 52.79
N ASP B 70 0.07 12.21 53.08
CA ASP B 70 -0.19 13.39 53.90
C ASP B 70 -0.06 14.67 53.09
N PHE B 71 -0.86 15.67 53.46
CA PHE B 71 -0.88 16.96 52.80
C PHE B 71 -1.12 18.04 53.85
N THR B 72 -0.70 19.26 53.54
CA THR B 72 -0.84 20.37 54.47
C THR B 72 -1.11 21.67 53.72
N LEU B 73 -1.84 22.58 54.38
CA LEU B 73 -2.19 23.89 53.87
C LEU B 73 -1.68 24.93 54.84
N THR B 74 -1.06 26.00 54.31
CA THR B 74 -0.50 27.06 55.17
C THR B 74 -1.08 28.38 54.74
N ILE B 75 -1.76 29.09 55.63
CA ILE B 75 -2.44 30.36 55.24
C ILE B 75 -1.47 31.54 55.37
N SER B 76 -0.36 31.37 56.08
CA SER B 76 0.61 32.47 56.30
C SER B 76 -0.07 33.66 57.00
N SER B 77 -0.06 34.83 56.37
CA SER B 77 -0.61 36.04 57.03
C SER B 77 -2.15 36.05 56.97
N LEU B 78 -2.79 35.39 57.92
CA LEU B 78 -4.28 35.35 57.94
C LEU B 78 -4.82 36.79 57.90
N GLN B 79 -5.59 37.14 56.88
CA GLN B 79 -6.23 38.48 56.83
C GLN B 79 -7.72 38.27 57.07
N PRO B 80 -8.56 39.33 57.21
CA PRO B 80 -9.97 39.12 57.54
C PRO B 80 -10.74 38.37 56.46
N GLU B 81 -10.15 38.25 55.27
CA GLU B 81 -10.88 37.61 54.14
C GLU B 81 -10.45 36.14 53.98
N ASP B 82 -9.89 35.54 55.03
CA ASP B 82 -9.48 34.12 54.98
C ASP B 82 -10.27 33.32 56.02
N PHE B 83 -11.33 33.90 56.57
CA PHE B 83 -12.06 33.20 57.67
C PHE B 83 -13.26 32.46 57.10
N ALA B 84 -13.05 31.20 56.70
CA ALA B 84 -14.15 30.36 56.16
C ALA B 84 -13.73 28.89 56.19
N THR B 85 -14.70 27.98 56.07
CA THR B 85 -14.38 26.54 56.17
C THR B 85 -13.39 26.16 55.10
N TYR B 86 -12.43 25.29 55.43
CA TYR B 86 -11.48 24.78 54.41
C TYR B 86 -11.70 23.28 54.26
N TYR B 87 -12.05 22.82 53.06
CA TYR B 87 -12.35 21.42 52.76
C TYR B 87 -11.18 20.77 52.03
N CYS B 88 -10.80 19.59 52.48
CA CYS B 88 -9.73 18.82 51.84
C CYS B 88 -10.36 17.73 51.00
N GLN B 89 -10.14 17.79 49.68
CA GLN B 89 -10.72 16.84 48.75
C GLN B 89 -9.65 16.13 47.95
N GLN B 90 -9.89 14.84 47.70
CA GLN B 90 -8.99 14.02 46.91
C GLN B 90 -9.74 13.54 45.68
N TYR B 91 -9.08 13.58 44.54
CA TYR B 91 -9.65 13.12 43.28
C TYR B 91 -8.80 11.94 42.82
N ASP B 92 -8.99 11.49 41.58
CA ASP B 92 -8.29 10.32 41.05
C ASP B 92 -8.75 9.10 41.85
N SER B 93 -10.08 8.96 41.91
CA SER B 93 -10.75 7.88 42.63
C SER B 93 -12.22 7.95 42.27
N ALA B 94 -12.89 6.80 42.40
CA ALA B 94 -14.31 6.73 42.07
C ALA B 94 -15.19 7.66 42.91
N PRO B 95 -15.07 7.73 44.23
CA PRO B 95 -15.96 8.60 45.02
C PRO B 95 -15.58 10.08 45.10
N PHE B 96 -14.30 10.44 44.94
CA PHE B 96 -13.88 11.83 45.05
C PHE B 96 -14.28 12.38 46.43
N SER B 97 -13.90 11.63 47.46
CA SER B 97 -14.24 11.97 48.84
C SER B 97 -13.70 13.32 49.26
N PHE B 98 -14.49 14.04 50.06
CA PHE B 98 -14.13 15.33 50.61
C PHE B 98 -13.67 15.18 52.05
N GLY B 99 -13.04 16.21 52.57
CA GLY B 99 -12.57 16.20 53.93
C GLY B 99 -13.71 16.51 54.89
N GLN B 100 -13.43 16.34 56.18
CA GLN B 100 -14.45 16.61 57.18
C GLN B 100 -14.81 18.09 57.25
N GLY B 101 -13.95 18.97 56.74
CA GLY B 101 -14.22 20.39 56.77
C GLY B 101 -13.72 21.00 58.06
N THR B 102 -12.87 22.02 57.95
CA THR B 102 -12.31 22.70 59.11
C THR B 102 -12.62 24.18 59.01
N GLU B 103 -13.18 24.74 60.08
CA GLU B 103 -13.55 26.14 60.12
C GLU B 103 -12.60 26.91 61.02
N VAL B 104 -12.03 27.98 60.48
CA VAL B 104 -11.11 28.86 61.21
C VAL B 104 -11.87 30.15 61.49
N GLU B 105 -11.85 30.57 62.76
CA GLU B 105 -12.56 31.77 63.20
C GLU B 105 -11.64 32.69 63.96
N ILE B 106 -12.19 33.83 64.37
CA ILE B 106 -11.43 34.81 65.13
C ILE B 106 -11.42 34.42 66.60
N LYS B 107 -10.28 34.62 67.26
CA LYS B 107 -10.14 34.29 68.67
C LYS B 107 -10.80 35.36 69.54
N ASN C 38 25.84 9.91 -68.27
CA ASN C 38 24.59 9.66 -67.49
C ASN C 38 24.73 10.16 -66.06
N LEU C 39 23.71 9.87 -65.24
CA LEU C 39 23.69 10.27 -63.83
C LEU C 39 23.51 9.05 -62.94
N TRP C 40 24.21 9.06 -61.81
CA TRP C 40 24.17 8.00 -60.83
C TRP C 40 23.60 8.54 -59.52
N VAL C 41 22.95 7.65 -58.77
CA VAL C 41 22.35 8.05 -57.50
C VAL C 41 23.42 8.03 -56.41
N THR C 42 23.38 9.04 -55.54
CA THR C 42 24.32 9.18 -54.44
C THR C 42 23.54 9.48 -53.17
N VAL C 43 23.94 8.84 -52.08
CA VAL C 43 23.29 9.01 -50.77
C VAL C 43 24.15 9.93 -49.92
N TYR C 44 23.50 10.84 -49.21
CA TYR C 44 24.17 11.79 -48.33
C TYR C 44 23.77 11.55 -46.89
N TYR C 45 24.74 11.63 -45.99
CA TYR C 45 24.53 11.44 -44.56
C TYR C 45 24.69 12.79 -43.88
N GLY C 46 23.76 13.13 -42.99
CA GLY C 46 23.79 14.40 -42.30
C GLY C 46 23.10 15.52 -43.05
N VAL C 47 22.17 15.19 -43.94
CA VAL C 47 21.45 16.21 -44.72
C VAL C 47 20.59 17.03 -43.79
N PRO C 48 20.46 18.37 -43.98
CA PRO C 48 19.60 19.17 -43.07
C PRO C 48 18.14 19.22 -43.49
N VAL C 49 17.40 18.16 -43.14
CA VAL C 49 15.98 18.04 -43.43
C VAL C 49 15.28 17.57 -42.17
N TRP C 50 13.95 17.70 -42.14
CA TRP C 50 13.20 17.28 -40.98
C TRP C 50 11.75 17.00 -41.36
N ARG C 51 11.03 16.41 -40.40
CA ARG C 51 9.63 16.04 -40.55
C ARG C 51 8.94 16.16 -39.19
N ASP C 52 7.62 16.31 -39.22
CA ASP C 52 6.88 16.38 -37.97
C ASP C 52 6.94 15.04 -37.28
N ALA C 53 7.12 15.05 -35.96
CA ALA C 53 7.21 13.80 -35.22
C ALA C 53 6.81 14.01 -33.77
N GLU C 54 6.78 12.90 -33.03
CA GLU C 54 6.43 12.87 -31.62
C GLU C 54 7.50 12.05 -30.90
N THR C 55 7.98 12.56 -29.78
CA THR C 55 9.02 11.85 -29.02
C THR C 55 8.89 12.18 -27.55
N THR C 56 9.65 11.43 -26.74
CA THR C 56 9.66 11.60 -25.29
C THR C 56 10.63 12.70 -24.88
N LEU C 57 10.11 13.89 -24.58
CA LEU C 57 10.95 15.00 -24.15
C LEU C 57 11.26 14.88 -22.66
N PHE C 58 12.53 15.06 -22.32
CA PHE C 58 12.99 14.96 -20.94
C PHE C 58 13.26 16.35 -20.37
N CYS C 59 13.18 16.45 -19.05
CA CYS C 59 13.39 17.71 -18.36
C CYS C 59 14.85 18.15 -18.37
N ALA C 60 15.06 19.41 -18.02
CA ALA C 60 16.38 20.02 -17.94
C ALA C 60 16.23 21.33 -17.16
N SER C 61 17.02 21.46 -16.10
CA SER C 61 16.94 22.67 -15.27
C SER C 61 18.23 22.80 -14.49
N ASP C 62 18.41 23.96 -13.86
CA ASP C 62 19.59 24.25 -13.06
C ASP C 62 19.47 23.61 -11.68
N ALA C 63 19.52 22.28 -11.67
CA ALA C 63 19.41 21.54 -10.42
C ALA C 63 20.62 21.80 -9.54
N LYS C 64 20.41 21.71 -8.23
CA LYS C 64 21.47 21.92 -7.24
C LYS C 64 21.36 20.92 -6.10
N GLU C 69 19.44 21.06 -0.20
CA GLU C 69 18.39 21.88 -0.87
C GLU C 69 17.02 21.20 -0.72
N LYS C 70 15.99 22.02 -0.55
CA LYS C 70 14.63 21.50 -0.38
C LYS C 70 14.08 21.00 -1.71
N HIS C 71 13.24 19.98 -1.64
CA HIS C 71 12.63 19.40 -2.82
C HIS C 71 11.38 20.18 -3.21
N ASN C 72 10.87 19.86 -4.41
CA ASN C 72 9.68 20.49 -4.95
C ASN C 72 8.78 19.42 -5.53
N VAL C 73 7.49 19.77 -5.66
CA VAL C 73 6.49 18.84 -6.18
C VAL C 73 6.80 18.41 -7.61
N TRP C 74 7.55 19.20 -8.36
CA TRP C 74 7.89 18.87 -9.75
C TRP C 74 9.10 17.95 -9.87
N ALA C 75 9.81 17.68 -8.78
CA ALA C 75 10.97 16.79 -8.79
C ALA C 75 12.00 17.21 -9.84
N THR C 76 12.27 18.51 -9.92
CA THR C 76 13.25 19.00 -10.90
C THR C 76 14.66 18.53 -10.58
N HIS C 77 14.94 18.22 -9.31
CA HIS C 77 16.27 17.76 -8.94
C HIS C 77 16.62 16.41 -9.54
N ALA C 78 15.63 15.64 -9.99
CA ALA C 78 15.88 14.32 -10.55
C ALA C 78 16.12 14.31 -12.05
N CYS C 79 16.02 15.45 -12.74
CA CYS C 79 16.23 15.49 -14.18
C CYS C 79 17.63 15.99 -14.53
N VAL C 80 17.93 15.95 -15.82
CA VAL C 80 19.25 16.33 -16.35
C VAL C 80 19.56 17.78 -15.98
N PRO C 81 20.83 18.13 -15.69
CA PRO C 81 21.12 19.55 -15.39
C PRO C 81 21.22 20.34 -16.69
N THR C 82 20.60 21.53 -16.70
CA THR C 82 20.61 22.35 -17.89
C THR C 82 22.03 22.86 -18.19
N ASP C 83 22.28 23.12 -19.46
CA ASP C 83 23.58 23.62 -19.89
C ASP C 83 23.74 25.09 -19.48
N PRO C 84 24.97 25.57 -19.33
CA PRO C 84 25.16 26.98 -18.94
C PRO C 84 25.01 27.94 -20.11
N ASN C 85 25.33 27.51 -21.33
CA ASN C 85 25.22 28.35 -22.53
C ASN C 85 24.51 27.55 -23.61
N PRO C 86 23.18 27.40 -23.51
CA PRO C 86 22.44 26.64 -24.53
C PRO C 86 22.62 27.27 -25.91
N GLN C 87 22.75 26.40 -26.91
CA GLN C 87 22.94 26.87 -28.27
C GLN C 87 21.62 27.07 -29.00
N GLU C 88 21.53 28.18 -29.72
CA GLU C 88 20.36 28.54 -30.52
C GLU C 88 20.89 29.00 -31.87
N ILE C 89 20.33 28.45 -32.94
CA ILE C 89 20.76 28.75 -34.30
C ILE C 89 19.58 29.32 -35.08
N HIS C 90 19.83 30.42 -35.79
CA HIS C 90 18.81 31.05 -36.61
C HIS C 90 18.90 30.50 -38.03
N LEU C 91 17.80 29.99 -38.54
CA LEU C 91 17.75 29.40 -39.88
C LEU C 91 17.42 30.47 -40.91
N ASP C 92 18.39 30.81 -41.75
CA ASP C 92 18.17 31.82 -42.78
C ASP C 92 17.44 31.18 -43.95
N ASN C 93 16.62 31.99 -44.64
CA ASN C 93 15.83 31.54 -45.79
C ASN C 93 14.81 30.46 -45.46
N VAL C 94 14.64 30.11 -44.18
CA VAL C 94 13.72 29.02 -43.82
C VAL C 94 12.39 29.55 -43.29
N THR C 95 11.32 28.90 -43.71
CA THR C 95 9.96 29.20 -43.30
C THR C 95 9.30 27.86 -42.96
N GLU C 96 8.64 27.80 -41.80
CA GLU C 96 8.00 26.57 -41.35
C GLU C 96 6.57 26.85 -40.91
N LYS C 97 5.72 25.84 -41.04
CA LYS C 97 4.32 25.93 -40.67
C LYS C 97 4.15 25.46 -39.23
N PHE C 98 3.69 26.36 -38.37
CA PHE C 98 3.48 26.07 -36.96
C PHE C 98 2.00 25.94 -36.66
N ASN C 99 1.67 25.11 -35.67
CA ASN C 99 0.29 24.89 -35.27
C ASN C 99 0.30 24.65 -33.76
N MET C 100 0.00 25.71 -33.00
CA MET C 100 -0.01 25.63 -31.55
C MET C 100 -1.20 24.85 -31.02
N TRP C 101 -2.26 24.68 -31.81
CA TRP C 101 -3.45 23.95 -31.35
C TRP C 101 -3.35 22.46 -31.59
N LYS C 102 -2.60 22.03 -32.60
CA LYS C 102 -2.41 20.62 -32.92
C LYS C 102 -1.00 20.15 -32.54
N ASN C 103 -0.43 20.77 -31.51
CA ASN C 103 0.90 20.43 -31.06
C ASN C 103 0.86 19.25 -30.10
N ASN C 104 1.94 18.47 -30.07
CA ASN C 104 2.03 17.31 -29.19
C ASN C 104 2.71 17.67 -27.87
N MET C 105 3.53 18.71 -27.86
CA MET C 105 4.21 19.10 -26.63
C MET C 105 3.22 19.51 -25.56
N VAL C 106 2.17 20.24 -25.94
CA VAL C 106 1.18 20.67 -24.96
C VAL C 106 0.50 19.47 -24.32
N GLU C 107 0.22 18.43 -25.10
CA GLU C 107 -0.42 17.24 -24.55
C GLU C 107 0.57 16.42 -23.73
N GLN C 108 1.82 16.29 -24.22
CA GLN C 108 2.82 15.52 -23.50
C GLN C 108 3.16 16.18 -22.17
N MET C 109 3.29 17.50 -22.16
CA MET C 109 3.61 18.19 -20.92
C MET C 109 2.50 18.02 -19.89
N HIS C 110 1.25 17.98 -20.34
CA HIS C 110 0.12 17.82 -19.43
C HIS C 110 0.22 16.50 -18.68
N THR C 111 0.57 15.43 -19.39
CA THR C 111 0.70 14.12 -18.74
C THR C 111 1.87 14.11 -17.77
N ASP C 112 2.99 14.72 -18.15
CA ASP C 112 4.17 14.75 -17.27
C ASP C 112 3.86 15.52 -15.99
N ILE C 113 3.21 16.68 -16.11
CA ILE C 113 2.87 17.47 -14.93
C ILE C 113 1.97 16.68 -14.00
N ILE C 114 0.97 15.99 -14.57
CA ILE C 114 0.06 15.20 -13.75
C ILE C 114 0.81 14.02 -13.13
N SER C 115 1.69 13.38 -13.90
CA SER C 115 2.44 12.24 -13.37
C SER C 115 3.34 12.67 -12.21
N LEU C 116 4.02 13.81 -12.36
CA LEU C 116 4.90 14.29 -11.29
C LEU C 116 4.09 14.63 -10.05
N TRP C 117 2.89 15.20 -10.26
CA TRP C 117 2.04 15.56 -9.14
C TRP C 117 1.65 14.34 -8.33
N ASP C 118 1.29 13.25 -9.01
CA ASP C 118 0.91 12.03 -8.32
C ASP C 118 2.13 11.37 -7.68
N GLN C 119 3.28 11.45 -8.35
CA GLN C 119 4.49 10.84 -7.82
C GLN C 119 4.91 11.49 -6.51
N SER C 120 4.80 12.82 -6.43
CA SER C 120 5.19 13.52 -5.20
C SER C 120 4.25 13.22 -4.04
N LEU C 121 3.02 12.80 -4.30
CA LEU C 121 2.06 12.51 -3.24
C LEU C 121 2.08 11.06 -2.77
N LYS C 122 2.73 10.17 -3.52
CA LYS C 122 2.77 8.76 -3.14
C LYS C 122 3.43 8.51 -1.79
N PRO C 123 4.62 9.03 -1.47
CA PRO C 123 5.21 8.75 -0.15
C PRO C 123 4.59 9.51 1.01
N CYS C 124 3.69 10.46 0.76
CA CYS C 124 3.08 11.20 1.85
C CYS C 124 1.97 10.39 2.51
N VAL C 125 1.63 10.80 3.74
CA VAL C 125 0.59 10.11 4.49
C VAL C 125 -0.77 10.33 3.85
N LYS C 126 -1.58 9.27 3.84
CA LYS C 126 -2.92 9.34 3.29
C LYS C 126 -3.89 9.61 4.42
N LEU C 127 -4.63 10.71 4.36
CA LEU C 127 -5.52 11.14 5.47
C LEU C 127 -6.84 10.38 5.37
N THR C 128 -6.82 9.06 5.44
CA THR C 128 -8.04 8.24 5.44
C THR C 128 -8.63 8.22 6.80
N PRO C 129 -7.90 8.40 7.92
CA PRO C 129 -8.54 8.29 9.21
C PRO C 129 -9.21 9.57 9.62
N LEU C 130 -9.31 10.55 8.72
CA LEU C 130 -9.89 11.89 9.02
C LEU C 130 -11.30 11.99 8.46
N CYS C 131 -11.79 10.97 7.77
CA CYS C 131 -13.19 10.96 7.31
C CYS C 131 -13.97 10.53 8.54
N VAL C 132 -14.44 11.48 9.34
CA VAL C 132 -15.21 11.28 10.56
C VAL C 132 -16.20 12.42 10.71
N THR C 133 -17.16 12.23 11.62
CA THR C 133 -18.16 13.25 11.87
C THR C 133 -17.50 14.44 12.56
N LEU C 134 -17.77 15.64 12.05
CA LEU C 134 -17.19 16.87 12.57
C LEU C 134 -18.26 17.74 13.22
N HIS C 135 -18.02 18.13 14.48
CA HIS C 135 -18.92 19.00 15.23
C HIS C 135 -18.30 20.39 15.19
N CYS C 136 -18.89 21.29 14.39
CA CYS C 136 -18.37 22.63 14.20
C CYS C 136 -19.27 23.71 14.77
N THR C 137 -18.65 24.86 15.02
CA THR C 137 -19.30 26.05 15.54
C THR C 137 -18.61 27.26 14.92
N ASN C 138 -19.27 28.42 14.99
CA ASN C 138 -18.69 29.62 14.42
C ASN C 138 -17.44 30.04 15.19
N VAL C 139 -16.47 30.59 14.45
CA VAL C 139 -15.22 31.04 15.07
C VAL C 139 -15.51 32.18 16.03
N THR C 140 -14.79 32.19 17.14
CA THR C 140 -14.96 33.24 18.15
C THR C 140 -14.47 34.58 17.62
N ASP C 147 -18.45 39.29 5.60
CA ASP C 147 -18.85 38.16 6.48
C ASP C 147 -17.63 37.49 7.10
N ARG C 148 -17.82 36.90 8.28
CA ARG C 148 -16.75 36.22 9.00
C ARG C 148 -17.03 34.72 9.19
N GLU C 149 -17.98 34.15 8.46
CA GLU C 149 -18.31 32.74 8.58
C GLU C 149 -17.49 31.91 7.59
N GLU C 150 -16.39 32.48 7.07
CA GLU C 150 -15.56 31.76 6.12
C GLU C 150 -14.85 30.58 6.78
N LEU C 151 -14.69 30.61 8.10
CA LEU C 151 -14.01 29.56 8.85
C LEU C 151 -14.99 28.88 9.80
N LYS C 152 -14.66 27.66 10.19
CA LYS C 152 -15.47 26.85 11.10
C LYS C 152 -14.55 26.12 12.06
N ASN C 153 -14.83 26.27 13.36
CA ASN C 153 -14.07 25.63 14.42
C ASN C 153 -14.68 24.27 14.68
N CYS C 154 -14.09 23.23 14.09
CA CYS C 154 -14.58 21.86 14.20
C CYS C 154 -13.77 21.04 15.18
N SER C 155 -14.45 20.13 15.88
CA SER C 155 -13.88 19.21 16.85
C SER C 155 -14.25 17.80 16.41
N PHE C 156 -13.34 16.85 16.60
CA PHE C 156 -13.63 15.49 16.18
C PHE C 156 -12.70 14.50 16.85
N ASN C 157 -13.09 13.24 16.82
CA ASN C 157 -12.30 12.15 17.37
C ASN C 157 -11.22 11.77 16.37
N MET C 158 -10.14 11.17 16.87
CA MET C 158 -9.05 10.79 15.99
C MET C 158 -8.24 9.66 16.60
N THR C 159 -7.58 8.89 15.74
CA THR C 159 -6.75 7.79 16.17
C THR C 159 -5.40 8.32 16.68
N THR C 160 -4.65 7.43 17.32
CA THR C 160 -3.34 7.78 17.86
C THR C 160 -2.37 6.65 17.55
N GLU C 161 -1.11 6.84 17.91
CA GLU C 161 -0.10 5.82 17.68
C GLU C 161 -0.44 4.52 18.37
N LEU C 162 -1.18 4.57 19.48
CA LEU C 162 -1.62 3.38 20.20
C LEU C 162 -2.95 2.96 19.62
N ARG C 163 -3.01 1.76 19.05
CA ARG C 163 -4.24 1.28 18.44
C ARG C 163 -5.39 1.22 19.43
N ASP C 164 -5.10 0.97 20.70
CA ASP C 164 -6.14 0.89 21.73
C ASP C 164 -6.53 2.24 22.32
N LYS C 165 -5.93 3.33 21.87
CA LYS C 165 -6.23 4.67 22.36
C LYS C 165 -6.77 5.56 21.26
N ARG C 166 -7.60 6.52 21.66
CA ARG C 166 -8.22 7.49 20.78
C ARG C 166 -8.04 8.88 21.39
N GLN C 167 -8.19 9.91 20.57
CA GLN C 167 -8.03 11.28 21.02
C GLN C 167 -9.05 12.21 20.39
N LYS C 168 -9.46 13.22 21.14
CA LYS C 168 -10.39 14.24 20.68
C LYS C 168 -9.58 15.49 20.39
N VAL C 169 -9.67 16.00 19.17
CA VAL C 169 -8.92 17.17 18.74
C VAL C 169 -9.87 18.17 18.09
N TYR C 170 -9.31 19.34 17.75
CA TYR C 170 -10.05 20.41 17.10
C TYR C 170 -9.11 21.18 16.20
N SER C 171 -9.68 21.80 15.18
CA SER C 171 -8.91 22.60 14.23
C SER C 171 -9.87 23.34 13.32
N LEU C 172 -9.43 24.48 12.83
CA LEU C 172 -10.26 25.29 11.96
C LEU C 172 -10.27 24.72 10.54
N PHE C 173 -11.42 24.85 9.88
CA PHE C 173 -11.60 24.37 8.52
C PHE C 173 -12.38 25.40 7.72
N TYR C 174 -11.91 25.68 6.51
CA TYR C 174 -12.61 26.62 5.65
C TYR C 174 -13.98 26.04 5.30
N ARG C 175 -14.99 26.90 5.21
CA ARG C 175 -16.34 26.43 4.93
C ARG C 175 -16.42 25.70 3.59
N LEU C 176 -15.55 26.04 2.63
CA LEU C 176 -15.60 25.35 1.34
C LEU C 176 -15.21 23.90 1.44
N ASP C 177 -14.35 23.53 2.40
CA ASP C 177 -13.90 22.16 2.58
C ASP C 177 -14.75 21.39 3.57
N ILE C 178 -15.98 21.83 3.83
CA ILE C 178 -16.88 21.18 4.78
C ILE C 178 -18.24 21.03 4.13
N VAL C 179 -18.88 19.89 4.37
CA VAL C 179 -20.20 19.59 3.82
C VAL C 179 -21.08 19.03 4.93
N PRO C 180 -22.28 19.55 5.17
CA PRO C 180 -23.11 19.00 6.25
C PRO C 180 -23.75 17.68 5.86
N ILE C 181 -23.85 16.77 6.85
CA ILE C 181 -24.46 15.47 6.61
C ILE C 181 -25.96 15.60 6.38
N ASN C 182 -26.57 16.69 6.90
CA ASN C 182 -27.99 17.00 6.79
C ASN C 182 -28.85 16.16 7.73
N GLU C 183 -28.28 15.16 8.40
CA GLU C 183 -29.06 14.40 9.36
C GLU C 183 -29.25 15.18 10.64
N SER C 184 -28.30 16.06 10.96
CA SER C 184 -28.34 16.94 12.11
C SER C 184 -27.83 18.30 11.64
N GLN C 185 -28.50 19.36 12.08
CA GLN C 185 -28.14 20.71 11.69
C GLN C 185 -27.39 21.40 12.82
N GLY C 186 -26.50 22.32 12.42
CA GLY C 186 -25.67 23.04 13.36
C GLY C 186 -24.45 22.28 13.83
N SER C 187 -24.29 21.04 13.39
CA SER C 187 -23.17 20.18 13.73
C SER C 187 -23.24 18.99 12.77
N GLU C 188 -22.44 17.95 13.03
CA GLU C 188 -22.41 16.75 12.20
C GLU C 188 -22.02 17.10 10.77
N TYR C 189 -20.82 17.66 10.63
CA TYR C 189 -20.27 18.05 9.34
C TYR C 189 -19.35 16.95 8.82
N ARG C 190 -19.03 17.04 7.53
CA ARG C 190 -18.16 16.06 6.88
C ARG C 190 -17.25 16.77 5.88
N LEU C 191 -16.04 16.24 5.73
CA LEU C 191 -15.10 16.83 4.79
C LEU C 191 -15.59 16.64 3.36
N ILE C 192 -15.40 17.67 2.53
CA ILE C 192 -15.85 17.57 1.16
C ILE C 192 -15.03 16.50 0.45
N ASN C 193 -15.65 15.88 -0.57
CA ASN C 193 -15.04 14.82 -1.36
C ASN C 193 -14.68 13.59 -0.50
N CYS C 194 -15.23 13.50 0.70
CA CYS C 194 -14.94 12.33 1.54
C CYS C 194 -15.70 11.11 1.03
N ASN C 195 -16.82 11.32 0.36
CA ASN C 195 -17.63 10.24 -0.21
C ASN C 195 -17.15 9.82 -1.59
N THR C 196 -16.00 10.33 -2.04
CA THR C 196 -15.45 9.99 -3.35
C THR C 196 -14.01 9.47 -3.30
N SER C 197 -13.17 9.92 -2.37
CA SER C 197 -11.79 9.47 -2.28
C SER C 197 -11.17 10.08 -1.03
N ALA C 198 -10.12 9.43 -0.54
CA ALA C 198 -9.39 9.89 0.63
C ALA C 198 -8.22 10.74 0.16
N CYS C 199 -8.27 12.03 0.47
CA CYS C 199 -7.21 12.95 0.06
C CYS C 199 -5.90 12.64 0.76
N THR C 200 -4.80 12.88 0.04
CA THR C 200 -3.46 12.65 0.54
C THR C 200 -2.85 13.96 0.98
N GLN C 201 -2.40 14.02 2.23
CA GLN C 201 -1.78 15.23 2.75
C GLN C 201 -0.46 15.48 2.04
N ALA C 202 -0.27 16.70 1.58
CA ALA C 202 0.98 17.04 0.89
C ALA C 202 2.12 17.09 1.89
N CYS C 203 3.25 16.51 1.52
CA CYS C 203 4.40 16.49 2.40
C CYS C 203 4.89 17.91 2.64
N PRO C 204 5.03 18.37 3.89
CA PRO C 204 5.51 19.74 4.11
C PRO C 204 6.95 19.97 3.68
N LYS C 205 7.72 18.91 3.45
CA LYS C 205 9.11 19.05 3.04
C LYS C 205 9.29 19.40 1.57
N VAL C 206 8.24 19.32 0.75
CA VAL C 206 8.30 19.63 -0.66
C VAL C 206 7.52 20.92 -0.90
N SER C 207 8.11 21.85 -1.64
CA SER C 207 7.48 23.13 -1.93
C SER C 207 6.80 23.09 -3.29
N PHE C 208 5.82 23.98 -3.46
CA PHE C 208 5.06 24.10 -4.69
C PHE C 208 5.59 25.21 -5.59
N GLU C 209 6.82 25.65 -5.37
CA GLU C 209 7.41 26.72 -6.17
C GLU C 209 7.55 26.26 -7.63
N PRO C 210 6.97 26.97 -8.60
CA PRO C 210 7.13 26.52 -10.00
C PRO C 210 8.41 27.02 -10.64
N ILE C 211 9.51 26.34 -10.33
CA ILE C 211 10.81 26.74 -10.89
C ILE C 211 10.79 26.40 -12.38
N PRO C 212 11.51 27.13 -13.23
CA PRO C 212 11.47 26.82 -14.67
C PRO C 212 12.09 25.47 -14.98
N ILE C 213 11.49 24.78 -15.96
CA ILE C 213 11.95 23.47 -16.42
C ILE C 213 12.05 23.54 -17.94
N HIS C 214 13.17 23.11 -18.48
CA HIS C 214 13.40 23.12 -19.92
C HIS C 214 13.07 21.77 -20.52
N TYR C 215 12.34 21.78 -21.63
CA TYR C 215 11.95 20.58 -22.34
C TYR C 215 12.91 20.34 -23.49
N CYS C 216 13.74 19.31 -23.37
CA CYS C 216 14.73 18.97 -24.37
C CYS C 216 14.27 17.76 -25.19
N ALA C 217 14.79 17.66 -26.42
CA ALA C 217 14.48 16.56 -27.32
C ALA C 217 15.64 15.58 -27.38
N PRO C 218 15.40 14.28 -27.64
CA PRO C 218 16.52 13.34 -27.70
C PRO C 218 17.42 13.64 -28.89
N ALA C 219 18.57 12.96 -28.91
CA ALA C 219 19.50 13.14 -30.01
C ALA C 219 18.84 12.67 -31.30
N GLY C 220 19.16 13.34 -32.41
CA GLY C 220 18.55 13.02 -33.68
C GLY C 220 17.23 13.71 -33.92
N PHE C 221 16.83 14.62 -33.03
CA PHE C 221 15.61 15.38 -33.14
C PHE C 221 15.94 16.83 -32.77
N ALA C 222 14.99 17.73 -32.99
CA ALA C 222 15.22 19.13 -32.69
C ALA C 222 13.89 19.84 -32.49
N ILE C 223 13.96 20.97 -31.79
CA ILE C 223 12.80 21.80 -31.49
C ILE C 223 12.91 23.08 -32.31
N LEU C 224 11.99 23.27 -33.24
CA LEU C 224 11.98 24.45 -34.08
C LEU C 224 11.29 25.60 -33.37
N LYS C 225 11.93 26.77 -33.41
CA LYS C 225 11.42 27.98 -32.77
C LYS C 225 11.10 29.03 -33.82
N CYS C 226 9.98 29.71 -33.63
CA CYS C 226 9.51 30.77 -34.53
C CYS C 226 9.82 32.12 -33.91
N LYS C 227 10.61 32.93 -34.60
CA LYS C 227 10.99 34.26 -34.15
C LYS C 227 10.23 35.37 -34.86
N ASP C 228 9.19 35.04 -35.63
CA ASP C 228 8.42 36.05 -36.33
C ASP C 228 7.76 37.00 -35.33
N GLU C 229 7.88 38.30 -35.60
CA GLU C 229 7.31 39.32 -34.73
C GLU C 229 5.79 39.25 -34.77
N GLY C 230 5.17 39.22 -33.59
CA GLY C 230 3.73 39.18 -33.49
C GLY C 230 3.08 37.96 -34.12
N PHE C 231 3.71 36.80 -34.04
CA PHE C 231 3.14 35.58 -34.60
C PHE C 231 1.92 35.18 -33.78
N ASN C 232 0.81 34.89 -34.46
CA ASN C 232 -0.41 34.52 -33.76
C ASN C 232 -0.49 33.04 -33.40
N GLY C 233 0.58 32.27 -33.61
CA GLY C 233 0.62 30.86 -33.27
C GLY C 233 0.21 29.89 -34.34
N THR C 234 -0.31 30.35 -35.48
CA THR C 234 -0.73 29.46 -36.55
C THR C 234 -0.32 30.05 -37.88
N GLY C 235 0.02 29.18 -38.83
CA GLY C 235 0.43 29.60 -40.16
C GLY C 235 1.92 29.41 -40.39
N LEU C 236 2.35 29.91 -41.55
CA LEU C 236 3.75 29.81 -41.93
C LEU C 236 4.56 30.89 -41.24
N CYS C 237 5.60 30.49 -40.51
CA CYS C 237 6.45 31.43 -39.81
C CYS C 237 7.55 31.90 -40.75
N LYS C 238 7.69 33.22 -40.89
CA LYS C 238 8.69 33.81 -41.78
C LYS C 238 10.04 34.03 -41.13
N ASN C 239 10.21 33.64 -39.86
CA ASN C 239 11.48 33.84 -39.15
C ASN C 239 11.60 32.66 -38.19
N VAL C 240 12.29 31.61 -38.63
CA VAL C 240 12.45 30.37 -37.87
C VAL C 240 13.85 30.27 -37.30
N SER C 241 13.97 29.51 -36.20
CA SER C 241 15.22 29.24 -35.50
C SER C 241 15.08 27.87 -34.87
N THR C 242 16.22 27.27 -34.50
CA THR C 242 16.23 25.94 -33.90
C THR C 242 16.98 25.98 -32.57
N VAL C 243 16.56 25.10 -31.66
CA VAL C 243 17.15 24.99 -30.33
C VAL C 243 16.93 23.58 -29.83
N GLN C 244 17.89 23.08 -29.05
CA GLN C 244 17.79 21.72 -28.51
C GLN C 244 16.82 21.64 -27.34
N CYS C 245 16.71 22.71 -26.55
CA CYS C 245 15.83 22.74 -25.40
C CYS C 245 15.04 24.05 -25.39
N THR C 246 13.80 23.96 -24.90
CA THR C 246 12.95 25.14 -24.82
C THR C 246 13.41 26.02 -23.67
N HIS C 247 12.93 27.27 -23.67
CA HIS C 247 13.30 28.18 -22.61
C HIS C 247 12.69 27.71 -21.29
N GLY C 248 13.03 28.41 -20.22
CA GLY C 248 12.51 28.04 -18.91
C GLY C 248 11.00 28.12 -18.83
N ILE C 249 10.33 26.97 -18.79
CA ILE C 249 8.87 26.92 -18.69
C ILE C 249 8.51 26.76 -17.22
N LYS C 250 7.84 27.77 -16.66
CA LYS C 250 7.43 27.72 -15.27
C LYS C 250 6.03 27.12 -15.19
N PRO C 251 5.85 25.92 -14.61
CA PRO C 251 4.49 25.36 -14.53
C PRO C 251 3.60 26.09 -13.53
N VAL C 252 3.26 27.33 -13.87
CA VAL C 252 2.42 28.17 -13.01
C VAL C 252 0.97 27.83 -13.33
N VAL C 253 0.31 27.12 -12.41
CA VAL C 253 -1.09 26.75 -12.61
C VAL C 253 -1.95 27.95 -12.26
N SER C 254 -2.80 28.36 -13.20
CA SER C 254 -3.68 29.50 -12.99
C SER C 254 -4.93 29.35 -13.85
N THR C 255 -5.96 30.09 -13.49
CA THR C 255 -7.24 30.09 -14.19
C THR C 255 -7.71 31.52 -14.43
N GLN C 256 -8.12 31.78 -15.67
CA GLN C 256 -8.63 33.06 -16.14
C GLN C 256 -7.57 34.15 -16.30
N LEU C 257 -6.36 33.93 -15.79
CA LEU C 257 -5.27 34.89 -15.86
C LEU C 257 -3.94 34.15 -15.83
N LEU C 258 -3.11 34.36 -16.85
CA LEU C 258 -1.81 33.71 -16.89
C LEU C 258 -0.83 34.52 -16.06
N LEU C 259 -0.27 33.89 -15.03
CA LEU C 259 0.66 34.52 -14.11
C LEU C 259 2.09 34.08 -14.39
N ASN C 260 3.01 35.04 -14.28
CA ASN C 260 4.46 34.84 -14.47
C ASN C 260 4.80 34.24 -15.83
N GLY C 261 3.93 34.37 -16.82
CA GLY C 261 4.21 33.84 -18.14
C GLY C 261 5.03 34.81 -18.98
N SER C 262 5.38 34.35 -20.18
CA SER C 262 6.15 35.19 -21.09
C SER C 262 5.29 36.34 -21.60
N LEU C 263 5.91 37.51 -21.73
CA LEU C 263 5.23 38.70 -22.20
C LEU C 263 5.35 38.84 -23.71
N ALA C 264 4.38 39.55 -24.30
CA ALA C 264 4.39 39.77 -25.72
C ALA C 264 5.57 40.67 -26.09
N GLU C 265 6.01 40.56 -27.34
CA GLU C 265 7.16 41.34 -27.79
C GLU C 265 6.84 42.81 -28.02
N LYS C 266 5.91 43.12 -28.93
CA LYS C 266 5.59 44.51 -29.25
C LYS C 266 4.12 44.89 -29.11
N ASN C 267 3.20 44.02 -29.52
CA ASN C 267 1.78 44.31 -29.46
C ASN C 267 1.02 43.18 -28.78
N ILE C 268 -0.17 43.52 -28.30
CA ILE C 268 -1.02 42.53 -27.63
C ILE C 268 -1.49 41.52 -28.66
N THR C 269 -0.96 40.31 -28.56
CA THR C 269 -1.28 39.22 -29.49
C THR C 269 -2.48 38.43 -28.99
N ILE C 270 -3.34 38.04 -29.92
CA ILE C 270 -4.54 37.26 -29.64
C ILE C 270 -4.40 35.95 -30.41
N ARG C 271 -4.76 34.84 -29.77
CA ARG C 271 -4.62 33.53 -30.38
C ARG C 271 -5.88 32.69 -30.17
N SER C 272 -6.29 31.99 -31.23
CA SER C 272 -7.45 31.12 -31.22
C SER C 272 -7.45 30.32 -32.50
N GLU C 273 -7.81 29.03 -32.40
CA GLU C 273 -7.83 28.21 -33.60
C GLU C 273 -8.92 28.68 -34.56
N ASN C 274 -10.03 29.20 -34.03
CA ASN C 274 -11.11 29.73 -34.86
C ASN C 274 -11.74 30.85 -34.03
N ILE C 275 -11.33 32.08 -34.31
CA ILE C 275 -11.81 33.24 -33.56
C ILE C 275 -13.33 33.36 -33.64
N THR C 276 -13.92 33.10 -34.80
CA THR C 276 -15.36 33.20 -34.95
C THR C 276 -16.11 32.10 -34.22
N ASN C 277 -15.44 31.03 -33.80
CA ASN C 277 -16.10 29.93 -33.10
C ASN C 277 -16.22 30.31 -31.63
N ASN C 278 -17.45 30.38 -31.12
CA ASN C 278 -17.68 30.75 -29.74
C ASN C 278 -17.30 29.64 -28.76
N ALA C 279 -17.16 28.40 -29.23
CA ALA C 279 -16.80 27.30 -28.35
C ALA C 279 -15.29 27.16 -28.13
N LYS C 280 -14.47 28.01 -28.75
CA LYS C 280 -13.02 27.95 -28.60
C LYS C 280 -12.53 29.06 -27.69
N ILE C 281 -11.58 28.73 -26.82
CA ILE C 281 -11.02 29.71 -25.90
C ILE C 281 -10.11 30.67 -26.66
N ILE C 282 -10.09 31.93 -26.22
CA ILE C 282 -9.27 32.97 -26.82
C ILE C 282 -8.14 33.29 -25.85
N ILE C 283 -6.91 33.20 -26.33
CA ILE C 283 -5.71 33.47 -25.54
C ILE C 283 -5.14 34.80 -26.00
N VAL C 284 -5.01 35.74 -25.08
CA VAL C 284 -4.48 37.07 -25.35
C VAL C 284 -3.23 37.27 -24.50
N GLN C 285 -2.16 37.74 -25.13
CA GLN C 285 -0.89 37.98 -24.47
C GLN C 285 -0.67 39.49 -24.32
N LEU C 286 -0.30 39.91 -23.12
CA LEU C 286 -0.08 41.32 -22.83
C LEU C 286 1.39 41.69 -23.00
N VAL C 287 1.63 42.96 -23.35
CA VAL C 287 2.99 43.46 -23.53
C VAL C 287 3.53 44.09 -22.25
N GLN C 288 2.66 44.67 -21.42
CA GLN C 288 3.03 45.31 -20.17
C GLN C 288 2.57 44.44 -19.00
N PRO C 289 3.44 43.93 -18.14
CA PRO C 289 2.96 43.10 -17.03
C PRO C 289 2.18 43.92 -16.02
N VAL C 290 1.02 43.37 -15.62
CA VAL C 290 0.15 44.01 -14.64
C VAL C 290 0.41 43.34 -13.30
N THR C 291 1.14 44.03 -12.42
CA THR C 291 1.48 43.48 -11.11
C THR C 291 0.22 43.31 -10.27
N ILE C 292 0.11 42.16 -9.62
CA ILE C 292 -1.02 41.83 -8.74
C ILE C 292 -0.42 41.33 -7.43
N LYS C 293 -0.80 41.98 -6.34
CA LYS C 293 -0.31 41.65 -5.00
C LYS C 293 -1.43 41.00 -4.20
N CYS C 294 -1.19 39.77 -3.75
CA CYS C 294 -2.15 39.00 -2.97
C CYS C 294 -1.56 38.77 -1.58
N ILE C 295 -2.44 38.61 -0.60
CA ILE C 295 -2.03 38.42 0.78
C ILE C 295 -3.05 37.58 1.54
N ARG C 296 -2.56 36.85 2.54
CA ARG C 296 -3.36 36.01 3.43
C ARG C 296 -3.12 36.62 4.82
N PRO C 297 -3.86 37.67 5.21
CA PRO C 297 -3.60 38.30 6.51
C PRO C 297 -3.81 37.43 7.74
N ASN C 298 -4.59 36.35 7.65
CA ASN C 298 -4.79 35.51 8.82
C ASN C 298 -3.47 34.89 9.27
N ASN C 299 -3.24 34.91 10.58
CA ASN C 299 -2.04 34.37 11.22
C ASN C 299 -2.46 33.17 12.06
N TYR C 300 -2.44 31.99 11.45
CA TYR C 300 -2.83 30.77 12.14
C TYR C 300 -1.64 30.12 12.86
N THR C 301 -1.98 29.20 13.77
CA THR C 301 -0.96 28.46 14.52
C THR C 301 -0.99 27.01 14.08
N ARG C 302 0.06 26.57 13.41
CA ARG C 302 0.12 25.20 12.93
C ARG C 302 0.29 24.25 14.10
N LYS C 303 -0.59 23.24 14.15
CA LYS C 303 -0.58 22.21 15.19
C LYS C 303 -0.52 20.85 14.51
N SER C 304 0.35 19.99 15.03
CA SER C 304 0.55 18.65 14.50
C SER C 304 0.02 17.62 15.49
N ILE C 305 -0.83 16.72 15.00
CA ILE C 305 -1.42 15.65 15.79
C ILE C 305 -1.06 14.33 15.14
N ARG C 306 -0.58 13.38 15.93
CA ARG C 306 -0.19 12.07 15.42
C ARG C 306 -1.41 11.19 15.28
N ILE C 307 -1.90 11.04 14.04
CA ILE C 307 -3.06 10.20 13.79
C ILE C 307 -2.71 8.72 13.81
N GLY C 308 -1.45 8.37 13.58
CA GLY C 308 -1.03 6.98 13.59
C GLY C 308 0.46 6.85 13.84
N PRO C 309 0.95 5.60 13.91
CA PRO C 309 2.38 5.39 14.15
C PRO C 309 3.29 5.98 13.08
N GLY C 310 4.09 6.97 13.45
CA GLY C 310 5.02 7.59 12.54
C GLY C 310 4.44 8.56 11.53
N GLN C 311 3.19 8.97 11.68
CA GLN C 311 2.56 9.91 10.75
C GLN C 311 1.68 10.86 11.54
N ALA C 312 1.64 12.12 11.10
CA ALA C 312 0.86 13.15 11.76
C ALA C 312 0.06 13.95 10.75
N PHE C 313 -0.97 14.64 11.25
CA PHE C 313 -1.86 15.46 10.45
C PHE C 313 -1.72 16.92 10.89
N TYR C 314 -1.40 17.80 9.95
CA TYR C 314 -1.21 19.21 10.23
C TYR C 314 -2.52 19.96 9.94
N ALA C 315 -2.88 20.84 10.86
CA ALA C 315 -4.18 21.50 10.72
C ALA C 315 -4.05 22.95 11.17
N MET C 316 -4.99 23.78 10.72
CA MET C 316 -4.96 25.19 11.13
C MET C 316 -5.36 25.24 12.60
N GLY C 317 -4.40 25.47 13.48
CA GLY C 317 -4.75 25.66 14.89
C GLY C 317 -5.40 27.00 15.04
N ASP C 318 -5.52 27.54 16.25
CA ASP C 318 -6.27 28.80 16.47
C ASP C 318 -5.71 29.99 15.69
N ILE C 319 -6.48 31.08 15.64
CA ILE C 319 -6.07 32.31 14.88
C ILE C 319 -5.46 33.32 15.87
N ILE C 320 -4.63 34.24 15.39
CA ILE C 320 -4.00 35.28 16.25
C ILE C 320 -4.54 36.65 15.84
N GLY C 321 -5.00 37.46 16.80
CA GLY C 321 -5.63 38.73 16.51
C GLY C 321 -7.10 38.59 16.17
N ASP C 322 -7.47 38.90 14.93
CA ASP C 322 -8.86 38.80 14.49
C ASP C 322 -8.90 38.33 13.05
N ILE C 323 -10.09 37.89 12.63
CA ILE C 323 -10.27 37.40 11.27
C ILE C 323 -10.16 38.54 10.28
N ARG C 324 -9.57 38.26 9.13
CA ARG C 324 -9.41 39.23 8.06
C ARG C 324 -9.54 38.51 6.73
N GLN C 325 -10.21 39.15 5.78
CA GLN C 325 -10.44 38.56 4.47
C GLN C 325 -9.20 38.65 3.58
N ALA C 326 -8.93 37.57 2.87
CA ALA C 326 -7.81 37.54 1.94
C ALA C 326 -8.24 38.25 0.66
N HIS C 327 -7.29 38.93 0.01
CA HIS C 327 -7.63 39.66 -1.20
C HIS C 327 -6.39 39.87 -2.06
N CYS C 328 -6.62 40.44 -3.25
CA CYS C 328 -5.57 40.74 -4.21
C CYS C 328 -5.77 42.16 -4.71
N ASN C 329 -4.67 42.91 -4.76
CA ASN C 329 -4.66 44.30 -5.20
C ASN C 329 -4.09 44.40 -6.62
N VAL C 330 -4.53 45.42 -7.34
CA VAL C 330 -4.06 45.68 -8.69
C VAL C 330 -4.38 47.13 -9.04
N SER C 331 -3.44 47.79 -9.69
CA SER C 331 -3.62 49.18 -10.08
C SER C 331 -4.76 49.32 -11.07
N ARG C 332 -5.69 50.23 -10.78
CA ARG C 332 -6.83 50.44 -11.66
C ARG C 332 -6.42 51.14 -12.95
N SER C 333 -5.56 52.17 -12.84
CA SER C 333 -5.13 52.90 -14.02
C SER C 333 -4.38 51.99 -14.99
N ARG C 334 -3.45 51.18 -14.47
CA ARG C 334 -2.70 50.30 -15.33
C ARG C 334 -3.52 49.09 -15.77
N TRP C 335 -4.49 48.67 -14.96
CA TRP C 335 -5.29 47.51 -15.32
C TRP C 335 -6.28 47.82 -16.43
N ASN C 336 -7.22 48.74 -16.19
CA ASN C 336 -8.20 48.99 -17.25
C ASN C 336 -7.59 49.70 -18.45
N LYS C 337 -6.36 50.19 -18.36
CA LYS C 337 -5.71 50.75 -19.54
C LYS C 337 -5.48 49.63 -20.55
N THR C 338 -5.01 48.48 -20.05
CA THR C 338 -4.77 47.33 -20.91
C THR C 338 -6.07 46.82 -21.52
N LEU C 339 -7.17 46.92 -20.77
CA LEU C 339 -8.46 46.49 -21.29
C LEU C 339 -8.82 47.29 -22.53
N GLN C 340 -8.49 48.58 -22.55
CA GLN C 340 -8.75 49.39 -23.73
C GLN C 340 -7.90 48.89 -24.88
N GLU C 341 -6.63 48.59 -24.61
CA GLU C 341 -5.75 48.07 -25.65
C GLU C 341 -6.21 46.68 -26.09
N VAL C 342 -6.68 45.88 -25.13
CA VAL C 342 -7.19 44.55 -25.45
C VAL C 342 -8.49 44.67 -26.23
N ALA C 343 -9.33 45.63 -25.85
CA ALA C 343 -10.60 45.83 -26.52
C ALA C 343 -10.40 46.29 -27.97
N GLU C 344 -9.52 47.29 -28.17
CA GLU C 344 -9.29 47.76 -29.53
C GLU C 344 -8.66 46.68 -30.39
N LYS C 345 -7.75 45.89 -29.82
CA LYS C 345 -7.14 44.80 -30.59
C LYS C 345 -8.20 43.79 -30.97
N LEU C 346 -9.10 43.47 -30.05
CA LEU C 346 -10.18 42.53 -30.32
C LEU C 346 -11.12 43.09 -31.37
N ARG C 347 -11.24 44.42 -31.42
CA ARG C 347 -12.12 45.06 -32.38
C ARG C 347 -11.69 44.80 -33.82
N THR C 348 -10.40 44.59 -34.05
CA THR C 348 -9.91 44.34 -35.41
C THR C 348 -10.46 43.04 -35.99
N TYR C 349 -10.82 42.07 -35.15
CA TYR C 349 -11.34 40.79 -35.61
C TYR C 349 -12.87 40.74 -35.71
N PHE C 350 -13.57 41.82 -35.36
CA PHE C 350 -15.03 41.82 -35.40
C PHE C 350 -15.64 43.11 -35.94
N GLY C 351 -14.90 43.90 -36.70
CA GLY C 351 -15.47 45.13 -37.22
C GLY C 351 -15.46 46.27 -36.21
N ASN C 352 -16.39 47.19 -36.40
CA ASN C 352 -16.51 48.35 -35.52
C ASN C 352 -17.42 48.10 -34.32
N LYS C 353 -17.62 46.84 -33.95
CA LYS C 353 -18.48 46.54 -32.81
C LYS C 353 -17.78 46.96 -31.51
N THR C 354 -18.60 47.13 -30.47
CA THR C 354 -18.11 47.53 -29.16
C THR C 354 -17.84 46.28 -28.32
N ILE C 355 -16.74 46.31 -27.57
CA ILE C 355 -16.35 45.18 -26.73
C ILE C 355 -16.92 45.38 -25.33
N ILE C 356 -17.38 44.29 -24.73
CA ILE C 356 -17.95 44.29 -23.38
C ILE C 356 -17.31 43.14 -22.60
N PHE C 357 -16.95 43.42 -21.36
CA PHE C 357 -16.34 42.44 -20.47
C PHE C 357 -17.28 42.16 -19.31
N ALA C 358 -17.58 40.89 -19.08
CA ALA C 358 -18.53 40.54 -18.01
C ALA C 358 -17.94 39.40 -17.20
N ASN C 359 -18.35 39.25 -15.94
CA ASN C 359 -17.72 38.22 -15.10
C ASN C 359 -18.15 36.84 -15.60
N SER C 360 -17.43 35.80 -15.18
CA SER C 360 -17.72 34.43 -15.68
C SER C 360 -19.19 34.11 -15.44
N SER C 361 -19.79 33.31 -16.32
CA SER C 361 -21.25 33.04 -16.21
C SER C 361 -21.56 32.38 -14.87
N GLY C 362 -20.87 31.28 -14.55
CA GLY C 362 -21.17 30.53 -13.31
C GLY C 362 -20.76 29.09 -13.49
N GLY C 363 -20.70 28.32 -12.41
CA GLY C 363 -20.22 26.96 -12.51
C GLY C 363 -19.34 26.58 -11.33
N ASP C 364 -18.32 25.77 -11.62
CA ASP C 364 -17.40 25.34 -10.57
C ASP C 364 -16.55 26.50 -10.08
N LEU C 365 -16.12 26.42 -8.82
CA LEU C 365 -15.31 27.48 -8.25
C LEU C 365 -13.95 27.59 -8.94
N GLU C 366 -13.43 26.48 -9.45
CA GLU C 366 -12.13 26.50 -10.12
C GLU C 366 -12.18 27.32 -11.40
N ILE C 367 -13.27 27.22 -12.16
CA ILE C 367 -13.40 27.95 -13.42
C ILE C 367 -14.03 29.34 -13.25
N THR C 368 -14.87 29.53 -12.24
CA THR C 368 -15.53 30.82 -12.04
C THR C 368 -14.68 31.83 -11.28
N THR C 369 -13.53 31.43 -10.74
CA THR C 369 -12.68 32.32 -9.98
C THR C 369 -11.23 32.16 -10.41
N HIS C 370 -10.47 33.23 -10.26
CA HIS C 370 -9.06 33.23 -10.62
C HIS C 370 -8.30 32.49 -9.53
N SER C 371 -8.00 31.22 -9.77
CA SER C 371 -7.30 30.37 -8.82
C SER C 371 -5.82 30.33 -9.14
N PHE C 372 -5.00 30.30 -8.08
CA PHE C 372 -3.55 30.26 -8.19
C PHE C 372 -3.02 29.70 -6.87
N ASN C 373 -1.71 29.84 -6.65
CA ASN C 373 -1.07 29.35 -5.43
C ASN C 373 0.10 30.24 -5.08
N CYS C 374 0.09 30.80 -3.87
CA CYS C 374 1.17 31.67 -3.40
C CYS C 374 2.20 30.82 -2.63
N GLY C 375 2.67 29.77 -3.29
CA GLY C 375 3.65 28.90 -2.69
C GLY C 375 3.20 28.15 -1.46
N GLY C 376 2.02 27.53 -1.49
CA GLY C 376 1.54 26.77 -0.35
C GLY C 376 0.06 26.89 -0.07
N GLU C 377 -0.56 28.03 -0.39
CA GLU C 377 -1.98 28.25 -0.18
C GLU C 377 -2.64 28.50 -1.53
N PHE C 378 -3.72 27.77 -1.79
CA PHE C 378 -4.47 27.89 -3.04
C PHE C 378 -5.54 28.96 -2.87
N PHE C 379 -5.50 29.97 -3.75
CA PHE C 379 -6.45 31.07 -3.70
C PHE C 379 -7.58 30.85 -4.70
N TYR C 380 -8.67 31.60 -4.50
CA TYR C 380 -9.85 31.59 -5.37
C TYR C 380 -10.43 33.00 -5.27
N CYS C 381 -10.03 33.86 -6.21
CA CYS C 381 -10.44 35.30 -6.16
C CYS C 381 -11.52 35.61 -7.20
N ASN C 382 -12.47 36.49 -6.86
CA ASN C 382 -13.57 36.88 -7.78
C ASN C 382 -13.06 37.96 -8.73
N THR C 383 -13.12 37.72 -10.04
CA THR C 383 -12.56 38.68 -11.01
C THR C 383 -13.63 39.67 -11.45
N SER C 384 -14.82 39.62 -10.87
CA SER C 384 -15.90 40.50 -11.33
C SER C 384 -15.48 41.96 -11.32
N GLY C 385 -14.55 42.36 -10.46
CA GLY C 385 -14.13 43.75 -10.42
C GLY C 385 -13.23 44.15 -11.57
N LEU C 386 -12.75 43.18 -12.35
CA LEU C 386 -11.87 43.44 -13.49
C LEU C 386 -12.62 43.42 -14.81
N PHE C 387 -13.30 42.32 -15.12
CA PHE C 387 -14.06 42.17 -16.36
C PHE C 387 -15.47 42.72 -16.18
N ASN C 388 -15.53 44.02 -15.90
CA ASN C 388 -16.79 44.73 -15.69
C ASN C 388 -16.66 46.12 -16.32
N SER C 389 -16.99 46.22 -17.60
CA SER C 389 -16.92 47.48 -18.33
C SER C 389 -17.35 47.25 -19.77
N THR C 390 -17.58 48.36 -20.48
CA THR C 390 -17.96 48.36 -21.88
C THR C 390 -17.08 49.40 -22.56
N TRP C 391 -16.57 49.07 -23.75
CA TRP C 391 -15.68 49.95 -24.50
C TRP C 391 -16.24 50.23 -25.89
N TYR C 392 -16.47 51.51 -26.19
CA TYR C 392 -16.99 51.90 -27.48
C TYR C 392 -15.84 52.10 -28.47
N VAL C 393 -16.18 52.36 -29.73
CA VAL C 393 -15.12 52.47 -30.77
C VAL C 393 -14.24 53.70 -30.49
N ASN C 394 -14.78 54.69 -29.79
CA ASN C 394 -14.02 55.94 -29.51
C ASN C 394 -13.66 55.99 -28.03
N SER C 395 -14.09 55.00 -27.26
CA SER C 395 -13.86 55.04 -25.79
C SER C 395 -12.37 55.10 -25.46
N THR C 396 -11.99 55.98 -24.52
CA THR C 396 -10.60 56.07 -24.08
C THR C 396 -10.57 55.91 -22.57
N TRP C 397 -9.53 55.22 -22.08
CA TRP C 397 -9.42 54.98 -20.64
C TRP C 397 -9.23 56.28 -19.86
N ASN C 398 -8.49 57.23 -20.43
CA ASN C 398 -8.24 58.52 -19.76
C ASN C 398 -7.56 58.32 -18.41
N SER C 406 -2.52 58.57 -9.22
CA SER C 406 -3.34 58.02 -8.11
C SER C 406 -3.24 56.50 -8.07
N ASN C 407 -3.58 55.91 -6.92
CA ASN C 407 -3.51 54.45 -6.78
C ASN C 407 -4.83 53.80 -7.18
N ASP C 408 -5.89 54.05 -6.40
CA ASP C 408 -7.23 53.51 -6.65
C ASP C 408 -7.19 52.01 -6.97
N THR C 409 -6.33 51.26 -6.28
CA THR C 409 -6.16 49.83 -6.53
C THR C 409 -7.47 49.07 -6.39
N ILE C 410 -7.69 48.12 -7.30
CA ILE C 410 -8.89 47.30 -7.27
C ILE C 410 -8.63 46.12 -6.33
N THR C 411 -9.57 45.88 -5.42
CA THR C 411 -9.47 44.80 -4.45
C THR C 411 -10.38 43.65 -4.87
N LEU C 412 -9.81 42.45 -4.93
CA LEU C 412 -10.55 41.25 -5.32
C LEU C 412 -10.70 40.33 -4.12
N PRO C 413 -11.90 40.09 -3.58
CA PRO C 413 -12.00 39.18 -2.45
C PRO C 413 -11.61 37.77 -2.89
N CYS C 414 -11.01 37.01 -1.97
CA CYS C 414 -10.55 35.66 -2.29
C CYS C 414 -10.90 34.65 -1.21
N ARG C 415 -11.16 33.43 -1.65
CA ARG C 415 -11.47 32.29 -0.81
C ARG C 415 -10.27 31.33 -0.87
N ILE C 416 -10.13 30.53 0.19
CA ILE C 416 -9.02 29.58 0.27
C ILE C 416 -9.57 28.21 0.62
N LYS C 417 -9.00 27.19 -0.01
CA LYS C 417 -9.40 25.80 0.19
C LYS C 417 -8.18 24.94 0.49
N GLN C 418 -8.41 23.87 1.26
CA GLN C 418 -7.40 22.89 1.62
C GLN C 418 -7.59 21.61 0.81
N ILE C 419 -8.83 21.16 0.67
CA ILE C 419 -9.15 19.98 -0.12
C ILE C 419 -9.31 20.48 -1.55
N ILE C 420 -8.41 20.07 -2.44
CA ILE C 420 -8.41 20.55 -3.82
C ILE C 420 -8.19 19.41 -4.81
N ASN C 421 -8.69 19.61 -6.03
CA ASN C 421 -8.58 18.70 -7.17
C ASN C 421 -7.95 19.58 -8.25
N MET C 422 -6.66 19.38 -8.51
CA MET C 422 -5.94 20.24 -9.44
C MET C 422 -6.38 20.02 -10.90
N TRP C 423 -6.38 18.78 -11.36
CA TRP C 423 -6.65 18.47 -12.76
C TRP C 423 -8.09 18.01 -13.03
N GLN C 424 -9.06 18.51 -12.26
CA GLN C 424 -10.48 18.21 -12.45
C GLN C 424 -10.77 16.71 -12.46
N ARG C 425 -9.92 15.89 -11.84
CA ARG C 425 -10.13 14.45 -11.83
C ARG C 425 -11.01 14.03 -10.67
N ALA C 426 -11.80 12.99 -10.90
CA ALA C 426 -12.66 12.46 -9.84
C ALA C 426 -11.77 11.75 -8.83
N GLY C 427 -11.92 12.12 -7.56
CA GLY C 427 -11.05 11.48 -6.60
C GLY C 427 -9.66 12.07 -6.77
N GLN C 428 -8.67 11.35 -6.23
CA GLN C 428 -7.27 11.78 -6.31
C GLN C 428 -7.08 13.16 -5.70
N CYS C 429 -7.87 13.49 -4.68
CA CYS C 429 -7.77 14.80 -4.05
C CYS C 429 -6.55 14.89 -3.15
N MET C 430 -6.25 16.12 -2.73
CA MET C 430 -5.12 16.44 -1.87
C MET C 430 -5.56 17.41 -0.79
N TYR C 431 -4.87 17.35 0.35
CA TYR C 431 -5.10 18.23 1.48
C TYR C 431 -3.85 19.10 1.64
N ALA C 432 -3.99 20.40 1.38
CA ALA C 432 -2.87 21.31 1.48
C ALA C 432 -2.66 21.71 2.94
N PRO C 433 -1.50 21.44 3.55
CA PRO C 433 -1.31 21.83 4.94
C PRO C 433 -1.24 23.34 5.06
N PRO C 434 -1.62 23.91 6.21
CA PRO C 434 -1.56 25.37 6.35
C PRO C 434 -0.14 25.87 6.55
N ILE C 435 0.14 27.02 5.95
CA ILE C 435 1.47 27.64 6.07
C ILE C 435 1.45 28.58 7.27
N PRO C 436 2.36 28.43 8.24
CA PRO C 436 2.33 29.32 9.40
C PRO C 436 2.69 30.75 9.04
N GLY C 437 2.10 31.69 9.79
CA GLY C 437 2.35 33.09 9.59
C GLY C 437 1.64 33.66 8.36
N VAL C 438 1.82 34.96 8.17
CA VAL C 438 1.23 35.66 7.04
C VAL C 438 2.07 35.42 5.80
N ILE C 439 1.42 35.24 4.67
CA ILE C 439 2.09 34.98 3.39
C ILE C 439 1.65 36.02 2.37
N LYS C 440 2.57 36.38 1.48
CA LYS C 440 2.26 37.36 0.42
C LYS C 440 3.03 36.99 -0.86
N CYS C 441 2.37 36.94 -2.03
CA CYS C 441 3.11 36.69 -3.28
C CYS C 441 2.73 37.72 -4.34
N GLU C 442 3.71 38.31 -5.03
CA GLU C 442 3.42 39.27 -6.12
C GLU C 442 3.60 38.56 -7.46
N SER C 443 2.59 38.59 -8.32
CA SER C 443 2.60 37.89 -9.60
C SER C 443 2.52 38.89 -10.73
N ASN C 444 3.02 38.46 -11.90
CA ASN C 444 3.01 39.27 -13.12
C ASN C 444 1.93 38.74 -14.05
N ILE C 445 0.84 39.49 -14.19
CA ILE C 445 -0.24 39.07 -15.09
C ILE C 445 0.19 39.40 -16.52
N THR C 446 0.39 38.36 -17.33
CA THR C 446 0.83 38.53 -18.71
C THR C 446 -0.12 37.96 -19.74
N GLY C 447 -1.26 37.40 -19.33
CA GLY C 447 -2.18 36.84 -20.31
C GLY C 447 -3.54 36.60 -19.68
N LEU C 448 -4.54 36.50 -20.55
CA LEU C 448 -5.92 36.28 -20.13
C LEU C 448 -6.56 35.23 -21.01
N LEU C 449 -7.50 34.49 -20.41
CA LEU C 449 -8.26 33.45 -21.11
C LEU C 449 -9.69 33.97 -21.24
N LEU C 450 -10.11 34.26 -22.47
CA LEU C 450 -11.42 34.82 -22.76
C LEU C 450 -12.30 33.83 -23.51
N THR C 451 -13.61 34.02 -23.33
CA THR C 451 -14.63 33.21 -23.98
C THR C 451 -15.72 34.16 -24.48
N ARG C 452 -16.08 34.04 -25.75
CA ARG C 452 -17.09 34.89 -26.36
C ARG C 452 -18.46 34.22 -26.28
N ASP C 453 -19.45 34.96 -25.82
CA ASP C 453 -20.80 34.43 -25.69
C ASP C 453 -21.38 34.10 -27.07
N GLY C 454 -22.16 33.02 -27.13
CA GLY C 454 -22.76 32.59 -28.37
C GLY C 454 -24.09 33.29 -28.67
N GLY C 455 -24.03 34.59 -28.94
CA GLY C 455 -25.21 35.35 -29.24
C GLY C 455 -25.59 35.23 -30.72
N LYS C 456 -26.50 36.10 -31.14
CA LYS C 456 -26.94 36.11 -32.52
C LYS C 456 -25.85 36.53 -33.49
N ASP C 457 -24.77 37.15 -33.01
CA ASP C 457 -23.64 37.57 -33.83
C ASP C 457 -23.96 38.75 -34.75
N ASN C 458 -25.17 39.31 -34.65
CA ASN C 458 -25.58 40.44 -35.48
C ASN C 458 -25.80 41.72 -34.67
N ASN C 459 -25.55 41.69 -33.36
CA ASN C 459 -25.75 42.86 -32.54
C ASN C 459 -24.58 43.83 -32.71
N VAL C 460 -24.76 45.05 -32.17
CA VAL C 460 -23.73 46.06 -32.24
C VAL C 460 -22.64 45.87 -31.20
N ASN C 461 -22.75 44.84 -30.36
CA ASN C 461 -21.78 44.58 -29.31
C ASN C 461 -21.64 43.07 -29.11
N GLU C 462 -20.75 42.70 -28.21
CA GLU C 462 -20.49 41.30 -27.87
C GLU C 462 -19.85 41.28 -26.49
N THR C 463 -20.07 40.19 -25.76
CA THR C 463 -19.55 40.02 -24.41
C THR C 463 -18.46 38.95 -24.39
N PHE C 464 -17.39 39.25 -23.64
CA PHE C 464 -16.27 38.34 -23.46
C PHE C 464 -16.19 37.99 -21.98
N ARG C 465 -16.28 36.69 -21.67
CA ARG C 465 -16.25 36.22 -20.29
C ARG C 465 -14.91 35.58 -19.96
N PRO C 466 -14.34 35.76 -18.76
CA PRO C 466 -13.07 35.09 -18.46
C PRO C 466 -13.36 33.60 -18.24
N GLY C 467 -13.01 32.80 -19.23
CA GLY C 467 -13.25 31.36 -19.18
C GLY C 467 -12.03 30.59 -18.71
N GLY C 468 -12.28 29.60 -17.84
CA GLY C 468 -11.20 28.78 -17.35
C GLY C 468 -10.62 27.88 -18.42
N GLY C 469 -11.44 27.50 -19.39
CA GLY C 469 -10.97 26.64 -20.47
C GLY C 469 -10.46 25.32 -19.94
N ASP C 470 -9.37 24.85 -20.54
CA ASP C 470 -8.73 23.60 -20.17
C ASP C 470 -7.36 23.92 -19.57
N MET C 471 -6.88 23.03 -18.71
CA MET C 471 -5.58 23.26 -18.08
C MET C 471 -4.46 23.28 -19.10
N ARG C 472 -4.65 22.60 -20.24
CA ARG C 472 -3.62 22.59 -21.28
C ARG C 472 -3.39 23.97 -21.87
N ASP C 473 -4.36 24.87 -21.76
CA ASP C 473 -4.19 26.22 -22.29
C ASP C 473 -3.04 26.95 -21.62
N ASN C 474 -2.80 26.69 -20.34
CA ASN C 474 -1.70 27.35 -19.63
C ASN C 474 -0.37 26.96 -20.27
N TRP C 475 -0.21 25.68 -20.59
CA TRP C 475 1.04 25.25 -21.22
C TRP C 475 1.07 25.69 -22.68
N ARG C 476 -0.09 25.66 -23.34
CA ARG C 476 -0.18 26.07 -24.74
C ARG C 476 0.18 27.53 -24.94
N SER C 477 0.01 28.37 -23.92
CA SER C 477 0.35 29.78 -24.05
C SER C 477 1.86 30.02 -24.12
N GLU C 478 2.67 29.06 -23.65
CA GLU C 478 4.12 29.17 -23.66
C GLU C 478 4.78 28.30 -24.72
N LEU C 479 4.14 27.21 -25.13
CA LEU C 479 4.69 26.30 -26.14
C LEU C 479 4.21 26.61 -27.56
N TYR C 480 3.48 27.70 -27.75
CA TYR C 480 3.01 28.04 -29.09
C TYR C 480 4.16 28.35 -30.03
N LYS C 481 5.31 28.76 -29.48
CA LYS C 481 6.48 29.12 -30.26
C LYS C 481 7.38 27.92 -30.59
N TYR C 482 7.05 26.72 -30.13
CA TYR C 482 7.87 25.54 -30.37
C TYR C 482 7.11 24.41 -31.03
N LYS C 483 7.88 23.55 -31.71
CA LYS C 483 7.38 22.35 -32.38
C LYS C 483 8.55 21.40 -32.53
N VAL C 484 8.29 20.12 -32.24
CA VAL C 484 9.32 19.08 -32.31
C VAL C 484 9.27 18.43 -33.69
N VAL C 485 10.45 18.24 -34.29
CA VAL C 485 10.57 17.64 -35.61
C VAL C 485 11.68 16.59 -35.57
N GLU C 486 11.58 15.60 -36.46
CA GLU C 486 12.57 14.53 -36.55
C GLU C 486 13.44 14.77 -37.78
N ILE C 487 14.74 14.91 -37.56
CA ILE C 487 15.67 15.16 -38.66
C ILE C 487 16.00 13.84 -39.36
N GLU C 488 16.04 13.89 -40.69
CA GLU C 488 16.34 12.75 -41.53
C GLU C 488 17.74 12.94 -42.12
N PRO C 489 18.81 12.55 -41.43
CA PRO C 489 20.16 12.76 -41.97
C PRO C 489 20.42 12.03 -43.28
N LEU C 490 19.67 10.95 -43.57
CA LEU C 490 19.89 10.21 -44.81
C LEU C 490 19.13 10.88 -45.96
N GLY C 491 19.85 11.21 -47.02
CA GLY C 491 19.27 11.84 -48.19
C GLY C 491 19.76 11.15 -49.44
N VAL C 492 19.02 11.36 -50.53
CA VAL C 492 19.34 10.78 -51.83
C VAL C 492 19.19 11.84 -52.90
N ALA C 493 20.17 11.93 -53.79
CA ALA C 493 20.16 12.90 -54.88
C ALA C 493 21.10 12.42 -55.97
N PRO C 494 20.84 12.75 -57.24
CA PRO C 494 21.74 12.28 -58.31
C PRO C 494 22.85 13.28 -58.62
N THR C 495 23.88 12.77 -59.28
CA THR C 495 25.02 13.59 -59.68
C THR C 495 25.91 12.76 -60.61
N ARG C 496 26.62 13.46 -61.48
CA ARG C 496 27.51 12.81 -62.44
C ARG C 496 28.77 12.29 -61.76
N CYS C 497 28.62 11.24 -60.96
CA CYS C 497 29.74 10.65 -60.24
C CYS C 497 30.45 9.63 -61.14
N LYS C 498 31.34 8.84 -60.53
CA LYS C 498 32.11 7.81 -61.22
C LYS C 498 32.94 8.40 -62.36
N ARG C 499 33.77 9.40 -62.00
CA ARG C 499 34.65 10.07 -62.96
C ARG C 499 36.10 9.93 -62.52
N ARG D 8 30.78 30.27 -40.11
CA ARG D 8 30.35 28.84 -40.05
C ARG D 8 29.10 28.73 -39.18
N ARG D 9 27.99 28.34 -39.79
CA ARG D 9 26.74 28.19 -39.06
C ARG D 9 26.84 27.06 -38.05
N GLY D 10 25.85 27.01 -37.17
CA GLY D 10 25.78 25.98 -36.15
C GLY D 10 25.09 24.74 -36.66
N PHE D 11 24.49 24.00 -35.73
CA PHE D 11 23.79 22.77 -36.09
C PHE D 11 22.50 23.09 -36.85
N LEU D 12 22.34 22.42 -38.00
CA LEU D 12 21.16 22.57 -38.83
C LEU D 12 21.00 24.00 -39.35
N GLY D 13 22.09 24.77 -39.38
CA GLY D 13 22.01 26.15 -39.85
C GLY D 13 21.93 26.29 -41.36
N ALA D 14 22.37 25.27 -42.10
CA ALA D 14 22.35 25.31 -43.56
C ALA D 14 21.07 24.75 -44.16
N ALA D 15 19.96 24.75 -43.40
CA ALA D 15 18.71 24.20 -43.92
C ALA D 15 18.14 25.04 -45.05
N GLY D 16 18.37 26.35 -45.05
CA GLY D 16 17.83 27.21 -46.10
C GLY D 16 18.72 27.38 -47.31
N SER D 17 20.02 27.08 -47.18
CA SER D 17 20.92 27.21 -48.31
C SER D 17 20.60 26.18 -49.38
N THR D 18 21.09 26.44 -50.59
CA THR D 18 20.86 25.53 -51.70
C THR D 18 21.53 24.19 -51.43
N MET D 19 21.21 23.20 -52.28
CA MET D 19 21.78 21.88 -52.12
C MET D 19 23.31 21.90 -52.17
N GLY D 20 23.88 22.51 -53.21
CA GLY D 20 25.33 22.57 -53.36
C GLY D 20 26.03 23.21 -52.18
N ALA D 21 25.41 24.18 -51.53
CA ALA D 21 26.03 24.84 -50.40
C ALA D 21 25.72 24.14 -49.08
N ALA D 22 24.62 23.37 -49.03
CA ALA D 22 24.26 22.68 -47.79
C ALA D 22 25.14 21.45 -47.56
N SER D 23 25.64 20.84 -48.63
CA SER D 23 26.48 19.65 -48.51
C SER D 23 27.86 19.94 -47.93
N ILE D 24 28.19 21.21 -47.71
CA ILE D 24 29.57 21.54 -47.21
C ILE D 24 29.56 21.39 -45.68
N THR D 25 28.39 21.37 -45.07
CA THR D 25 28.30 21.30 -43.61
C THR D 25 27.75 19.97 -43.08
N LEU D 26 27.73 18.91 -43.89
CA LEU D 26 27.21 17.60 -43.45
C LEU D 26 27.73 17.13 -42.10
N THR D 27 29.00 17.36 -41.82
CA THR D 27 29.59 16.91 -40.57
C THR D 27 28.95 17.58 -39.35
N VAL D 28 28.54 18.84 -39.47
CA VAL D 28 27.94 19.51 -38.30
C VAL D 28 26.63 18.85 -37.90
N GLN D 29 25.85 18.32 -38.85
CA GLN D 29 24.59 17.66 -38.51
C GLN D 29 24.85 16.20 -38.14
N ALA D 30 25.84 15.57 -38.76
CA ALA D 30 26.13 14.18 -38.45
C ALA D 30 26.71 14.01 -37.05
N ARG D 31 27.43 15.02 -36.57
CA ARG D 31 28.03 14.92 -35.24
C ARG D 31 26.99 14.98 -34.12
N GLN D 32 25.94 15.78 -34.30
CA GLN D 32 24.92 15.93 -33.27
C GLN D 32 23.85 14.85 -33.30
N LEU D 33 24.09 13.71 -33.97
CA LEU D 33 23.08 12.66 -33.99
C LEU D 33 23.04 11.85 -32.70
N LEU D 34 24.02 12.03 -31.80
CA LEU D 34 24.06 11.33 -30.51
C LEU D 34 24.37 12.28 -29.36
N SER D 35 24.20 13.59 -29.57
CA SER D 35 24.47 14.56 -28.52
C SER D 35 23.67 15.84 -28.76
N GLN D 52 23.72 12.59 -14.31
CA GLN D 52 24.05 11.66 -13.18
C GLN D 52 24.23 10.24 -13.69
N HIS D 53 25.32 9.58 -13.27
CA HIS D 53 25.56 8.20 -13.68
C HIS D 53 24.45 7.28 -13.19
N LEU D 54 23.97 7.49 -11.97
CA LEU D 54 22.90 6.67 -11.43
C LEU D 54 21.57 7.06 -12.07
N LEU D 55 20.58 6.17 -11.95
CA LEU D 55 19.25 6.39 -12.48
C LEU D 55 18.21 5.99 -11.45
N LYS D 56 17.27 6.89 -11.17
CA LYS D 56 16.21 6.62 -10.21
C LYS D 56 14.99 5.97 -10.84
N LEU D 57 14.88 6.00 -12.17
CA LEU D 57 13.76 5.40 -12.89
C LEU D 57 12.43 6.02 -12.49
N GLY D 58 12.43 7.31 -12.18
CA GLY D 58 11.21 8.01 -11.81
C GLY D 58 10.48 8.50 -13.05
N VAL D 59 9.66 9.53 -12.85
CA VAL D 59 8.92 10.09 -13.98
C VAL D 59 9.90 10.68 -14.99
N TRP D 60 10.85 11.48 -14.51
CA TRP D 60 11.84 12.06 -15.41
C TRP D 60 12.87 11.03 -15.84
N GLY D 61 13.24 10.12 -14.93
CA GLY D 61 14.23 9.09 -15.29
C GLY D 61 13.74 8.17 -16.39
N ILE D 62 12.46 7.80 -16.34
CA ILE D 62 11.91 6.91 -17.37
C ILE D 62 11.96 7.59 -18.73
N LYS D 63 11.59 8.87 -18.78
CA LYS D 63 11.61 9.59 -20.05
C LYS D 63 13.03 9.70 -20.60
N GLN D 64 14.01 9.96 -19.73
CA GLN D 64 15.38 10.06 -20.20
C GLN D 64 15.87 8.70 -20.70
N LEU D 65 15.50 7.62 -20.01
CA LEU D 65 15.92 6.29 -20.44
C LEU D 65 15.38 5.99 -21.82
N GLN D 66 14.10 6.29 -22.05
CA GLN D 66 13.51 6.05 -23.37
C GLN D 66 14.17 6.95 -24.41
N ALA D 67 14.44 8.21 -24.05
CA ALA D 67 15.09 9.12 -24.98
C ALA D 67 16.48 8.64 -25.36
N ARG D 68 17.24 8.16 -24.36
CA ARG D 68 18.58 7.66 -24.64
C ARG D 68 18.53 6.41 -25.51
N VAL D 69 17.60 5.50 -25.21
CA VAL D 69 17.49 4.28 -26.01
C VAL D 69 16.99 4.62 -27.41
N LEU D 70 16.01 5.52 -27.50
CA LEU D 70 15.48 5.91 -28.81
C LEU D 70 16.56 6.53 -29.67
N ALA D 71 17.44 7.33 -29.07
CA ALA D 71 18.52 7.96 -29.83
C ALA D 71 19.44 6.91 -30.42
N VAL D 72 19.79 5.89 -29.64
CA VAL D 72 20.69 4.84 -30.13
C VAL D 72 20.03 4.08 -31.28
N GLU D 73 18.73 3.76 -31.13
CA GLU D 73 18.02 3.03 -32.18
C GLU D 73 17.97 3.85 -33.46
N ARG D 74 17.69 5.14 -33.35
CA ARG D 74 17.63 6.00 -34.52
C ARG D 74 18.97 6.05 -35.23
N TYR D 75 20.06 6.19 -34.46
CA TYR D 75 21.38 6.25 -35.05
C TYR D 75 21.73 4.93 -35.74
N LEU D 76 21.44 3.81 -35.09
CA LEU D 76 21.74 2.52 -35.68
C LEU D 76 20.83 2.23 -36.87
N ARG D 77 19.60 2.76 -36.84
CA ARG D 77 18.67 2.52 -37.95
C ARG D 77 19.23 3.08 -39.25
N ASP D 78 19.81 4.29 -39.19
CA ASP D 78 20.39 4.89 -40.39
C ASP D 78 21.78 4.36 -40.67
N GLN D 79 22.52 4.00 -39.61
CA GLN D 79 23.87 3.48 -39.79
C GLN D 79 23.85 2.11 -40.45
N GLN D 80 22.91 1.25 -40.07
CA GLN D 80 22.87 -0.08 -40.67
C GLN D 80 22.59 -0.01 -42.17
N LEU D 81 21.81 0.97 -42.62
CA LEU D 81 21.54 1.11 -44.04
C LEU D 81 22.83 1.40 -44.79
N LEU D 82 23.67 2.26 -44.23
CA LEU D 82 24.94 2.57 -44.88
C LEU D 82 25.86 1.35 -44.87
N GLY D 83 25.75 0.52 -43.84
CA GLY D 83 26.58 -0.68 -43.75
C GLY D 83 26.29 -1.65 -44.87
N ILE D 84 25.01 -1.98 -45.08
CA ILE D 84 24.65 -2.90 -46.15
C ILE D 84 24.94 -2.27 -47.50
N TRP D 85 24.75 -0.95 -47.64
CA TRP D 85 25.02 -0.26 -48.88
C TRP D 85 26.50 -0.14 -49.19
N GLY D 86 27.38 -0.50 -48.24
CA GLY D 86 28.80 -0.40 -48.47
C GLY D 86 29.36 1.00 -48.36
N CYS D 87 28.65 1.90 -47.69
CA CYS D 87 29.08 3.28 -47.52
C CYS D 87 29.32 3.66 -46.07
N SER D 88 29.51 2.68 -45.19
CA SER D 88 29.75 2.98 -43.78
C SER D 88 31.06 3.76 -43.63
N GLY D 89 31.03 4.80 -42.81
CA GLY D 89 32.20 5.61 -42.60
C GLY D 89 32.44 6.66 -43.68
N LYS D 90 31.46 6.90 -44.54
CA LYS D 90 31.55 7.87 -45.61
C LYS D 90 30.36 8.82 -45.56
N LEU D 91 30.64 10.12 -45.65
CA LEU D 91 29.58 11.11 -45.65
C LEU D 91 28.88 11.19 -47.00
N ILE D 92 29.60 10.91 -48.08
CA ILE D 92 29.08 10.93 -49.44
C ILE D 92 29.61 9.70 -50.14
N CYS D 93 28.76 9.04 -50.92
CA CYS D 93 29.16 7.85 -51.65
C CYS D 93 28.26 7.68 -52.86
N CYS D 94 28.84 7.13 -53.93
CA CYS D 94 28.14 6.89 -55.19
C CYS D 94 27.93 5.40 -55.37
N THR D 95 26.72 5.02 -55.76
CA THR D 95 26.36 3.62 -55.96
C THR D 95 26.19 3.34 -57.45
N ASN D 96 25.99 2.06 -57.78
CA ASN D 96 25.82 1.62 -59.15
C ASN D 96 24.40 1.76 -59.69
N VAL D 97 23.46 2.27 -58.90
CA VAL D 97 22.08 2.41 -59.37
C VAL D 97 21.95 3.66 -60.23
N PRO D 98 21.66 3.56 -61.53
CA PRO D 98 21.52 4.78 -62.33
C PRO D 98 20.27 5.55 -61.94
N TRP D 99 20.29 6.86 -62.19
CA TRP D 99 19.15 7.70 -61.85
C TRP D 99 18.07 7.59 -62.91
N ASN D 100 16.91 7.08 -62.50
CA ASN D 100 15.77 6.94 -63.40
C ASN D 100 15.08 8.29 -63.51
N SER D 101 14.93 8.80 -64.74
CA SER D 101 14.29 10.10 -64.93
C SER D 101 12.86 10.13 -64.43
N SER D 102 12.20 8.97 -64.32
CA SER D 102 10.83 8.94 -63.84
C SER D 102 10.71 9.50 -62.43
N TRP D 103 11.71 9.24 -61.58
CA TRP D 103 11.67 9.75 -60.21
C TRP D 103 11.70 11.28 -60.21
N SER D 104 12.51 11.88 -61.06
CA SER D 104 12.62 13.33 -61.16
C SER D 104 13.31 13.71 -62.45
N ASN D 105 12.67 14.56 -63.26
CA ASN D 105 13.22 15.00 -64.54
C ASN D 105 13.93 16.35 -64.46
N LYS D 106 14.16 16.88 -63.27
CA LYS D 106 14.84 18.17 -63.15
C LYS D 106 16.28 18.07 -63.62
N SER D 107 16.81 19.20 -64.09
CA SER D 107 18.17 19.25 -64.58
C SER D 107 19.17 19.20 -63.42
N LEU D 108 20.43 18.92 -63.76
CA LEU D 108 21.48 18.83 -62.76
C LEU D 108 21.91 20.19 -62.25
N ASP D 109 21.58 21.28 -62.96
CA ASP D 109 22.00 22.61 -62.50
C ASP D 109 21.00 23.18 -61.50
N GLU D 110 19.73 23.26 -61.89
CA GLU D 110 18.72 23.81 -60.99
C GLU D 110 18.58 23.01 -59.70
N ILE D 111 18.81 21.69 -59.76
CA ILE D 111 18.66 20.87 -58.56
C ILE D 111 19.77 21.17 -57.54
N TRP D 112 21.01 21.30 -58.00
CA TRP D 112 22.14 21.51 -57.10
C TRP D 112 22.43 22.98 -56.79
N ASN D 113 21.97 23.92 -57.63
CA ASN D 113 22.24 25.34 -57.42
C ASN D 113 21.01 26.19 -57.12
N ASN D 114 19.79 25.65 -57.25
CA ASN D 114 18.58 26.43 -56.99
C ASN D 114 17.70 25.83 -55.91
N MET D 115 17.42 24.53 -55.99
CA MET D 115 16.56 23.89 -55.01
C MET D 115 17.35 23.52 -53.75
N THR D 116 16.63 23.45 -52.63
CA THR D 116 17.19 23.09 -51.33
C THR D 116 16.79 21.65 -51.00
N TRP D 117 17.43 21.11 -49.96
CA TRP D 117 17.14 19.73 -49.58
C TRP D 117 15.70 19.55 -49.11
N LEU D 118 15.15 20.52 -48.39
CA LEU D 118 13.78 20.38 -47.89
C LEU D 118 12.77 20.23 -49.01
N GLN D 119 12.89 21.00 -50.08
CA GLN D 119 11.96 20.89 -51.19
C GLN D 119 12.13 19.59 -51.95
N TRP D 120 13.36 19.07 -52.01
CA TRP D 120 13.62 17.83 -52.72
C TRP D 120 13.14 16.61 -51.94
N ASP D 121 13.13 16.71 -50.60
CA ASP D 121 12.71 15.58 -49.79
C ASP D 121 11.26 15.19 -50.06
N LYS D 122 10.37 16.17 -50.18
CA LYS D 122 8.97 15.89 -50.43
C LYS D 122 8.70 15.36 -51.84
N GLU D 123 9.70 15.39 -52.72
CA GLU D 123 9.51 14.90 -54.08
C GLU D 123 9.90 13.43 -54.21
N ILE D 124 11.02 13.04 -53.60
CA ILE D 124 11.49 11.66 -53.68
C ILE D 124 10.92 10.79 -52.57
N GLY D 125 10.09 11.35 -51.68
CA GLY D 125 9.50 10.57 -50.60
C GLY D 125 8.73 9.38 -51.15
N ASN D 126 8.09 9.56 -52.31
CA ASN D 126 7.33 8.48 -52.92
C ASN D 126 8.24 7.36 -53.41
N TYR D 127 9.42 7.71 -53.92
CA TYR D 127 10.37 6.74 -54.46
C TYR D 127 11.57 6.50 -53.54
N THR D 128 11.53 6.99 -52.30
CA THR D 128 12.67 6.79 -51.40
C THR D 128 12.87 5.32 -51.07
N GLN D 129 11.80 4.62 -50.68
CA GLN D 129 11.92 3.22 -50.33
C GLN D 129 12.36 2.37 -51.53
N LEU D 130 11.83 2.65 -52.71
CA LEU D 130 12.21 1.87 -53.89
C LEU D 130 13.70 2.03 -54.18
N ILE D 131 14.23 3.25 -54.04
CA ILE D 131 15.64 3.48 -54.30
C ILE D 131 16.49 2.78 -53.26
N TYR D 132 16.04 2.77 -51.99
CA TYR D 132 16.82 2.11 -50.94
C TYR D 132 16.99 0.63 -51.24
N ARG D 133 15.91 -0.05 -51.67
CA ARG D 133 15.98 -1.47 -51.98
C ARG D 133 16.85 -1.73 -53.21
N LEU D 134 16.78 -0.84 -54.20
CA LEU D 134 17.55 -1.02 -55.42
C LEU D 134 19.06 -0.96 -55.15
N ILE D 135 19.46 -0.24 -54.10
CA ILE D 135 20.88 -0.14 -53.78
C ILE D 135 21.38 -1.41 -53.09
N GLU D 136 20.49 -2.23 -52.51
CA GLU D 136 20.93 -3.44 -51.80
C GLU D 136 21.50 -4.52 -52.73
N GLU D 137 20.71 -5.02 -53.68
CA GLU D 137 21.30 -6.08 -54.51
C GLU D 137 22.40 -5.54 -55.38
N SER D 138 22.34 -4.25 -55.72
CA SER D 138 23.38 -3.63 -56.53
C SER D 138 24.74 -3.70 -55.86
N GLN D 139 24.78 -3.81 -54.53
CA GLN D 139 26.00 -3.92 -53.76
C GLN D 139 26.32 -5.39 -53.49
N ASN D 140 25.32 -6.17 -53.11
CA ASN D 140 25.54 -7.60 -52.86
C ASN D 140 25.99 -8.32 -54.11
N GLN D 141 25.38 -8.03 -55.25
CA GLN D 141 25.78 -8.69 -56.50
C GLN D 141 27.22 -8.33 -56.83
N GLN D 142 27.60 -7.06 -56.62
CA GLN D 142 28.98 -6.65 -56.89
C GLN D 142 29.94 -7.37 -55.95
N GLU D 143 29.55 -7.54 -54.68
CA GLU D 143 30.41 -8.24 -53.73
C GLU D 143 30.64 -9.69 -54.16
N LYS D 144 29.56 -10.37 -54.57
CA LYS D 144 29.70 -11.76 -55.00
C LYS D 144 30.47 -11.86 -56.31
N ASN D 145 30.39 -10.83 -57.16
CA ASN D 145 31.11 -10.87 -58.43
C ASN D 145 32.61 -10.65 -58.23
N GLU D 146 32.98 -9.69 -57.38
CA GLU D 146 34.39 -9.43 -57.14
C GLU D 146 34.99 -10.45 -56.17
N LYS D 147 34.36 -10.65 -55.02
CA LYS D 147 34.82 -11.60 -54.02
C LYS D 147 34.20 -12.96 -54.32
N GLU D 148 34.53 -13.96 -53.50
CA GLU D 148 34.03 -15.32 -53.69
C GLU D 148 34.40 -15.83 -55.08
N LEU D 149 35.71 -15.93 -55.31
CA LEU D 149 36.22 -16.38 -56.60
C LEU D 149 35.71 -17.76 -56.97
N LEU D 150 35.45 -18.61 -56.01
CA LEU D 150 34.94 -19.96 -56.30
C LEU D 150 34.31 -20.57 -55.05
N GLU E 1 -48.49 -13.79 6.07
CA GLU E 1 -48.33 -12.34 6.37
C GLU E 1 -47.79 -12.26 7.81
N VAL E 2 -47.55 -11.06 8.32
CA VAL E 2 -46.94 -10.93 9.65
C VAL E 2 -47.92 -11.36 10.74
N HIS E 3 -47.64 -12.50 11.37
CA HIS E 3 -48.47 -13.03 12.44
C HIS E 3 -47.68 -12.91 13.73
N LEU E 4 -48.33 -12.37 14.76
CA LEU E 4 -47.69 -12.17 16.07
C LEU E 4 -48.67 -12.50 17.17
N VAL E 5 -48.21 -13.25 18.17
CA VAL E 5 -49.04 -13.66 19.30
C VAL E 5 -48.21 -13.54 20.58
N GLU E 6 -48.91 -13.39 21.71
CA GLU E 6 -48.28 -13.28 23.02
C GLU E 6 -49.03 -14.11 24.05
N SER E 7 -48.32 -14.53 25.08
CA SER E 7 -48.90 -15.35 26.14
C SER E 7 -48.01 -15.25 27.37
N GLY E 8 -48.48 -15.85 28.46
CA GLY E 8 -47.77 -15.87 29.72
C GLY E 8 -48.28 -14.88 30.75
N GLY E 9 -49.04 -13.87 30.34
CA GLY E 9 -49.55 -12.91 31.29
C GLY E 9 -50.73 -13.45 32.07
N GLY E 10 -50.98 -12.84 33.23
CA GLY E 10 -52.09 -13.27 34.06
C GLY E 10 -52.01 -12.68 35.45
N LEU E 11 -52.75 -13.29 36.37
CA LEU E 11 -52.78 -12.83 37.75
C LEU E 11 -51.48 -13.19 38.47
N ALA E 12 -50.96 -12.22 39.23
CA ALA E 12 -49.75 -12.39 39.99
C ALA E 12 -49.88 -11.62 41.29
N THR E 13 -49.24 -12.14 42.34
CA THR E 13 -49.30 -11.49 43.63
C THR E 13 -48.61 -10.12 43.55
N PRO E 14 -49.11 -9.09 44.24
CA PRO E 14 -48.43 -7.79 44.17
C PRO E 14 -47.00 -7.87 44.70
N GLY E 15 -46.10 -7.17 44.02
CA GLY E 15 -44.70 -7.17 44.41
C GLY E 15 -43.95 -8.43 44.10
N GLY E 16 -44.58 -9.39 43.42
CA GLY E 16 -43.92 -10.64 43.09
C GLY E 16 -43.16 -10.58 41.78
N SER E 17 -43.28 -11.62 40.96
CA SER E 17 -42.61 -11.69 39.68
C SER E 17 -43.51 -12.35 38.65
N LEU E 18 -43.32 -11.98 37.40
CA LEU E 18 -44.10 -12.53 36.30
C LEU E 18 -43.24 -12.48 35.04
N ARG E 19 -43.57 -13.34 34.08
CA ARG E 19 -42.84 -13.43 32.82
C ARG E 19 -43.82 -13.41 31.65
N LEU E 20 -43.54 -12.54 30.68
CA LEU E 20 -44.35 -12.41 29.48
C LEU E 20 -43.56 -12.97 28.31
N SER E 21 -44.27 -13.58 27.36
CA SER E 21 -43.66 -14.17 26.19
C SER E 21 -44.41 -13.78 24.93
N CYS E 22 -43.71 -13.80 23.81
CA CYS E 22 -44.29 -13.45 22.52
C CYS E 22 -43.56 -14.19 21.41
N ALA E 23 -44.34 -14.91 20.60
CA ALA E 23 -43.83 -15.68 19.48
C ALA E 23 -44.19 -14.96 18.19
N ALA E 24 -43.35 -15.14 17.17
CA ALA E 24 -43.54 -14.49 15.88
C ALA E 24 -43.39 -15.48 14.73
N SER E 25 -43.93 -15.11 13.58
CA SER E 25 -43.86 -15.94 12.39
C SER E 25 -44.23 -15.09 11.19
N GLY E 26 -43.88 -15.60 10.00
CA GLY E 26 -44.18 -14.91 8.77
C GLY E 26 -43.18 -13.86 8.34
N PHE E 27 -42.04 -13.75 9.02
CA PHE E 27 -41.04 -12.76 8.65
C PHE E 27 -39.71 -13.12 9.32
N THR E 28 -38.66 -12.40 8.91
CA THR E 28 -37.35 -12.62 9.48
C THR E 28 -37.28 -11.95 10.85
N PHE E 29 -37.52 -12.73 11.91
CA PHE E 29 -37.50 -12.18 13.26
C PHE E 29 -36.15 -11.61 13.65
N SER E 30 -35.07 -12.08 13.02
CA SER E 30 -33.73 -11.60 13.34
C SER E 30 -33.38 -10.28 12.66
N ASN E 31 -34.35 -9.54 12.11
CA ASN E 31 -34.08 -8.27 11.44
C ASN E 31 -35.10 -7.19 11.78
N TYR E 32 -35.76 -7.27 12.94
CA TYR E 32 -36.76 -6.28 13.33
C TYR E 32 -36.72 -6.02 14.83
N TRP E 33 -36.77 -4.75 15.20
CA TRP E 33 -36.79 -4.37 16.61
C TRP E 33 -38.15 -4.71 17.19
N MET E 34 -38.17 -5.04 18.49
CA MET E 34 -39.40 -5.38 19.19
C MET E 34 -39.57 -4.46 20.38
N ASN E 35 -40.80 -3.97 20.53
CA ASN E 35 -41.16 -3.05 21.61
C ASN E 35 -42.38 -3.56 22.35
N TRP E 36 -42.40 -3.32 23.66
CA TRP E 36 -43.50 -3.71 24.53
C TRP E 36 -44.22 -2.46 25.02
N VAL E 37 -45.55 -2.47 24.91
CA VAL E 37 -46.38 -1.35 25.34
C VAL E 37 -47.60 -1.89 26.07
N ARG E 38 -48.20 -1.04 26.89
CA ARG E 38 -49.37 -1.39 27.68
C ARG E 38 -50.50 -0.39 27.45
N GLN E 39 -51.72 -0.82 27.76
CA GLN E 39 -52.92 0.00 27.62
C GLN E 39 -53.70 -0.07 28.91
N THR E 40 -53.53 0.94 29.77
CA THR E 40 -54.24 0.98 31.03
C THR E 40 -55.71 1.32 30.78
N PRO E 41 -56.62 0.91 31.67
CA PRO E 41 -58.03 1.22 31.47
C PRO E 41 -58.28 2.71 31.61
N GLY E 42 -58.93 3.29 30.60
CA GLY E 42 -59.24 4.70 30.60
C GLY E 42 -58.10 5.54 30.09
N LYS E 43 -56.94 5.45 30.76
CA LYS E 43 -55.78 6.23 30.35
C LYS E 43 -55.26 5.72 29.01
N GLY E 44 -54.56 6.59 28.28
CA GLY E 44 -54.03 6.23 26.98
C GLY E 44 -52.88 5.26 27.03
N LEU E 45 -52.44 4.88 25.83
CA LEU E 45 -51.33 3.95 25.67
C LEU E 45 -50.02 4.58 26.12
N GLU E 46 -49.02 3.74 26.37
CA GLU E 46 -47.71 4.20 26.78
C GLU E 46 -46.68 3.09 26.56
N TRP E 47 -45.54 3.47 25.99
CA TRP E 47 -44.47 2.53 25.73
C TRP E 47 -43.69 2.25 27.01
N ILE E 48 -43.23 1.00 27.16
CA ILE E 48 -42.51 0.61 28.38
C ILE E 48 -41.13 0.02 28.12
N ALA E 49 -40.90 -0.58 26.95
CA ALA E 49 -39.59 -1.16 26.70
C ALA E 49 -39.38 -1.42 25.21
N SER E 50 -38.11 -1.61 24.86
CA SER E 50 -37.70 -1.88 23.49
C SER E 50 -36.39 -2.65 23.52
N ILE E 51 -36.17 -3.48 22.50
CA ILE E 51 -34.96 -4.29 22.38
C ILE E 51 -34.56 -4.32 20.91
N ASN E 52 -33.26 -4.36 20.65
CA ASN E 52 -32.77 -4.40 19.29
C ASN E 52 -33.02 -5.77 18.65
N SER E 53 -32.66 -5.86 17.37
CA SER E 53 -32.85 -7.10 16.64
C SER E 53 -31.98 -8.22 17.20
N ALA E 54 -30.70 -7.94 17.41
CA ALA E 54 -29.77 -8.93 17.94
C ALA E 54 -29.98 -9.23 19.42
N GLY E 55 -30.79 -8.44 20.13
CA GLY E 55 -31.05 -8.68 21.53
C GLY E 55 -30.01 -8.15 22.49
N GLY E 56 -29.12 -7.27 22.03
CA GLY E 56 -28.08 -6.72 22.89
C GLY E 56 -28.45 -5.41 23.56
N ALA E 57 -28.85 -4.42 22.79
CA ALA E 57 -29.21 -3.12 23.33
C ALA E 57 -30.64 -3.16 23.87
N ARG E 58 -30.86 -2.46 24.98
CA ARG E 58 -32.17 -2.40 25.61
C ARG E 58 -32.44 -0.98 26.11
N ASP E 59 -33.72 -0.65 26.23
CA ASP E 59 -34.16 0.65 26.71
C ASP E 59 -35.53 0.47 27.34
N TYR E 60 -35.79 1.21 28.42
CA TYR E 60 -37.06 1.12 29.12
C TYR E 60 -37.49 2.50 29.57
N ALA E 61 -38.78 2.62 29.88
CA ALA E 61 -39.31 3.88 30.39
C ALA E 61 -38.89 4.06 31.84
N ASP E 62 -38.81 5.32 32.27
CA ASP E 62 -38.41 5.57 33.66
C ASP E 62 -39.34 4.92 34.67
N SER E 63 -40.60 4.67 34.30
CA SER E 63 -41.54 4.05 35.22
C SER E 63 -41.30 2.57 35.43
N VAL E 64 -40.57 1.91 34.52
CA VAL E 64 -40.29 0.48 34.63
C VAL E 64 -38.79 0.20 34.51
N MET E 65 -37.97 1.26 34.57
CA MET E 65 -36.53 1.07 34.46
C MET E 65 -35.98 0.30 35.65
N GLY E 66 -35.26 -0.79 35.35
CA GLY E 66 -34.67 -1.61 36.38
C GLY E 66 -35.60 -2.68 36.92
N ARG E 67 -36.91 -2.43 36.92
CA ARG E 67 -37.86 -3.40 37.42
C ARG E 67 -38.13 -4.51 36.42
N PHE E 68 -38.19 -4.19 35.13
CA PHE E 68 -38.47 -5.16 34.09
C PHE E 68 -37.16 -5.54 33.39
N THR E 69 -37.25 -6.54 32.51
CA THR E 69 -36.08 -7.01 31.77
C THR E 69 -36.56 -7.64 30.47
N ILE E 70 -36.29 -6.96 29.35
CA ILE E 70 -36.69 -7.45 28.04
C ILE E 70 -35.58 -8.33 27.47
N SER E 71 -35.96 -9.41 26.80
CA SER E 71 -35.01 -10.33 26.21
C SER E 71 -35.66 -11.02 25.01
N ARG E 72 -34.82 -11.61 24.16
CA ARG E 72 -35.32 -12.29 22.97
C ARG E 72 -34.33 -13.39 22.58
N ASP E 73 -34.82 -14.30 21.74
CA ASP E 73 -34.05 -15.43 21.23
C ASP E 73 -34.42 -15.59 19.76
N ASN E 74 -33.52 -15.16 18.87
CA ASN E 74 -33.78 -15.25 17.44
C ASN E 74 -33.81 -16.68 16.93
N SER E 75 -33.12 -17.60 17.60
CA SER E 75 -33.11 -18.99 17.14
C SER E 75 -34.47 -19.65 17.25
N LYS E 76 -35.37 -19.13 18.08
CA LYS E 76 -36.71 -19.69 18.26
C LYS E 76 -37.82 -18.75 17.84
N ASN E 77 -37.49 -17.54 17.36
CA ASN E 77 -38.49 -16.56 16.94
C ASN E 77 -39.43 -16.23 18.10
N THR E 78 -38.83 -15.94 19.26
CA THR E 78 -39.58 -15.63 20.47
C THR E 78 -39.02 -14.38 21.12
N LEU E 79 -39.89 -13.72 21.89
CA LEU E 79 -39.57 -12.51 22.64
C LEU E 79 -40.10 -12.69 24.05
N SER E 80 -39.43 -12.07 25.03
CA SER E 80 -39.85 -12.19 26.41
C SER E 80 -39.66 -10.88 27.15
N LEU E 81 -40.28 -10.80 28.32
CA LEU E 81 -40.20 -9.60 29.16
C LEU E 81 -40.40 -10.05 30.61
N LYS E 82 -39.31 -10.16 31.35
CA LYS E 82 -39.40 -10.58 32.75
C LYS E 82 -39.83 -9.40 33.60
N MET E 83 -40.80 -9.62 34.48
CA MET E 83 -41.32 -8.60 35.38
C MET E 83 -40.95 -8.96 36.81
N ASN E 84 -40.32 -8.02 37.50
CA ASN E 84 -39.90 -8.20 38.88
C ASN E 84 -40.37 -6.99 39.69
N SER E 85 -40.85 -7.27 40.90
CA SER E 85 -41.33 -6.23 41.80
C SER E 85 -42.49 -5.45 41.17
N LEU E 86 -43.33 -6.15 40.41
CA LEU E 86 -44.48 -5.52 39.78
C LEU E 86 -45.44 -5.01 40.86
N ARG E 87 -46.17 -3.96 40.52
CA ARG E 87 -47.11 -3.33 41.44
C ARG E 87 -48.49 -3.20 40.82
N THR E 88 -49.42 -2.68 41.63
CA THR E 88 -50.80 -2.52 41.18
C THR E 88 -50.94 -1.55 40.02
N GLU E 89 -50.03 -0.58 39.91
CA GLU E 89 -50.14 0.39 38.81
C GLU E 89 -49.67 -0.21 37.48
N ASP E 90 -49.13 -1.41 37.48
CA ASP E 90 -48.68 -2.06 36.24
C ASP E 90 -49.77 -2.86 35.56
N THR E 91 -50.98 -2.93 36.14
CA THR E 91 -52.06 -3.70 35.52
C THR E 91 -52.52 -3.01 34.24
N ALA E 92 -52.48 -3.75 33.13
CA ALA E 92 -52.89 -3.25 31.83
C ALA E 92 -52.73 -4.36 30.81
N VAL E 93 -53.20 -4.09 29.59
CA VAL E 93 -53.11 -5.05 28.51
C VAL E 93 -51.79 -4.83 27.78
N TYR E 94 -50.86 -5.75 27.94
CA TYR E 94 -49.54 -5.66 27.33
C TYR E 94 -49.61 -6.17 25.89
N TYR E 95 -49.14 -5.35 24.96
CA TYR E 95 -49.15 -5.68 23.53
C TYR E 95 -47.74 -5.92 23.03
N CYS E 96 -47.57 -6.98 22.25
CA CYS E 96 -46.28 -7.30 21.65
C CYS E 96 -46.23 -6.61 20.29
N ALA E 97 -45.41 -5.56 20.19
CA ALA E 97 -45.30 -4.76 18.97
C ALA E 97 -43.97 -4.99 18.27
N LYS E 98 -43.98 -4.73 16.97
CA LYS E 98 -42.81 -4.86 16.10
C LYS E 98 -42.67 -3.57 15.29
N VAL E 99 -41.43 -3.16 15.03
CA VAL E 99 -41.23 -1.96 14.25
C VAL E 99 -41.63 -2.20 12.79
N ASP E 100 -41.67 -1.11 12.03
CA ASP E 100 -42.09 -1.16 10.64
C ASP E 100 -40.97 -1.45 9.64
N GLU E 101 -39.77 -0.93 9.87
CA GLU E 101 -38.65 -1.12 8.95
C GLU E 101 -37.56 -1.95 9.60
N ASP E 102 -36.96 -2.81 8.78
CA ASP E 102 -35.87 -3.65 9.27
C ASP E 102 -34.66 -2.80 9.62
N ASP E 103 -33.78 -3.37 10.42
CA ASP E 103 -32.56 -2.72 10.90
C ASP E 103 -31.46 -2.53 9.83
N TYR E 104 -31.65 -2.82 8.55
CA TYR E 104 -30.57 -2.61 7.59
C TYR E 104 -30.34 -1.12 7.36
N GLY E 105 -29.10 -0.77 7.07
CA GLY E 105 -28.70 0.60 6.81
C GLY E 105 -27.59 1.04 7.75
N TYR E 106 -27.26 2.33 7.64
CA TYR E 106 -26.22 2.92 8.46
C TYR E 106 -26.61 2.92 9.93
N PHE E 107 -25.60 2.83 10.79
CA PHE E 107 -25.83 2.84 12.23
C PHE E 107 -24.55 3.27 12.93
N SER E 108 -24.71 3.65 14.21
CA SER E 108 -23.59 4.12 15.03
C SER E 108 -23.03 3.05 15.95
N ILE E 109 -23.89 2.47 16.82
CA ILE E 109 -23.44 1.46 17.77
C ILE E 109 -24.15 0.14 17.53
N VAL E 110 -25.48 0.14 17.63
CA VAL E 110 -26.29 -1.07 17.43
C VAL E 110 -26.82 -1.03 16.00
N PRO E 111 -27.09 -2.16 15.34
CA PRO E 111 -27.57 -2.11 13.95
C PRO E 111 -28.80 -1.24 13.71
N GLY E 112 -29.70 -1.11 14.68
CA GLY E 112 -30.92 -0.34 14.51
C GLY E 112 -30.97 1.09 14.98
N ASP E 113 -29.89 1.66 15.52
CA ASP E 113 -29.98 3.05 15.95
C ASP E 113 -29.94 3.95 14.72
N LEU E 114 -29.98 5.26 14.91
CA LEU E 114 -29.94 6.24 13.82
C LEU E 114 -31.14 6.11 12.88
N LYS E 115 -32.22 5.47 13.33
CA LYS E 115 -33.42 5.30 12.52
C LYS E 115 -34.63 5.39 13.43
N LYS E 116 -35.70 5.99 12.90
CA LYS E 116 -36.94 6.18 13.63
C LYS E 116 -37.92 5.08 13.26
N TYR E 117 -38.73 4.65 14.22
CA TYR E 117 -39.69 3.58 14.02
C TYR E 117 -41.04 3.88 14.66
N TYR E 118 -42.06 3.16 14.19
CA TYR E 118 -43.40 3.24 14.72
C TYR E 118 -43.94 1.82 14.75
N PHE E 119 -44.94 1.57 15.58
CA PHE E 119 -45.52 0.24 15.73
C PHE E 119 -46.49 -0.03 14.58
N LYS E 120 -45.98 -0.77 13.58
CA LYS E 120 -46.79 -1.09 12.41
C LYS E 120 -47.68 -2.30 12.65
N TYR E 121 -47.17 -3.33 13.33
CA TYR E 121 -47.91 -4.54 13.62
C TYR E 121 -47.98 -4.75 15.12
N TRP E 122 -49.18 -5.11 15.60
CA TRP E 122 -49.44 -5.35 17.01
C TRP E 122 -50.08 -6.72 17.19
N GLY E 123 -49.74 -7.37 18.30
CA GLY E 123 -50.33 -8.66 18.61
C GLY E 123 -51.52 -8.49 19.53
N GLN E 124 -52.36 -9.52 19.58
CA GLN E 124 -53.53 -9.48 20.45
C GLN E 124 -53.02 -9.55 21.88
N GLY E 125 -52.92 -8.38 22.51
CA GLY E 125 -52.41 -8.25 23.85
C GLY E 125 -53.01 -9.17 24.90
N VAL E 126 -52.25 -9.40 25.96
CA VAL E 126 -52.64 -10.26 27.07
C VAL E 126 -52.78 -9.39 28.31
N GLN E 127 -53.89 -9.52 29.02
CA GLN E 127 -54.13 -8.73 30.21
C GLN E 127 -53.30 -9.23 31.38
N VAL E 128 -52.85 -8.27 32.19
CA VAL E 128 -52.04 -8.55 33.38
C VAL E 128 -52.57 -7.70 34.52
N THR E 129 -52.67 -8.29 35.70
CA THR E 129 -53.18 -7.57 36.86
C THR E 129 -52.71 -8.30 38.12
N VAL E 130 -52.75 -7.57 39.24
CA VAL E 130 -52.34 -8.09 40.54
C VAL E 130 -53.36 -7.69 41.58
N SER E 131 -53.65 -8.60 42.51
CA SER E 131 -54.61 -8.36 43.58
C SER E 131 -54.48 -9.47 44.60
N SER E 132 -55.21 -9.33 45.69
CA SER E 132 -55.18 -10.32 46.76
C SER E 132 -56.11 -11.49 46.45
N ASP F 1 -40.07 16.40 30.37
CA ASP F 1 -39.90 15.58 29.14
C ASP F 1 -40.99 15.89 28.12
N ILE F 2 -40.82 15.38 26.90
CA ILE F 2 -41.79 15.62 25.84
C ILE F 2 -43.05 14.80 26.09
N GLN F 3 -44.20 15.41 25.84
CA GLN F 3 -45.50 14.77 25.99
C GLN F 3 -46.40 15.37 24.92
N MET F 4 -47.56 14.73 24.72
CA MET F 4 -48.51 15.17 23.70
C MET F 4 -49.88 15.47 24.27
N THR F 5 -50.61 16.33 23.55
CA THR F 5 -51.95 16.75 23.88
C THR F 5 -52.80 16.55 22.63
N GLN F 6 -53.98 15.97 22.80
CA GLN F 6 -54.87 15.69 21.68
C GLN F 6 -56.25 16.26 21.97
N SER F 7 -56.86 16.86 20.94
CA SER F 7 -58.18 17.45 21.05
C SER F 7 -58.88 17.28 19.71
N PRO F 8 -60.23 17.22 19.70
CA PRO F 8 -61.17 17.25 20.83
C PRO F 8 -61.15 15.94 21.58
N SER F 9 -61.41 15.93 22.89
CA SER F 9 -61.38 14.68 23.65
C SER F 9 -62.35 13.65 23.08
N SER F 10 -63.52 14.10 22.65
CA SER F 10 -64.52 13.21 22.08
C SER F 10 -65.49 14.02 21.25
N LEU F 11 -66.05 13.38 20.23
CA LEU F 11 -67.00 14.04 19.34
C LEU F 11 -67.92 12.98 18.74
N SER F 12 -69.05 13.46 18.23
CA SER F 12 -70.06 12.62 17.59
C SER F 12 -70.20 13.02 16.13
N ALA F 13 -70.49 12.03 15.29
CA ALA F 13 -70.64 12.27 13.87
C ALA F 13 -71.67 11.28 13.32
N SER F 14 -71.71 11.13 12.01
CA SER F 14 -72.64 10.21 11.35
C SER F 14 -72.04 9.79 10.03
N VAL F 15 -72.72 8.86 9.35
CA VAL F 15 -72.23 8.37 8.07
C VAL F 15 -72.20 9.53 7.08
N GLY F 16 -71.03 9.76 6.49
CA GLY F 16 -70.85 10.84 5.55
C GLY F 16 -70.53 12.19 6.17
N ASP F 17 -70.54 12.29 7.50
CA ASP F 17 -70.24 13.54 8.17
C ASP F 17 -68.74 13.82 8.11
N ARG F 18 -68.40 15.11 8.10
CA ARG F 18 -67.01 15.57 8.02
C ARG F 18 -66.58 16.13 9.37
N VAL F 19 -65.53 15.54 9.94
CA VAL F 19 -64.96 15.98 11.22
C VAL F 19 -63.45 15.83 11.11
N THR F 20 -62.73 16.35 12.11
CA THR F 20 -61.28 16.29 12.11
C THR F 20 -60.77 16.22 13.54
N ILE F 21 -59.54 15.69 13.66
CA ILE F 21 -58.86 15.53 14.94
C ILE F 21 -57.50 16.19 14.83
N THR F 22 -57.10 16.93 15.88
CA THR F 22 -55.82 17.62 15.92
C THR F 22 -55.04 17.19 17.14
N CYS F 23 -53.72 17.10 16.98
CA CYS F 23 -52.80 16.72 18.04
C CYS F 23 -51.65 17.71 18.07
N GLN F 24 -51.14 18.00 19.27
CA GLN F 24 -50.05 18.94 19.45
C GLN F 24 -48.98 18.34 20.35
N ALA F 25 -47.74 18.73 20.11
CA ALA F 25 -46.59 18.27 20.87
C ALA F 25 -45.97 19.41 21.66
N SER F 26 -45.49 19.10 22.86
CA SER F 26 -44.87 20.11 23.71
C SER F 26 -43.53 20.60 23.18
N GLN F 27 -42.90 19.85 22.27
CA GLN F 27 -41.62 20.23 21.70
C GLN F 27 -41.63 19.89 20.21
N GLY F 28 -40.71 20.50 19.48
CA GLY F 28 -40.63 20.26 18.04
C GLY F 28 -40.21 18.82 17.76
N ILE F 29 -40.92 18.18 16.84
CA ILE F 29 -40.66 16.81 16.44
C ILE F 29 -40.60 16.70 14.92
N SER F 30 -40.45 17.84 14.24
CA SER F 30 -40.38 17.88 12.78
C SER F 30 -41.62 17.25 12.16
N SER F 31 -41.53 15.97 11.76
CA SER F 31 -42.66 15.28 11.14
C SER F 31 -42.78 13.83 11.59
N TRP F 32 -42.07 13.41 12.63
CA TRP F 32 -42.13 12.04 13.12
C TRP F 32 -43.34 11.86 14.03
N LEU F 33 -44.51 11.75 13.41
CA LEU F 33 -45.77 11.57 14.12
C LEU F 33 -46.62 10.56 13.35
N ALA F 34 -47.13 9.56 14.06
CA ALA F 34 -47.97 8.52 13.48
C ALA F 34 -49.36 8.55 14.11
N TRP F 35 -50.33 8.08 13.34
CA TRP F 35 -51.73 8.02 13.76
C TRP F 35 -52.18 6.58 13.80
N TYR F 36 -53.00 6.24 14.79
CA TYR F 36 -53.50 4.89 14.97
C TYR F 36 -55.00 4.93 15.28
N GLN F 37 -55.66 3.80 15.04
CA GLN F 37 -57.08 3.62 15.30
C GLN F 37 -57.23 2.26 15.96
N GLN F 38 -58.06 2.20 17.02
CA GLN F 38 -58.27 0.98 17.76
C GLN F 38 -59.76 0.74 17.98
N LYS F 39 -60.23 -0.43 17.54
CA LYS F 39 -61.63 -0.79 17.74
C LYS F 39 -61.79 -1.34 19.16
N PRO F 40 -62.99 -1.29 19.72
CA PRO F 40 -63.16 -1.80 21.10
C PRO F 40 -62.88 -3.29 21.17
N GLY F 41 -61.91 -3.66 22.00
CA GLY F 41 -61.52 -5.04 22.20
C GLY F 41 -60.44 -5.56 21.26
N LYS F 42 -59.99 -4.76 20.30
CA LYS F 42 -58.96 -5.16 19.34
C LYS F 42 -57.70 -4.34 19.55
N ALA F 43 -56.61 -4.80 18.94
CA ALA F 43 -55.34 -4.11 19.06
C ALA F 43 -55.32 -2.89 18.14
N PRO F 44 -54.56 -1.85 18.49
CA PRO F 44 -54.52 -0.66 17.62
C PRO F 44 -53.92 -0.99 16.26
N LYS F 45 -54.36 -0.22 15.25
CA LYS F 45 -53.91 -0.36 13.87
C LYS F 45 -53.38 0.97 13.38
N SER F 46 -52.30 0.93 12.62
CA SER F 46 -51.71 2.15 12.08
C SER F 46 -52.43 2.60 10.81
N LEU F 47 -52.53 3.91 10.67
CA LEU F 47 -53.19 4.54 9.51
C LEU F 47 -52.27 5.48 8.76
N ILE F 48 -51.46 6.27 9.47
CA ILE F 48 -50.54 7.23 8.88
C ILE F 48 -49.23 7.14 9.66
N TYR F 49 -48.12 6.89 8.95
CA TYR F 49 -46.84 6.79 9.62
C TYR F 49 -46.12 8.13 9.69
N LYS F 50 -45.78 8.72 8.56
CA LYS F 50 -45.13 10.02 8.59
C LYS F 50 -46.22 11.06 8.82
N ALA F 51 -45.82 12.32 8.99
CA ALA F 51 -46.81 13.38 9.23
C ALA F 51 -47.89 13.45 8.15
N SER F 52 -47.57 13.11 6.90
CA SER F 52 -48.53 13.17 5.81
C SER F 52 -48.48 11.98 4.85
N SER F 53 -48.03 10.80 5.28
CA SER F 53 -47.96 9.62 4.43
C SER F 53 -48.95 8.58 4.90
N LEU F 54 -49.86 8.18 4.02
CA LEU F 54 -50.89 7.20 4.36
C LEU F 54 -50.33 5.77 4.37
N GLU F 55 -50.92 4.94 5.22
CA GLU F 55 -50.53 3.54 5.33
C GLU F 55 -51.14 2.73 4.20
N SER F 56 -50.37 1.78 3.67
CA SER F 56 -50.87 0.95 2.59
C SER F 56 -52.03 0.08 3.08
N GLY F 57 -53.04 -0.08 2.22
CA GLY F 57 -54.20 -0.87 2.54
C GLY F 57 -55.35 -0.08 3.13
N VAL F 58 -55.06 1.07 3.75
CA VAL F 58 -56.07 1.93 4.33
C VAL F 58 -56.74 2.67 3.17
N PRO F 59 -58.03 2.99 3.21
CA PRO F 59 -58.63 3.70 2.08
C PRO F 59 -57.94 5.04 1.82
N SER F 60 -57.84 5.40 0.54
CA SER F 60 -57.21 6.66 0.16
C SER F 60 -57.97 7.87 0.69
N ARG F 61 -59.21 7.67 1.14
CA ARG F 61 -60.05 8.75 1.69
C ARG F 61 -59.31 9.44 2.82
N PHE F 62 -58.52 8.69 3.58
CA PHE F 62 -57.83 9.25 4.74
C PHE F 62 -56.72 10.20 4.31
N SER F 63 -56.38 11.13 5.19
CA SER F 63 -55.33 12.10 4.92
C SER F 63 -54.89 12.76 6.22
N GLY F 64 -53.69 13.34 6.19
CA GLY F 64 -53.14 14.01 7.35
C GLY F 64 -52.21 15.11 6.91
N SER F 65 -51.96 16.04 7.84
CA SER F 65 -51.09 17.17 7.54
C SER F 65 -50.57 17.74 8.85
N GLY F 66 -49.52 18.55 8.74
CA GLY F 66 -48.90 19.19 9.89
C GLY F 66 -47.39 19.04 9.87
N SER F 67 -46.76 19.85 10.70
CA SER F 67 -45.31 19.86 10.84
C SER F 67 -44.95 20.79 11.99
N GLY F 68 -43.85 20.48 12.66
CA GLY F 68 -43.39 21.29 13.78
C GLY F 68 -43.88 20.80 15.13
N THR F 69 -44.93 21.44 15.65
CA THR F 69 -45.49 21.10 16.95
C THR F 69 -46.96 20.69 16.93
N ASP F 70 -47.69 20.93 15.85
CA ASP F 70 -49.11 20.58 15.76
C ASP F 70 -49.39 19.86 14.45
N PHE F 71 -50.33 18.91 14.52
CA PHE F 71 -50.72 18.13 13.35
C PHE F 71 -52.24 18.01 13.33
N THR F 72 -52.77 17.44 12.25
CA THR F 72 -54.21 17.28 12.11
C THR F 72 -54.52 16.06 11.25
N LEU F 73 -55.60 15.33 11.58
CA LEU F 73 -56.02 14.10 10.86
C LEU F 73 -57.35 14.39 10.20
N THR F 74 -57.38 14.58 8.88
CA THR F 74 -58.61 14.98 8.17
C THR F 74 -59.45 13.77 7.90
N ILE F 75 -60.44 13.51 8.74
CA ILE F 75 -61.41 12.42 8.46
C ILE F 75 -62.51 13.06 7.60
N SER F 76 -63.28 12.27 6.87
CA SER F 76 -64.33 12.78 5.96
C SER F 76 -65.19 11.58 5.57
N SER F 77 -66.36 11.82 4.98
CA SER F 77 -67.19 10.69 4.49
C SER F 77 -67.06 9.52 5.47
N LEU F 78 -67.12 9.80 6.76
CA LEU F 78 -67.05 8.71 7.75
C LEU F 78 -67.96 7.55 7.33
N GLN F 79 -67.42 6.31 7.29
CA GLN F 79 -68.23 5.13 6.92
C GLN F 79 -68.58 4.50 8.26
N PRO F 80 -69.36 3.40 8.35
CA PRO F 80 -69.62 2.81 9.65
C PRO F 80 -68.36 2.20 10.22
N GLU F 81 -67.32 2.01 9.40
CA GLU F 81 -66.05 1.36 9.84
C GLU F 81 -65.11 2.41 10.44
N ASP F 82 -65.30 3.72 10.33
CA ASP F 82 -64.28 4.64 10.92
C ASP F 82 -64.71 5.11 12.31
N PHE F 83 -65.59 4.37 12.98
CA PHE F 83 -66.00 4.72 14.36
C PHE F 83 -65.10 4.00 15.34
N ALA F 84 -63.93 4.55 15.64
CA ALA F 84 -62.92 3.92 16.54
C ALA F 84 -62.28 4.99 17.42
N THR F 85 -61.26 4.64 18.21
CA THR F 85 -60.53 5.59 19.07
C THR F 85 -59.22 5.92 18.42
N TYR F 86 -59.06 7.14 17.93
CA TYR F 86 -57.83 7.51 17.19
C TYR F 86 -56.80 8.07 18.15
N TYR F 87 -55.55 7.61 18.14
CA TYR F 87 -54.43 8.03 18.96
C TYR F 87 -53.32 8.63 18.11
N CYS F 88 -52.73 9.72 18.60
CA CYS F 88 -51.61 10.37 17.93
C CYS F 88 -50.34 10.07 18.73
N GLN F 89 -49.33 9.56 18.02
CA GLN F 89 -48.07 9.18 18.68
C GLN F 89 -46.89 9.86 17.99
N GLN F 90 -45.94 10.29 18.81
CA GLN F 90 -44.71 10.90 18.33
C GLN F 90 -43.56 9.95 18.60
N TYR F 91 -42.63 9.85 17.66
CA TYR F 91 -41.47 9.00 17.84
C TYR F 91 -40.23 9.87 17.65
N ASP F 92 -39.05 9.26 17.54
CA ASP F 92 -37.78 10.00 17.44
C ASP F 92 -37.49 10.67 18.77
N SER F 93 -37.86 9.98 19.85
CA SER F 93 -37.66 10.45 21.20
C SER F 93 -37.61 9.22 22.11
N ALA F 94 -37.02 9.41 23.28
CA ALA F 94 -36.88 8.30 24.23
C ALA F 94 -38.22 7.71 24.70
N PRO F 95 -39.22 8.49 25.10
CA PRO F 95 -40.47 7.87 25.59
C PRO F 95 -41.47 7.41 24.53
N PHE F 96 -41.50 7.99 23.34
CA PHE F 96 -42.46 7.60 22.31
C PHE F 96 -43.87 7.77 22.85
N SER F 97 -44.13 8.96 23.40
CA SER F 97 -45.41 9.26 24.01
C SER F 97 -46.58 9.15 23.03
N PHE F 98 -47.71 8.67 23.54
CA PHE F 98 -48.94 8.52 22.78
C PHE F 98 -49.89 9.65 23.13
N GLY F 99 -50.92 9.82 22.29
CA GLY F 99 -51.91 10.84 22.53
C GLY F 99 -52.91 10.38 23.57
N GLN F 100 -53.71 11.34 24.05
CA GLN F 100 -54.71 11.00 25.06
C GLN F 100 -55.80 10.10 24.52
N GLY F 101 -55.95 10.01 23.20
CA GLY F 101 -56.96 9.17 22.61
C GLY F 101 -58.28 9.89 22.47
N THR F 102 -58.81 9.92 21.25
CA THR F 102 -60.08 10.58 20.94
C THR F 102 -61.02 9.55 20.32
N GLU F 103 -62.21 9.43 20.89
CA GLU F 103 -63.20 8.47 20.40
C GLU F 103 -64.30 9.21 19.65
N VAL F 104 -64.59 8.73 18.43
CA VAL F 104 -65.64 9.28 17.58
C VAL F 104 -66.77 8.27 17.57
N GLU F 105 -68.00 8.76 17.78
CA GLU F 105 -69.17 7.90 17.83
C GLU F 105 -70.30 8.46 16.99
N ILE F 106 -71.40 7.70 16.94
CA ILE F 106 -72.57 8.11 16.18
C ILE F 106 -73.39 9.11 16.99
N LYS F 107 -73.93 10.11 16.32
CA LYS F 107 -74.74 11.13 16.98
C LYS F 107 -76.16 10.61 17.21
N ASN G 38 46.38 -22.08 -52.72
CA ASN G 38 45.87 -22.41 -51.36
C ASN G 38 44.47 -21.84 -51.14
N LEU G 39 43.99 -21.92 -49.90
CA LEU G 39 42.67 -21.43 -49.53
C LEU G 39 42.78 -20.47 -48.35
N TRP G 40 41.99 -19.40 -48.40
CA TRP G 40 41.95 -18.38 -47.36
C TRP G 40 40.58 -18.40 -46.68
N VAL G 41 40.56 -18.05 -45.40
CA VAL G 41 39.31 -18.02 -44.65
C VAL G 41 38.58 -16.72 -44.95
N THR G 42 37.26 -16.82 -45.12
CA THR G 42 36.41 -15.68 -45.41
C THR G 42 35.20 -15.72 -44.50
N VAL G 43 34.83 -14.56 -43.98
CA VAL G 43 33.70 -14.41 -43.07
C VAL G 43 32.52 -13.83 -43.85
N TYR G 44 31.33 -14.39 -43.62
CA TYR G 44 30.11 -13.97 -44.28
C TYR G 44 29.15 -13.39 -43.26
N TYR G 45 28.57 -12.24 -43.57
CA TYR G 45 27.60 -11.55 -42.71
C TYR G 45 26.22 -11.74 -43.30
N GLY G 46 25.27 -12.14 -42.46
CA GLY G 46 23.92 -12.39 -42.89
C GLY G 46 23.67 -13.82 -43.33
N VAL G 47 24.47 -14.76 -42.86
CA VAL G 47 24.32 -16.17 -43.24
C VAL G 47 23.00 -16.71 -42.70
N PRO G 48 22.24 -17.53 -43.45
CA PRO G 48 20.96 -18.04 -42.91
C PRO G 48 21.13 -19.32 -42.07
N VAL G 49 21.52 -19.11 -40.80
CA VAL G 49 21.71 -20.20 -39.85
C VAL G 49 21.06 -19.79 -38.54
N TRP G 50 20.87 -20.75 -37.64
CA TRP G 50 20.24 -20.45 -36.36
C TRP G 50 20.59 -21.52 -35.35
N ARG G 51 20.21 -21.26 -34.10
CA ARG G 51 20.42 -22.14 -32.96
C ARG G 51 19.26 -21.97 -31.98
N ASP G 52 19.07 -22.98 -31.14
CA ASP G 52 18.01 -22.89 -30.14
C ASP G 52 18.41 -21.84 -29.11
N ALA G 53 17.44 -21.03 -28.69
CA ALA G 53 17.73 -19.97 -27.74
C ALA G 53 16.47 -19.60 -26.96
N GLU G 54 16.65 -18.67 -26.03
CA GLU G 54 15.59 -18.15 -25.17
C GLU G 54 15.69 -16.64 -25.18
N THR G 55 14.54 -15.97 -25.30
CA THR G 55 14.53 -14.52 -25.34
C THR G 55 13.22 -13.99 -24.77
N THR G 56 13.18 -12.68 -24.55
CA THR G 56 12.00 -12.01 -24.03
C THR G 56 11.04 -11.65 -25.14
N LEU G 57 10.03 -12.48 -25.35
CA LEU G 57 9.03 -12.23 -26.38
C LEU G 57 8.02 -11.20 -25.90
N PHE G 58 7.69 -10.26 -26.77
CA PHE G 58 6.74 -9.19 -26.46
C PHE G 58 5.43 -9.41 -27.20
N CYS G 59 4.36 -8.82 -26.64
CA CYS G 59 3.03 -8.96 -27.21
C CYS G 59 2.87 -8.15 -28.49
N ALA G 60 1.79 -8.46 -29.21
CA ALA G 60 1.43 -7.80 -30.45
C ALA G 60 -0.02 -8.14 -30.75
N SER G 61 -0.85 -7.12 -30.87
CA SER G 61 -2.27 -7.33 -31.15
C SER G 61 -2.84 -6.08 -31.79
N ASP G 62 -4.05 -6.22 -32.35
CA ASP G 62 -4.75 -5.12 -33.00
C ASP G 62 -5.35 -4.17 -31.96
N ALA G 63 -4.46 -3.47 -31.27
CA ALA G 63 -4.89 -2.53 -30.24
C ALA G 63 -5.64 -1.35 -30.86
N LYS G 64 -6.55 -0.78 -30.09
CA LYS G 64 -7.36 0.35 -30.53
C LYS G 64 -7.52 1.37 -29.40
N GLU G 69 -12.07 3.03 -25.72
CA GLU G 69 -12.22 1.55 -25.73
C GLU G 69 -12.05 0.99 -24.33
N LYS G 70 -12.82 -0.05 -24.02
CA LYS G 70 -12.74 -0.67 -22.70
C LYS G 70 -11.47 -1.50 -22.58
N HIS G 71 -10.90 -1.52 -21.38
CA HIS G 71 -9.67 -2.27 -21.12
C HIS G 71 -10.01 -3.72 -20.78
N ASN G 72 -8.98 -4.55 -20.75
CA ASN G 72 -9.11 -5.97 -20.44
C ASN G 72 -8.02 -6.37 -19.45
N VAL G 73 -8.25 -7.49 -18.78
CA VAL G 73 -7.30 -8.00 -17.79
C VAL G 73 -5.94 -8.31 -18.39
N TRP G 74 -5.87 -8.60 -19.69
CA TRP G 74 -4.61 -8.93 -20.33
C TRP G 74 -3.80 -7.69 -20.73
N ALA G 75 -4.37 -6.49 -20.62
CA ALA G 75 -3.67 -5.25 -20.95
C ALA G 75 -3.09 -5.29 -22.37
N THR G 76 -3.87 -5.78 -23.32
CA THR G 76 -3.39 -5.85 -24.70
C THR G 76 -3.18 -4.48 -25.30
N HIS G 77 -3.91 -3.47 -24.82
CA HIS G 77 -3.77 -2.12 -25.36
C HIS G 77 -2.39 -1.52 -25.08
N ALA G 78 -1.64 -2.06 -24.13
CA ALA G 78 -0.33 -1.53 -23.78
C ALA G 78 0.81 -2.12 -24.59
N CYS G 79 0.58 -3.12 -25.44
CA CYS G 79 1.64 -3.74 -26.22
C CYS G 79 1.67 -3.17 -27.64
N VAL G 80 2.68 -3.62 -28.39
CA VAL G 80 2.92 -3.15 -29.76
C VAL G 80 1.72 -3.46 -30.64
N PRO G 81 1.37 -2.62 -31.62
CA PRO G 81 0.23 -2.95 -32.49
C PRO G 81 0.67 -3.97 -33.55
N THR G 82 -0.16 -4.98 -33.77
CA THR G 82 0.17 -5.99 -34.76
C THR G 82 0.17 -5.42 -36.16
N ASP G 83 0.95 -6.04 -37.03
CA ASP G 83 1.05 -5.60 -38.42
C ASP G 83 -0.22 -6.01 -39.17
N PRO G 84 -0.57 -5.30 -40.25
CA PRO G 84 -1.78 -5.68 -41.01
C PRO G 84 -1.57 -6.87 -41.92
N ASN G 85 -0.35 -7.06 -42.44
CA ASN G 85 -0.03 -8.18 -43.33
C ASN G 85 1.26 -8.83 -42.85
N PRO G 86 1.18 -9.61 -41.76
CA PRO G 86 2.40 -10.27 -41.25
C PRO G 86 3.02 -11.18 -42.30
N GLN G 87 4.34 -11.10 -42.41
CA GLN G 87 5.07 -11.90 -43.39
C GLN G 87 5.39 -13.29 -42.86
N GLU G 88 5.21 -14.28 -43.71
CA GLU G 88 5.50 -15.67 -43.41
C GLU G 88 6.26 -16.25 -44.60
N ILE G 89 7.34 -16.98 -44.32
CA ILE G 89 8.19 -17.56 -45.34
C ILE G 89 8.27 -19.06 -45.15
N HIS G 90 8.29 -19.79 -46.25
CA HIS G 90 8.38 -21.24 -46.26
C HIS G 90 9.81 -21.63 -46.61
N LEU G 91 10.43 -22.44 -45.77
CA LEU G 91 11.81 -22.88 -45.96
C LEU G 91 11.84 -24.16 -46.78
N ASP G 92 12.18 -24.03 -48.07
CA ASP G 92 12.26 -25.19 -48.94
C ASP G 92 13.52 -25.99 -48.59
N ASN G 93 13.42 -27.32 -48.76
CA ASN G 93 14.53 -28.24 -48.47
C ASN G 93 14.94 -28.27 -47.00
N VAL G 94 14.20 -27.60 -46.12
CA VAL G 94 14.59 -27.55 -44.71
C VAL G 94 13.72 -28.45 -43.84
N THR G 95 14.38 -29.10 -42.89
CA THR G 95 13.75 -29.98 -41.90
C THR G 95 14.35 -29.60 -40.56
N GLU G 96 13.49 -29.44 -39.55
CA GLU G 96 13.96 -29.04 -38.22
C GLU G 96 13.28 -29.88 -37.15
N LYS G 97 13.98 -30.02 -36.03
CA LYS G 97 13.50 -30.80 -34.88
C LYS G 97 12.68 -29.89 -33.96
N PHE G 98 11.56 -30.42 -33.47
CA PHE G 98 10.67 -29.69 -32.58
C PHE G 98 10.41 -30.51 -31.33
N ASN G 99 10.18 -29.82 -30.22
CA ASN G 99 9.89 -30.47 -28.95
C ASN G 99 8.93 -29.56 -28.17
N MET G 100 7.64 -29.84 -28.29
CA MET G 100 6.63 -29.03 -27.61
C MET G 100 6.72 -29.14 -26.10
N TRP G 101 7.27 -30.22 -25.58
CA TRP G 101 7.38 -30.41 -24.13
C TRP G 101 8.56 -29.70 -23.51
N LYS G 102 9.66 -29.52 -24.26
CA LYS G 102 10.84 -28.83 -23.76
C LYS G 102 10.91 -27.40 -24.29
N ASN G 103 9.82 -26.88 -24.84
CA ASN G 103 9.80 -25.52 -25.36
C ASN G 103 9.79 -24.51 -24.21
N ASN G 104 10.44 -23.37 -24.43
CA ASN G 104 10.49 -22.33 -23.41
C ASN G 104 9.34 -21.33 -23.54
N MET G 105 8.72 -21.25 -24.72
CA MET G 105 7.62 -20.31 -24.91
C MET G 105 6.46 -20.63 -24.00
N VAL G 106 6.14 -21.91 -23.84
CA VAL G 106 5.02 -22.29 -22.96
C VAL G 106 5.31 -21.86 -21.53
N GLU G 107 6.56 -21.96 -21.09
CA GLU G 107 6.91 -21.55 -19.74
C GLU G 107 6.92 -20.04 -19.62
N GLN G 108 7.46 -19.35 -20.63
CA GLN G 108 7.51 -17.89 -20.61
C GLN G 108 6.11 -17.29 -20.64
N MET G 109 5.23 -17.86 -21.48
CA MET G 109 3.86 -17.34 -21.57
C MET G 109 3.14 -17.51 -20.25
N HIS G 110 3.41 -18.60 -19.52
CA HIS G 110 2.74 -18.83 -18.24
C HIS G 110 3.08 -17.72 -17.26
N THR G 111 4.33 -17.29 -17.23
CA THR G 111 4.73 -16.22 -16.31
C THR G 111 4.09 -14.89 -16.73
N ASP G 112 4.05 -14.61 -18.03
CA ASP G 112 3.46 -13.37 -18.50
C ASP G 112 1.97 -13.31 -18.18
N ILE G 113 1.25 -14.40 -18.41
CA ILE G 113 -0.18 -14.43 -18.13
C ILE G 113 -0.42 -14.20 -16.64
N ILE G 114 0.37 -14.84 -15.79
CA ILE G 114 0.21 -14.66 -14.34
C ILE G 114 0.58 -13.23 -13.95
N SER G 115 1.64 -12.68 -14.54
CA SER G 115 2.05 -11.32 -14.22
C SER G 115 0.97 -10.32 -14.62
N LEU G 116 0.37 -10.50 -15.79
CA LEU G 116 -0.68 -9.59 -16.23
C LEU G 116 -1.90 -9.67 -15.31
N TRP G 117 -2.21 -10.89 -14.84
CA TRP G 117 -3.36 -11.07 -13.95
C TRP G 117 -3.15 -10.30 -12.66
N ASP G 118 -1.94 -10.34 -12.10
CA ASP G 118 -1.66 -9.62 -10.86
C ASP G 118 -1.60 -8.12 -11.11
N GLN G 119 -1.07 -7.71 -12.26
CA GLN G 119 -0.97 -6.29 -12.57
C GLN G 119 -2.35 -5.65 -12.68
N SER G 120 -3.31 -6.36 -13.29
CA SER G 120 -4.64 -5.80 -13.44
C SER G 120 -5.39 -5.71 -12.11
N LEU G 121 -5.05 -6.58 -11.15
CA LEU G 121 -5.73 -6.56 -9.85
C LEU G 121 -5.10 -5.59 -8.87
N LYS G 122 -3.88 -5.12 -9.13
CA LYS G 122 -3.22 -4.19 -8.21
C LYS G 122 -3.98 -2.89 -7.95
N PRO G 123 -4.47 -2.17 -8.95
CA PRO G 123 -5.20 -0.92 -8.65
C PRO G 123 -6.62 -1.11 -8.15
N CYS G 124 -7.15 -2.33 -8.17
CA CYS G 124 -8.51 -2.55 -7.70
C CYS G 124 -8.56 -2.57 -6.17
N VAL G 125 -9.76 -2.34 -5.64
CA VAL G 125 -9.96 -2.32 -4.19
C VAL G 125 -9.74 -3.72 -3.62
N LYS G 126 -9.09 -3.76 -2.45
CA LYS G 126 -8.83 -5.02 -1.76
C LYS G 126 -9.94 -5.23 -0.74
N LEU G 127 -10.65 -6.36 -0.84
CA LEU G 127 -11.75 -6.66 0.06
C LEU G 127 -11.30 -7.15 1.44
N THR G 128 -10.46 -6.38 2.13
CA THR G 128 -10.04 -6.82 3.47
C THR G 128 -11.13 -6.69 4.53
N PRO G 129 -12.06 -5.72 4.51
CA PRO G 129 -13.08 -5.70 5.58
C PRO G 129 -14.18 -6.74 5.41
N LEU G 130 -14.23 -7.43 4.28
CA LEU G 130 -15.26 -8.44 4.05
C LEU G 130 -15.11 -9.67 4.94
N CYS G 131 -13.95 -9.85 5.59
CA CYS G 131 -13.73 -11.00 6.45
C CYS G 131 -14.42 -10.74 7.79
N VAL G 132 -15.71 -11.05 7.83
CA VAL G 132 -16.54 -10.87 9.02
C VAL G 132 -17.49 -12.06 9.13
N THR G 133 -18.12 -12.19 10.28
CA THR G 133 -19.06 -13.29 10.50
C THR G 133 -20.32 -13.02 9.67
N LEU G 134 -20.73 -14.01 8.90
CA LEU G 134 -21.90 -13.91 8.04
C LEU G 134 -23.04 -14.76 8.57
N HIS G 135 -24.18 -14.13 8.84
CA HIS G 135 -25.38 -14.82 9.32
C HIS G 135 -26.21 -15.12 8.08
N CYS G 136 -26.22 -16.38 7.66
CA CYS G 136 -26.92 -16.80 6.44
C CYS G 136 -28.12 -17.69 6.72
N THR G 137 -29.03 -17.71 5.75
CA THR G 137 -30.24 -18.50 5.77
C THR G 137 -30.54 -18.90 4.33
N ASN G 138 -31.39 -19.92 4.18
CA ASN G 138 -31.74 -20.38 2.85
C ASN G 138 -32.49 -19.31 2.07
N VAL G 139 -32.32 -19.32 0.75
CA VAL G 139 -32.99 -18.35 -0.11
C VAL G 139 -34.50 -18.57 -0.03
N THR G 140 -35.24 -17.47 0.07
CA THR G 140 -36.69 -17.52 0.16
C THR G 140 -37.29 -18.02 -1.15
N ASP G 147 -31.45 -29.57 -6.47
CA ASP G 147 -31.40 -28.85 -5.16
C ASP G 147 -31.34 -27.34 -5.39
N ARG G 148 -31.88 -26.58 -4.43
CA ARG G 148 -31.90 -25.13 -4.48
C ARG G 148 -31.08 -24.48 -3.37
N GLU G 149 -30.22 -25.25 -2.69
CA GLU G 149 -29.40 -24.70 -1.62
C GLU G 149 -28.06 -24.20 -2.15
N GLU G 150 -27.97 -24.00 -3.47
CA GLU G 150 -26.73 -23.52 -4.07
C GLU G 150 -26.41 -22.10 -3.64
N LEU G 151 -27.42 -21.33 -3.23
CA LEU G 151 -27.26 -19.95 -2.80
C LEU G 151 -27.58 -19.81 -1.32
N LYS G 152 -27.08 -18.73 -0.72
CA LYS G 152 -27.29 -18.43 0.69
C LYS G 152 -27.47 -16.93 0.87
N ASN G 153 -28.56 -16.54 1.53
CA ASN G 153 -28.87 -15.15 1.80
C ASN G 153 -28.18 -14.78 3.11
N CYS G 154 -27.04 -14.09 3.01
CA CYS G 154 -26.24 -13.71 4.16
C CYS G 154 -26.36 -12.23 4.47
N SER G 155 -26.35 -11.91 5.78
CA SER G 155 -26.42 -10.56 6.29
C SER G 155 -25.21 -10.35 7.18
N PHE G 156 -24.59 -9.18 7.09
CA PHE G 156 -23.39 -8.93 7.88
C PHE G 156 -23.16 -7.43 8.05
N ASN G 157 -22.36 -7.10 9.06
CA ASN G 157 -21.98 -5.72 9.33
C ASN G 157 -20.89 -5.30 8.35
N MET G 158 -20.76 -4.00 8.13
CA MET G 158 -19.76 -3.52 7.20
C MET G 158 -19.38 -2.08 7.52
N THR G 159 -18.17 -1.70 7.12
CA THR G 159 -17.67 -0.36 7.33
C THR G 159 -18.31 0.59 6.31
N THR G 160 -17.93 1.86 6.40
CA THR G 160 -18.47 2.86 5.49
C THR G 160 -17.48 4.01 5.38
N GLU G 161 -17.85 5.03 4.59
CA GLU G 161 -16.98 6.17 4.42
C GLU G 161 -16.69 6.87 5.73
N LEU G 162 -17.70 7.04 6.58
CA LEU G 162 -17.52 7.66 7.89
C LEU G 162 -16.88 6.62 8.81
N ARG G 163 -15.65 6.87 9.24
CA ARG G 163 -14.95 5.92 10.10
C ARG G 163 -15.68 5.71 11.42
N ASP G 164 -16.45 6.70 11.87
CA ASP G 164 -17.19 6.59 13.13
C ASP G 164 -18.58 5.99 12.95
N LYS G 165 -18.85 5.33 11.83
CA LYS G 165 -20.14 4.71 11.57
C LYS G 165 -19.96 3.37 10.88
N ARG G 166 -20.97 2.52 11.04
CA ARG G 166 -21.01 1.18 10.47
C ARG G 166 -22.36 0.98 9.80
N GLN G 167 -22.49 -0.11 9.06
CA GLN G 167 -23.73 -0.41 8.35
C GLN G 167 -23.96 -1.90 8.25
N LYS G 168 -25.22 -2.31 8.32
CA LYS G 168 -25.62 -3.69 8.19
C LYS G 168 -26.19 -3.88 6.79
N VAL G 169 -25.63 -4.83 6.04
CA VAL G 169 -26.03 -5.09 4.67
C VAL G 169 -26.30 -6.58 4.50
N TYR G 170 -26.78 -6.95 3.31
CA TYR G 170 -27.08 -8.32 2.97
C TYR G 170 -26.80 -8.53 1.48
N SER G 171 -26.50 -9.77 1.13
CA SER G 171 -26.22 -10.13 -0.26
C SER G 171 -26.11 -11.63 -0.35
N LEU G 172 -26.50 -12.15 -1.51
CA LEU G 172 -26.45 -13.60 -1.74
C LEU G 172 -25.02 -14.05 -1.98
N PHE G 173 -24.73 -15.29 -1.58
CA PHE G 173 -23.41 -15.88 -1.75
C PHE G 173 -23.56 -17.34 -2.12
N TYR G 174 -22.78 -17.79 -3.10
CA TYR G 174 -22.82 -19.19 -3.50
C TYR G 174 -22.28 -20.04 -2.35
N ARG G 175 -22.84 -21.24 -2.20
CA ARG G 175 -22.42 -22.12 -1.11
C ARG G 175 -20.95 -22.50 -1.21
N LEU G 176 -20.36 -22.46 -2.41
CA LEU G 176 -18.96 -22.83 -2.55
C LEU G 176 -18.01 -21.75 -2.03
N ASP G 177 -18.43 -20.49 -2.06
CA ASP G 177 -17.61 -19.38 -1.59
C ASP G 177 -17.89 -19.00 -0.15
N ILE G 178 -18.37 -19.94 0.67
CA ILE G 178 -18.68 -19.68 2.06
C ILE G 178 -18.37 -20.94 2.87
N VAL G 179 -17.82 -20.74 4.06
CA VAL G 179 -17.42 -21.83 4.95
C VAL G 179 -17.98 -21.57 6.35
N PRO G 180 -18.60 -22.55 7.02
CA PRO G 180 -19.11 -22.28 8.37
C PRO G 180 -18.00 -22.29 9.41
N ILE G 181 -18.14 -21.42 10.41
CA ILE G 181 -17.16 -21.34 11.49
C ILE G 181 -17.20 -22.60 12.34
N ASN G 182 -18.33 -23.31 12.34
CA ASN G 182 -18.55 -24.55 13.09
C ASN G 182 -18.79 -24.32 14.58
N GLU G 183 -18.58 -23.09 15.07
CA GLU G 183 -18.85 -22.83 16.49
C GLU G 183 -20.34 -22.65 16.70
N SER G 184 -21.04 -22.11 15.70
CA SER G 184 -22.47 -21.90 15.70
C SER G 184 -23.03 -22.60 14.47
N GLN G 185 -23.98 -23.50 14.68
CA GLN G 185 -24.57 -24.28 13.61
C GLN G 185 -25.74 -23.54 12.98
N GLY G 186 -25.83 -23.66 11.65
CA GLY G 186 -26.90 -23.02 10.90
C GLY G 186 -26.73 -21.54 10.66
N SER G 187 -25.59 -20.96 11.04
CA SER G 187 -25.37 -19.53 10.84
C SER G 187 -23.93 -19.21 11.24
N GLU G 188 -23.57 -17.94 11.11
CA GLU G 188 -22.23 -17.44 11.44
C GLU G 188 -21.16 -18.11 10.58
N TYR G 189 -21.27 -17.83 9.28
CA TYR G 189 -20.34 -18.34 8.29
C TYR G 189 -19.26 -17.29 8.01
N ARG G 190 -18.32 -17.64 7.14
CA ARG G 190 -17.24 -16.74 6.74
C ARG G 190 -16.84 -17.08 5.32
N LEU G 191 -16.28 -16.08 4.63
CA LEU G 191 -15.85 -16.30 3.25
C LEU G 191 -14.72 -17.32 3.19
N ILE G 192 -14.75 -18.15 2.15
CA ILE G 192 -13.71 -19.15 1.99
C ILE G 192 -12.39 -18.45 1.71
N ASN G 193 -11.29 -19.11 2.09
CA ASN G 193 -9.94 -18.60 1.91
C ASN G 193 -9.72 -17.30 2.68
N CYS G 194 -10.61 -17.00 3.65
CA CYS G 194 -10.44 -15.78 4.43
C CYS G 194 -9.29 -15.95 5.41
N ASN G 195 -9.02 -17.17 5.84
CA ASN G 195 -7.94 -17.48 6.77
C ASN G 195 -6.59 -17.65 6.06
N THR G 196 -6.51 -17.33 4.76
CA THR G 196 -5.29 -17.45 3.98
C THR G 196 -4.87 -16.16 3.27
N SER G 197 -5.81 -15.34 2.82
CA SER G 197 -5.48 -14.09 2.13
C SER G 197 -6.76 -13.33 1.86
N ALA G 198 -6.62 -12.01 1.70
CA ALA G 198 -7.75 -11.14 1.41
C ALA G 198 -7.88 -11.00 -0.10
N CYS G 199 -8.97 -11.52 -0.66
CA CYS G 199 -9.18 -11.46 -2.10
C CYS G 199 -9.40 -10.03 -2.57
N THR G 200 -8.89 -9.76 -3.77
CA THR G 200 -9.01 -8.44 -4.38
C THR G 200 -10.19 -8.46 -5.36
N GLN G 201 -11.10 -7.50 -5.21
CA GLN G 201 -12.25 -7.42 -6.09
C GLN G 201 -11.81 -7.05 -7.49
N ALA G 202 -12.27 -7.81 -8.49
CA ALA G 202 -11.91 -7.51 -9.87
C ALA G 202 -12.59 -6.21 -10.29
N CYS G 203 -11.81 -5.33 -10.92
CA CYS G 203 -12.35 -4.05 -11.36
C CYS G 203 -13.46 -4.28 -12.39
N PRO G 204 -14.66 -3.74 -12.19
CA PRO G 204 -15.73 -3.96 -13.19
C PRO G 204 -15.48 -3.27 -14.53
N LYS G 205 -14.54 -2.32 -14.60
CA LYS G 205 -14.28 -1.61 -15.84
C LYS G 205 -13.38 -2.40 -16.79
N VAL G 206 -12.78 -3.50 -16.36
CA VAL G 206 -11.91 -4.33 -17.20
C VAL G 206 -12.63 -5.66 -17.43
N SER G 207 -12.65 -6.11 -18.67
CA SER G 207 -13.30 -7.36 -19.04
C SER G 207 -12.29 -8.49 -19.15
N PHE G 208 -12.79 -9.71 -18.95
CA PHE G 208 -11.97 -10.92 -19.03
C PHE G 208 -12.01 -11.55 -20.41
N GLU G 209 -12.37 -10.79 -21.43
CA GLU G 209 -12.44 -11.30 -22.79
C GLU G 209 -11.06 -11.74 -23.26
N PRO G 210 -10.86 -13.00 -23.70
CA PRO G 210 -9.51 -13.40 -24.16
C PRO G 210 -9.27 -13.07 -25.63
N ILE G 211 -8.97 -11.80 -25.91
CA ILE G 211 -8.72 -11.39 -27.28
C ILE G 211 -7.39 -12.00 -27.71
N PRO G 212 -7.18 -12.33 -28.98
CA PRO G 212 -5.91 -12.93 -29.39
C PRO G 212 -4.73 -12.00 -29.20
N ILE G 213 -3.59 -12.57 -28.81
CA ILE G 213 -2.35 -11.84 -28.61
C ILE G 213 -1.25 -12.58 -29.36
N HIS G 214 -0.48 -11.85 -30.15
CA HIS G 214 0.60 -12.44 -30.93
C HIS G 214 1.93 -12.31 -30.19
N TYR G 215 2.67 -13.41 -30.12
CA TYR G 215 3.96 -13.44 -29.47
C TYR G 215 5.06 -13.25 -30.51
N CYS G 216 5.71 -12.09 -30.46
CA CYS G 216 6.77 -11.74 -31.40
C CYS G 216 8.13 -11.89 -30.74
N ALA G 217 9.18 -12.07 -31.58
CA ALA G 217 10.55 -12.22 -31.12
C ALA G 217 11.34 -10.95 -31.42
N PRO G 218 12.36 -10.60 -30.64
CA PRO G 218 13.11 -9.38 -30.94
C PRO G 218 13.88 -9.52 -32.24
N ALA G 219 14.40 -8.38 -32.72
CA ALA G 219 15.17 -8.39 -33.94
C ALA G 219 16.41 -9.26 -33.75
N GLY G 220 16.78 -9.99 -34.80
CA GLY G 220 17.91 -10.89 -34.73
C GLY G 220 17.54 -12.28 -34.29
N PHE G 221 16.25 -12.55 -34.11
CA PHE G 221 15.71 -13.86 -33.71
C PHE G 221 14.51 -14.14 -34.58
N ALA G 222 14.00 -15.37 -34.52
CA ALA G 222 12.85 -15.72 -35.33
C ALA G 222 12.14 -16.93 -34.74
N ILE G 223 10.88 -17.10 -35.15
CA ILE G 223 10.04 -18.21 -34.72
C ILE G 223 9.86 -19.15 -35.89
N LEU G 224 10.17 -20.42 -35.68
CA LEU G 224 10.07 -21.44 -36.72
C LEU G 224 8.76 -22.21 -36.55
N LYS G 225 7.96 -22.25 -37.61
CA LYS G 225 6.69 -22.93 -37.63
C LYS G 225 6.80 -24.23 -38.42
N CYS G 226 6.18 -25.29 -37.89
CA CYS G 226 6.17 -26.60 -38.53
C CYS G 226 4.85 -26.77 -39.27
N LYS G 227 4.92 -26.89 -40.59
CA LYS G 227 3.75 -27.05 -41.43
C LYS G 227 3.47 -28.50 -41.82
N ASP G 228 4.16 -29.45 -41.21
CA ASP G 228 3.93 -30.86 -41.53
C ASP G 228 2.51 -31.25 -41.18
N GLU G 229 1.84 -31.93 -42.11
CA GLU G 229 0.46 -32.36 -41.91
C GLU G 229 0.39 -33.40 -40.79
N GLY G 230 -0.50 -33.17 -39.84
CA GLY G 230 -0.68 -34.10 -38.74
C GLY G 230 0.53 -34.29 -37.86
N PHE G 231 1.33 -33.25 -37.65
CA PHE G 231 2.51 -33.36 -36.80
C PHE G 231 2.06 -33.59 -35.36
N ASN G 232 2.67 -34.60 -34.71
CA ASN G 232 2.30 -34.91 -33.34
C ASN G 232 3.00 -34.05 -32.30
N GLY G 233 3.77 -33.05 -32.71
CA GLY G 233 4.45 -32.15 -31.80
C GLY G 233 5.86 -32.51 -31.39
N THR G 234 6.37 -33.68 -31.78
CA THR G 234 7.72 -34.07 -31.41
C THR G 234 8.36 -34.79 -32.60
N GLY G 235 9.67 -34.58 -32.75
CA GLY G 235 10.43 -35.18 -33.83
C GLY G 235 10.89 -34.17 -34.85
N LEU G 236 11.36 -34.70 -35.99
CA LEU G 236 11.87 -33.88 -37.08
C LEU G 236 10.70 -33.50 -37.98
N CYS G 237 10.50 -32.19 -38.17
CA CYS G 237 9.43 -31.71 -39.03
C CYS G 237 9.92 -31.66 -40.48
N LYS G 238 9.18 -32.29 -41.38
CA LYS G 238 9.54 -32.36 -42.79
C LYS G 238 9.01 -31.18 -43.60
N ASN G 239 8.35 -30.22 -42.97
CA ASN G 239 7.79 -29.06 -43.66
C ASN G 239 7.86 -27.90 -42.67
N VAL G 240 8.92 -27.10 -42.76
CA VAL G 240 9.16 -25.99 -41.84
C VAL G 240 8.88 -24.66 -42.53
N SER G 241 8.57 -23.66 -41.71
CA SER G 241 8.29 -22.30 -42.12
C SER G 241 8.75 -21.38 -41.00
N THR G 242 8.98 -20.11 -41.34
CA THR G 242 9.42 -19.11 -40.37
C THR G 242 8.49 -17.92 -40.37
N VAL G 243 8.37 -17.29 -39.20
CA VAL G 243 7.52 -16.12 -39.01
C VAL G 243 8.06 -15.33 -37.84
N GLN G 244 7.87 -14.01 -37.89
CA GLN G 244 8.35 -13.13 -36.82
C GLN G 244 7.42 -13.13 -35.62
N CYS G 245 6.13 -13.38 -35.81
CA CYS G 245 5.15 -13.39 -34.74
C CYS G 245 4.22 -14.58 -34.89
N THR G 246 3.81 -15.15 -33.76
CA THR G 246 2.91 -16.28 -33.77
C THR G 246 1.50 -15.81 -34.13
N HIS G 247 0.65 -16.77 -34.48
CA HIS G 247 -0.72 -16.43 -34.82
C HIS G 247 -1.45 -15.93 -33.57
N GLY G 248 -2.70 -15.52 -33.75
CA GLY G 248 -3.47 -15.01 -32.63
C GLY G 248 -3.72 -16.06 -31.56
N ILE G 249 -3.04 -15.93 -30.43
CA ILE G 249 -3.20 -16.86 -29.31
C ILE G 249 -4.21 -16.26 -28.35
N LYS G 250 -5.31 -16.98 -28.12
CA LYS G 250 -6.34 -16.51 -27.21
C LYS G 250 -6.12 -17.14 -25.84
N PRO G 251 -5.77 -16.38 -24.79
CA PRO G 251 -5.56 -17.00 -23.48
C PRO G 251 -6.86 -17.45 -22.83
N VAL G 252 -7.45 -18.51 -23.39
CA VAL G 252 -8.70 -19.07 -22.91
C VAL G 252 -8.34 -20.10 -21.84
N VAL G 253 -8.51 -19.74 -20.57
CA VAL G 253 -8.21 -20.65 -19.48
C VAL G 253 -9.34 -21.65 -19.35
N SER G 254 -9.01 -22.94 -19.43
CA SER G 254 -10.01 -23.98 -19.33
C SER G 254 -9.38 -25.24 -18.73
N THR G 255 -10.23 -26.13 -18.23
CA THR G 255 -9.81 -27.38 -17.62
C THR G 255 -10.63 -28.53 -18.18
N GLN G 256 -9.92 -29.59 -18.57
CA GLN G 256 -10.46 -30.83 -19.12
C GLN G 256 -10.96 -30.71 -20.56
N LEU G 257 -11.07 -29.49 -21.08
CA LEU G 257 -11.53 -29.23 -22.44
C LEU G 257 -10.94 -27.92 -22.92
N LEU G 258 -10.46 -27.90 -24.16
CA LEU G 258 -9.89 -26.71 -24.76
C LEU G 258 -10.97 -26.01 -25.56
N LEU G 259 -11.26 -24.77 -25.19
CA LEU G 259 -12.30 -23.96 -25.82
C LEU G 259 -11.69 -22.87 -26.69
N ASN G 260 -12.33 -22.64 -27.84
CA ASN G 260 -11.91 -21.61 -28.80
C ASN G 260 -10.46 -21.76 -29.24
N GLY G 261 -9.93 -22.98 -29.19
CA GLY G 261 -8.57 -23.23 -29.61
C GLY G 261 -8.49 -23.60 -31.07
N SER G 262 -7.26 -23.86 -31.53
CA SER G 262 -7.05 -24.24 -32.91
C SER G 262 -7.59 -25.65 -33.14
N LEU G 263 -8.00 -25.90 -34.39
CA LEU G 263 -8.55 -27.18 -34.80
C LEU G 263 -7.54 -27.95 -35.63
N ALA G 264 -7.62 -29.28 -35.55
CA ALA G 264 -6.73 -30.13 -36.32
C ALA G 264 -6.99 -29.94 -37.81
N GLU G 265 -5.95 -30.16 -38.61
CA GLU G 265 -6.06 -29.98 -40.05
C GLU G 265 -6.88 -31.06 -40.73
N LYS G 266 -6.47 -32.34 -40.63
CA LYS G 266 -7.17 -33.41 -41.31
C LYS G 266 -7.64 -34.56 -40.42
N ASN G 267 -6.83 -34.97 -39.44
CA ASN G 267 -7.18 -36.07 -38.56
C ASN G 267 -7.00 -35.67 -37.11
N ILE G 268 -7.67 -36.43 -36.23
CA ILE G 268 -7.58 -36.17 -34.80
C ILE G 268 -6.18 -36.52 -34.32
N THR G 269 -5.41 -35.49 -33.98
CA THR G 269 -4.03 -35.65 -33.53
C THR G 269 -3.98 -35.83 -32.02
N ILE G 270 -3.09 -36.71 -31.58
CA ILE G 270 -2.87 -37.00 -30.16
C ILE G 270 -1.42 -36.65 -29.86
N ARG G 271 -1.19 -36.02 -28.72
CA ARG G 271 0.15 -35.59 -28.32
C ARG G 271 0.44 -35.94 -26.88
N SER G 272 1.66 -36.42 -26.63
CA SER G 272 2.10 -36.80 -25.30
C SER G 272 3.61 -37.07 -25.38
N GLU G 273 4.34 -36.64 -24.35
CA GLU G 273 5.77 -36.86 -24.35
C GLU G 273 6.09 -38.34 -24.28
N ASN G 274 5.29 -39.10 -23.54
CA ASN G 274 5.48 -40.55 -23.41
C ASN G 274 4.08 -41.12 -23.23
N ILE G 275 3.49 -41.58 -24.35
CA ILE G 275 2.13 -42.13 -24.33
C ILE G 275 2.02 -43.31 -23.37
N THR G 276 3.04 -44.16 -23.34
CA THR G 276 3.01 -45.33 -22.45
C THR G 276 3.13 -44.95 -20.98
N ASN G 277 3.53 -43.72 -20.66
CA ASN G 277 3.65 -43.29 -19.27
C ASN G 277 2.27 -42.91 -18.75
N ASN G 278 1.86 -43.52 -17.63
CA ASN G 278 0.55 -43.25 -17.07
C ASN G 278 0.50 -41.90 -16.35
N ALA G 279 1.66 -41.34 -16.00
CA ALA G 279 1.70 -40.07 -15.28
C ALA G 279 1.79 -38.85 -16.19
N LYS G 280 1.71 -39.02 -17.51
CA LYS G 280 1.81 -37.91 -18.45
C LYS G 280 0.45 -37.62 -19.07
N ILE G 281 0.11 -36.33 -19.15
CA ILE G 281 -1.17 -35.92 -19.72
C ILE G 281 -1.17 -36.16 -21.23
N ILE G 282 -2.34 -36.47 -21.77
CA ILE G 282 -2.52 -36.71 -23.20
C ILE G 282 -3.37 -35.58 -23.77
N ILE G 283 -2.84 -34.94 -24.80
CA ILE G 283 -3.51 -33.83 -25.49
C ILE G 283 -4.01 -34.33 -26.83
N VAL G 284 -5.31 -34.24 -27.05
CA VAL G 284 -5.95 -34.68 -28.29
C VAL G 284 -6.63 -33.47 -28.93
N GLN G 285 -6.40 -33.29 -30.22
CA GLN G 285 -6.96 -32.18 -30.99
C GLN G 285 -8.04 -32.70 -31.93
N LEU G 286 -9.20 -32.05 -31.93
CA LEU G 286 -10.32 -32.44 -32.77
C LEU G 286 -10.30 -31.71 -34.10
N VAL G 287 -10.89 -32.35 -35.11
CA VAL G 287 -10.96 -31.75 -36.45
C VAL G 287 -12.28 -30.99 -36.63
N GLN G 288 -13.35 -31.46 -35.98
CA GLN G 288 -14.67 -30.84 -36.06
C GLN G 288 -14.99 -30.16 -34.73
N PRO G 289 -15.22 -28.84 -34.69
CA PRO G 289 -15.51 -28.21 -33.41
C PRO G 289 -16.87 -28.61 -32.87
N VAL G 290 -16.91 -29.01 -31.61
CA VAL G 290 -18.13 -29.42 -30.93
C VAL G 290 -18.66 -28.21 -30.17
N THR G 291 -19.68 -27.56 -30.72
CA THR G 291 -20.26 -26.38 -30.09
C THR G 291 -20.92 -26.74 -28.77
N ILE G 292 -20.68 -25.91 -27.75
CA ILE G 292 -21.22 -26.09 -26.42
C ILE G 292 -21.87 -24.77 -26.00
N LYS G 293 -23.16 -24.83 -25.66
CA LYS G 293 -23.92 -23.65 -25.26
C LYS G 293 -24.11 -23.67 -23.75
N CYS G 294 -23.62 -22.63 -23.08
CA CYS G 294 -23.73 -22.48 -21.63
C CYS G 294 -24.59 -21.26 -21.33
N ILE G 295 -25.25 -21.27 -20.17
CA ILE G 295 -26.14 -20.17 -19.79
C ILE G 295 -26.23 -20.09 -18.27
N ARG G 296 -26.47 -18.88 -17.78
CA ARG G 296 -26.66 -18.55 -16.36
C ARG G 296 -28.07 -17.98 -16.30
N PRO G 297 -29.11 -18.81 -16.19
CA PRO G 297 -30.48 -18.29 -16.19
C PRO G 297 -30.84 -17.36 -15.05
N ASN G 298 -30.13 -17.39 -13.93
CA ASN G 298 -30.49 -16.51 -12.82
C ASN G 298 -30.27 -15.04 -13.22
N ASN G 299 -31.25 -14.21 -12.88
CA ASN G 299 -31.25 -12.78 -13.16
C ASN G 299 -31.12 -12.03 -11.83
N TYR G 300 -29.89 -11.80 -11.40
CA TYR G 300 -29.65 -11.10 -10.14
C TYR G 300 -29.61 -9.60 -10.33
N THR G 301 -29.75 -8.87 -9.22
CA THR G 301 -29.70 -7.42 -9.23
C THR G 301 -28.41 -6.97 -8.56
N ARG G 302 -27.56 -6.28 -9.32
CA ARG G 302 -26.29 -5.81 -8.77
C ARG G 302 -26.52 -4.63 -7.85
N LYS G 303 -25.98 -4.72 -6.63
CA LYS G 303 -26.07 -3.68 -5.62
C LYS G 303 -24.66 -3.30 -5.19
N SER G 304 -24.41 -1.99 -5.11
CA SER G 304 -23.12 -1.46 -4.73
C SER G 304 -23.23 -0.80 -3.35
N ILE G 305 -22.34 -1.21 -2.44
CA ILE G 305 -22.29 -0.68 -1.09
C ILE G 305 -20.89 -0.12 -0.87
N ARG G 306 -20.81 1.09 -0.35
CA ARG G 306 -19.52 1.75 -0.11
C ARG G 306 -18.94 1.26 1.20
N ILE G 307 -17.90 0.43 1.12
CA ILE G 307 -17.24 -0.10 2.31
C ILE G 307 -16.24 0.89 2.90
N GLY G 308 -15.76 1.84 2.10
CA GLY G 308 -14.81 2.82 2.57
C GLY G 308 -14.80 4.05 1.71
N PRO G 309 -13.99 5.06 2.07
CA PRO G 309 -13.94 6.28 1.27
C PRO G 309 -13.46 6.07 -0.16
N GLY G 310 -14.35 6.33 -1.12
CA GLY G 310 -14.01 6.20 -2.53
C GLY G 310 -13.94 4.79 -3.08
N GLN G 311 -14.42 3.79 -2.36
CA GLN G 311 -14.38 2.41 -2.84
C GLN G 311 -15.67 1.72 -2.42
N ALA G 312 -16.18 0.85 -3.29
CA ALA G 312 -17.41 0.12 -3.05
C ALA G 312 -17.24 -1.36 -3.36
N PHE G 313 -18.13 -2.16 -2.78
CA PHE G 313 -18.15 -3.61 -2.94
C PHE G 313 -19.43 -4.01 -3.65
N TYR G 314 -19.29 -4.70 -4.78
CA TYR G 314 -20.42 -5.14 -5.59
C TYR G 314 -20.79 -6.57 -5.20
N ALA G 315 -22.09 -6.81 -5.05
CA ALA G 315 -22.59 -8.13 -4.68
C ALA G 315 -23.96 -8.36 -5.30
N MET G 316 -24.37 -9.61 -5.20
CA MET G 316 -25.64 -10.02 -5.84
C MET G 316 -26.79 -9.66 -4.93
N GLY G 317 -27.77 -8.97 -5.48
CA GLY G 317 -28.97 -8.71 -4.68
C GLY G 317 -29.96 -9.82 -4.91
N ASP G 318 -31.23 -9.55 -4.64
CA ASP G 318 -32.26 -10.61 -4.74
C ASP G 318 -32.32 -11.13 -6.18
N ILE G 319 -32.94 -12.29 -6.36
CA ILE G 319 -33.03 -12.91 -7.71
C ILE G 319 -34.42 -12.60 -8.28
N ILE G 320 -34.51 -12.28 -9.58
CA ILE G 320 -35.81 -12.05 -10.22
C ILE G 320 -36.38 -13.39 -10.65
N GLY G 321 -37.66 -13.59 -10.37
CA GLY G 321 -38.31 -14.84 -10.74
C GLY G 321 -38.07 -15.94 -9.72
N ASP G 322 -37.44 -17.02 -10.15
CA ASP G 322 -37.15 -18.15 -9.28
C ASP G 322 -35.76 -18.68 -9.59
N ILE G 323 -35.25 -19.53 -8.68
CA ILE G 323 -33.92 -20.09 -8.84
C ILE G 323 -33.92 -21.11 -9.97
N ARG G 324 -32.84 -21.11 -10.75
CA ARG G 324 -32.67 -22.04 -11.86
C ARG G 324 -31.20 -22.45 -11.93
N GLN G 325 -30.99 -23.74 -12.20
CA GLN G 325 -29.63 -24.27 -12.26
C GLN G 325 -28.94 -23.92 -13.57
N ALA G 326 -27.67 -23.51 -13.46
CA ALA G 326 -26.88 -23.19 -14.64
C ALA G 326 -26.43 -24.49 -15.27
N HIS G 327 -26.33 -24.52 -16.60
CA HIS G 327 -25.94 -25.74 -17.28
C HIS G 327 -25.35 -25.42 -18.65
N CYS G 328 -24.85 -26.45 -19.30
CA CYS G 328 -24.25 -26.37 -20.62
C CYS G 328 -24.81 -27.48 -21.50
N ASN G 329 -25.19 -27.12 -22.72
CA ASN G 329 -25.75 -28.05 -23.69
C ASN G 329 -24.74 -28.41 -24.75
N VAL G 330 -24.87 -29.62 -25.30
CA VAL G 330 -23.99 -30.12 -26.35
C VAL G 330 -24.71 -31.24 -27.07
N SER G 331 -24.59 -31.24 -28.39
CA SER G 331 -25.25 -32.25 -29.22
C SER G 331 -24.70 -33.64 -28.90
N ARG G 332 -25.60 -34.59 -28.64
CA ARG G 332 -25.18 -35.95 -28.31
C ARG G 332 -24.64 -36.67 -29.54
N SER G 333 -25.33 -36.53 -30.68
CA SER G 333 -24.90 -37.20 -31.90
C SER G 333 -23.52 -36.74 -32.32
N ARG G 334 -23.29 -35.43 -32.30
CA ARG G 334 -21.98 -34.90 -32.70
C ARG G 334 -20.95 -35.11 -31.61
N TRP G 335 -21.38 -35.26 -30.35
CA TRP G 335 -20.43 -35.44 -29.22
C TRP G 335 -20.01 -36.90 -29.11
N ASN G 336 -20.93 -37.84 -29.28
CA ASN G 336 -20.57 -39.26 -29.05
C ASN G 336 -19.94 -39.75 -30.36
N LYS G 337 -20.08 -38.99 -31.43
CA LYS G 337 -19.44 -39.35 -32.72
C LYS G 337 -17.94 -39.17 -32.57
N THR G 338 -17.49 -38.02 -32.05
CA THR G 338 -16.07 -37.73 -31.95
C THR G 338 -15.38 -38.69 -31.00
N LEU G 339 -16.08 -39.10 -29.92
CA LEU G 339 -15.49 -40.04 -28.99
C LEU G 339 -15.11 -41.33 -29.70
N GLN G 340 -15.93 -41.76 -30.66
CA GLN G 340 -15.60 -42.96 -31.43
C GLN G 340 -14.34 -42.70 -32.25
N GLU G 341 -14.26 -41.53 -32.87
CA GLU G 341 -13.06 -41.18 -33.63
C GLU G 341 -11.87 -41.04 -32.71
N VAL G 342 -12.08 -40.47 -31.53
CA VAL G 342 -10.99 -40.32 -30.56
C VAL G 342 -10.61 -41.70 -30.02
N ALA G 343 -11.61 -42.56 -29.82
CA ALA G 343 -11.35 -43.91 -29.30
C ALA G 343 -10.55 -44.72 -30.30
N GLU G 344 -10.97 -44.73 -31.57
CA GLU G 344 -10.23 -45.50 -32.57
C GLU G 344 -8.83 -44.95 -32.78
N LYS G 345 -8.65 -43.63 -32.72
CA LYS G 345 -7.31 -43.07 -32.86
C LYS G 345 -6.43 -43.51 -31.70
N LEU G 346 -6.99 -43.52 -30.49
CA LEU G 346 -6.24 -43.97 -29.31
C LEU G 346 -5.93 -45.45 -29.41
N ARG G 347 -6.80 -46.20 -30.10
CA ARG G 347 -6.61 -47.64 -30.26
C ARG G 347 -5.32 -47.97 -30.99
N THR G 348 -4.85 -47.07 -31.86
CA THR G 348 -3.62 -47.33 -32.59
C THR G 348 -2.41 -47.45 -31.68
N TYR G 349 -2.44 -46.81 -30.51
CA TYR G 349 -1.34 -46.84 -29.56
C TYR G 349 -1.49 -47.93 -28.51
N PHE G 350 -2.55 -48.74 -28.55
CA PHE G 350 -2.76 -49.80 -27.57
C PHE G 350 -3.24 -51.11 -28.19
N GLY G 351 -3.00 -51.33 -29.48
CA GLY G 351 -3.42 -52.57 -30.10
C GLY G 351 -4.93 -52.70 -30.16
N ASN G 352 -5.42 -53.92 -30.04
CA ASN G 352 -6.84 -54.23 -30.10
C ASN G 352 -7.57 -53.96 -28.79
N LYS G 353 -6.91 -53.35 -27.81
CA LYS G 353 -7.58 -53.06 -26.54
C LYS G 353 -8.72 -52.07 -26.73
N THR G 354 -9.79 -52.24 -25.96
CA THR G 354 -10.93 -51.35 -26.04
C THR G 354 -10.64 -50.08 -25.25
N ILE G 355 -11.41 -49.03 -25.56
CA ILE G 355 -11.27 -47.71 -24.93
C ILE G 355 -12.47 -47.48 -24.03
N ILE G 356 -12.20 -47.01 -22.80
CA ILE G 356 -13.22 -46.73 -21.81
C ILE G 356 -13.00 -45.31 -21.30
N PHE G 357 -14.09 -44.54 -21.21
CA PHE G 357 -14.06 -43.16 -20.73
C PHE G 357 -14.82 -43.09 -19.41
N ALA G 358 -14.20 -42.50 -18.39
CA ALA G 358 -14.80 -42.35 -17.08
C ALA G 358 -14.51 -40.96 -16.53
N ASN G 359 -15.37 -40.51 -15.62
CA ASN G 359 -15.21 -39.20 -15.02
C ASN G 359 -13.95 -39.16 -14.16
N SER G 360 -13.61 -37.95 -13.69
CA SER G 360 -12.43 -37.78 -12.86
C SER G 360 -12.51 -38.61 -11.59
N SER G 361 -11.35 -38.88 -10.99
CA SER G 361 -11.28 -39.69 -9.78
C SER G 361 -11.36 -38.84 -8.51
N GLY G 362 -11.96 -37.65 -8.61
CA GLY G 362 -12.09 -36.78 -7.46
C GLY G 362 -10.89 -35.89 -7.24
N GLY G 363 -11.07 -34.91 -6.36
CA GLY G 363 -10.04 -33.95 -6.02
C GLY G 363 -10.61 -32.54 -5.95
N ASP G 364 -9.77 -31.57 -6.32
CA ASP G 364 -10.19 -30.18 -6.29
C ASP G 364 -11.26 -29.92 -7.34
N LEU G 365 -12.13 -28.94 -7.06
CA LEU G 365 -13.20 -28.61 -7.99
C LEU G 365 -12.65 -28.10 -9.32
N GLU G 366 -11.51 -27.42 -9.28
CA GLU G 366 -10.93 -26.89 -10.51
C GLU G 366 -10.52 -28.00 -11.47
N ILE G 367 -9.96 -29.08 -10.94
CA ILE G 367 -9.50 -30.18 -11.80
C ILE G 367 -10.59 -31.23 -12.04
N THR G 368 -11.56 -31.38 -11.13
CA THR G 368 -12.60 -32.38 -11.31
C THR G 368 -13.77 -31.91 -12.16
N THR G 369 -13.85 -30.61 -12.46
CA THR G 369 -14.95 -30.07 -13.25
C THR G 369 -14.40 -29.18 -14.36
N HIS G 370 -15.16 -29.11 -15.46
CA HIS G 370 -14.78 -28.29 -16.60
C HIS G 370 -14.96 -26.83 -16.25
N SER G 371 -13.87 -26.16 -15.88
CA SER G 371 -13.89 -24.76 -15.49
C SER G 371 -13.60 -23.87 -16.70
N PHE G 372 -14.33 -22.76 -16.79
CA PHE G 372 -14.16 -21.80 -17.87
C PHE G 372 -14.79 -20.48 -17.40
N ASN G 373 -15.00 -19.56 -18.34
CA ASN G 373 -15.56 -18.26 -17.97
C ASN G 373 -16.34 -17.69 -19.16
N CYS G 374 -17.60 -17.29 -18.91
CA CYS G 374 -18.47 -16.71 -19.94
C CYS G 374 -18.29 -15.18 -19.92
N GLY G 375 -17.02 -14.77 -19.97
CA GLY G 375 -16.73 -13.35 -19.96
C GLY G 375 -17.19 -12.60 -18.73
N GLY G 376 -16.92 -13.11 -17.53
CA GLY G 376 -17.33 -12.45 -16.29
C GLY G 376 -17.73 -13.39 -15.17
N GLU G 377 -18.29 -14.55 -15.51
CA GLU G 377 -18.70 -15.54 -14.50
C GLU G 377 -17.92 -16.82 -14.72
N PHE G 378 -17.30 -17.32 -13.64
CA PHE G 378 -16.49 -18.54 -13.70
C PHE G 378 -17.41 -19.74 -13.48
N PHE G 379 -17.49 -20.61 -14.49
CA PHE G 379 -18.32 -21.80 -14.43
C PHE G 379 -17.51 -23.00 -13.95
N TYR G 380 -18.23 -24.00 -13.44
CA TYR G 380 -17.65 -25.25 -12.96
C TYR G 380 -18.68 -26.32 -13.31
N CYS G 381 -18.53 -26.91 -14.50
CA CYS G 381 -19.46 -27.92 -15.00
C CYS G 381 -18.90 -29.33 -14.86
N ASN G 382 -19.76 -30.25 -14.46
CA ASN G 382 -19.38 -31.65 -14.29
C ASN G 382 -19.45 -32.35 -15.65
N THR G 383 -18.36 -33.00 -16.03
CA THR G 383 -18.26 -33.68 -17.32
C THR G 383 -18.56 -35.18 -17.24
N SER G 384 -19.18 -35.66 -16.16
CA SER G 384 -19.48 -37.07 -16.05
C SER G 384 -20.44 -37.55 -17.14
N GLY G 385 -21.30 -36.67 -17.67
CA GLY G 385 -22.22 -37.07 -18.71
C GLY G 385 -21.60 -37.23 -20.07
N LEU G 386 -20.34 -36.81 -20.23
CA LEU G 386 -19.63 -36.91 -21.51
C LEU G 386 -18.69 -38.11 -21.53
N PHE G 387 -17.77 -38.19 -20.57
CA PHE G 387 -16.81 -39.30 -20.50
C PHE G 387 -17.40 -40.48 -19.74
N ASN G 388 -18.51 -41.00 -20.27
CA ASN G 388 -19.22 -42.14 -19.69
C ASN G 388 -19.65 -43.06 -20.84
N SER G 389 -18.77 -43.98 -21.22
CA SER G 389 -19.03 -44.92 -22.29
C SER G 389 -17.82 -45.83 -22.48
N THR G 390 -18.04 -46.92 -23.20
CA THR G 390 -17.03 -47.90 -23.55
C THR G 390 -17.14 -48.16 -25.04
N TRP G 391 -16.00 -48.27 -25.71
CA TRP G 391 -15.96 -48.48 -27.17
C TRP G 391 -15.12 -49.70 -27.50
N TYR G 392 -15.74 -50.69 -28.16
CA TYR G 392 -15.05 -51.89 -28.54
C TYR G 392 -14.36 -51.69 -29.90
N VAL G 393 -13.63 -52.71 -30.34
CA VAL G 393 -12.86 -52.59 -31.61
C VAL G 393 -13.83 -52.34 -32.78
N ASN G 394 -15.02 -52.93 -32.72
CA ASN G 394 -15.99 -52.80 -33.84
C ASN G 394 -17.05 -51.76 -33.47
N SER G 395 -17.09 -51.36 -32.20
CA SER G 395 -18.16 -50.44 -31.74
C SER G 395 -18.34 -49.26 -32.69
N THR G 396 -19.58 -48.98 -33.10
CA THR G 396 -19.87 -47.83 -33.94
C THR G 396 -20.90 -46.96 -33.24
N TRP G 397 -20.73 -45.63 -33.38
CA TRP G 397 -21.65 -44.70 -32.74
C TRP G 397 -23.07 -44.83 -33.29
N ASN G 398 -23.21 -45.07 -34.58
CA ASN G 398 -24.52 -45.19 -35.22
C ASN G 398 -25.34 -43.92 -35.04
N SER G 406 -32.09 -35.69 -34.91
CA SER G 406 -32.60 -35.40 -33.53
C SER G 406 -31.60 -34.58 -32.75
N ASN G 407 -32.06 -33.91 -31.69
CA ASN G 407 -31.19 -33.10 -30.87
C ASN G 407 -30.57 -33.90 -29.72
N ASP G 408 -31.40 -34.35 -28.78
CA ASP G 408 -30.97 -35.15 -27.63
C ASP G 408 -29.73 -34.55 -26.96
N THR G 409 -29.68 -33.23 -26.86
CA THR G 409 -28.53 -32.53 -26.29
C THR G 409 -28.24 -32.99 -24.86
N ILE G 410 -26.96 -33.15 -24.56
CA ILE G 410 -26.52 -33.57 -23.23
C ILE G 410 -26.42 -32.33 -22.35
N THR G 411 -27.04 -32.38 -21.17
CA THR G 411 -27.03 -31.27 -20.23
C THR G 411 -26.04 -31.56 -19.11
N LEU G 412 -25.14 -30.59 -18.87
CA LEU G 412 -24.11 -30.69 -17.84
C LEU G 412 -24.40 -29.72 -16.70
N PRO G 413 -24.73 -30.17 -15.48
CA PRO G 413 -24.97 -29.19 -14.41
C PRO G 413 -23.69 -28.44 -14.09
N CYS G 414 -23.83 -27.19 -13.69
CA CYS G 414 -22.67 -26.35 -13.39
C CYS G 414 -22.83 -25.54 -12.12
N ARG G 415 -21.71 -25.30 -11.46
CA ARG G 415 -21.60 -24.51 -10.25
C ARG G 415 -20.84 -23.23 -10.60
N ILE G 416 -21.09 -22.17 -9.82
CA ILE G 416 -20.45 -20.88 -10.05
C ILE G 416 -19.83 -20.40 -8.75
N LYS G 417 -18.65 -19.80 -8.86
CA LYS G 417 -17.91 -19.27 -7.72
C LYS G 417 -17.44 -17.85 -7.99
N GLN G 418 -17.38 -17.06 -6.92
CA GLN G 418 -16.90 -15.69 -6.95
C GLN G 418 -15.47 -15.61 -6.43
N ILE G 419 -15.17 -16.31 -5.34
CA ILE G 419 -13.83 -16.37 -4.78
C ILE G 419 -13.12 -17.46 -5.57
N ILE G 420 -12.07 -17.09 -6.31
CA ILE G 420 -11.36 -18.04 -7.16
C ILE G 420 -9.85 -17.86 -7.07
N ASN G 421 -9.13 -18.93 -7.36
CA ASN G 421 -7.67 -19.01 -7.40
C ASN G 421 -7.39 -19.57 -8.79
N MET G 422 -7.04 -18.69 -9.72
CA MET G 422 -6.84 -19.08 -11.12
C MET G 422 -5.64 -20.01 -11.31
N TRP G 423 -4.48 -19.63 -10.77
CA TRP G 423 -3.24 -20.37 -10.98
C TRP G 423 -2.84 -21.29 -9.83
N GLN G 424 -3.81 -21.85 -9.10
CA GLN G 424 -3.58 -22.77 -8.01
C GLN G 424 -2.59 -22.23 -6.96
N ARG G 425 -2.46 -20.93 -6.84
CA ARG G 425 -1.52 -20.35 -5.89
C ARG G 425 -2.17 -20.17 -4.52
N ALA G 426 -1.36 -20.32 -3.47
CA ALA G 426 -1.88 -20.13 -2.12
C ALA G 426 -2.10 -18.63 -1.92
N GLY G 427 -3.29 -18.28 -1.47
CA GLY G 427 -3.54 -16.86 -1.32
C GLY G 427 -3.69 -16.26 -2.71
N GLN G 428 -3.56 -14.94 -2.78
CA GLN G 428 -3.69 -14.21 -4.05
C GLN G 428 -5.04 -14.47 -4.70
N CYS G 429 -6.07 -14.70 -3.90
CA CYS G 429 -7.40 -14.96 -4.44
C CYS G 429 -8.01 -13.69 -5.02
N MET G 430 -9.06 -13.88 -5.82
CA MET G 430 -9.78 -12.80 -6.47
C MET G 430 -11.27 -13.01 -6.33
N TYR G 431 -12.00 -11.91 -6.18
CA TYR G 431 -13.44 -11.91 -6.06
C TYR G 431 -14.02 -11.38 -7.36
N ALA G 432 -14.81 -12.21 -8.05
CA ALA G 432 -15.40 -11.82 -9.32
C ALA G 432 -16.75 -11.15 -9.07
N PRO G 433 -16.95 -9.87 -9.42
CA PRO G 433 -18.24 -9.24 -9.18
C PRO G 433 -19.31 -9.88 -10.05
N PRO G 434 -20.58 -9.86 -9.61
CA PRO G 434 -21.63 -10.47 -10.44
C PRO G 434 -21.96 -9.63 -11.65
N ILE G 435 -22.30 -10.31 -12.74
CA ILE G 435 -22.67 -9.65 -14.00
C ILE G 435 -24.19 -9.52 -14.00
N PRO G 436 -24.76 -8.31 -14.13
CA PRO G 436 -26.22 -8.20 -14.11
C PRO G 436 -26.87 -8.85 -15.32
N GLY G 437 -28.09 -9.34 -15.11
CA GLY G 437 -28.84 -9.98 -16.17
C GLY G 437 -28.36 -11.38 -16.50
N VAL G 438 -29.07 -12.00 -17.44
CA VAL G 438 -28.75 -13.34 -17.89
C VAL G 438 -27.60 -13.27 -18.89
N ILE G 439 -26.68 -14.23 -18.79
CA ILE G 439 -25.51 -14.28 -19.68
C ILE G 439 -25.45 -15.66 -20.36
N LYS G 440 -25.03 -15.63 -21.62
CA LYS G 440 -24.91 -16.84 -22.44
C LYS G 440 -23.62 -16.75 -23.25
N CYS G 441 -22.91 -17.87 -23.35
CA CYS G 441 -21.67 -17.90 -24.10
C CYS G 441 -21.54 -19.23 -24.83
N GLU G 442 -21.25 -19.17 -26.12
CA GLU G 442 -21.06 -20.35 -26.96
C GLU G 442 -19.57 -20.51 -27.19
N SER G 443 -19.08 -21.74 -27.02
CA SER G 443 -17.67 -22.05 -27.18
C SER G 443 -17.47 -23.19 -28.16
N ASN G 444 -16.29 -23.22 -28.76
CA ASN G 444 -15.90 -24.25 -29.72
C ASN G 444 -14.93 -25.21 -29.04
N ILE G 445 -15.40 -26.43 -28.77
CA ILE G 445 -14.54 -27.43 -28.14
C ILE G 445 -13.66 -28.04 -29.23
N THR G 446 -12.36 -27.77 -29.16
CA THR G 446 -11.40 -28.25 -30.15
C THR G 446 -10.35 -29.20 -29.59
N GLY G 447 -10.37 -29.48 -28.28
CA GLY G 447 -9.38 -30.39 -27.73
C GLY G 447 -9.80 -30.86 -26.36
N LEU G 448 -9.15 -31.95 -25.93
CA LEU G 448 -9.43 -32.56 -24.63
C LEU G 448 -8.13 -32.93 -23.94
N LEU G 449 -8.16 -32.88 -22.62
CA LEU G 449 -7.02 -33.24 -21.77
C LEU G 449 -7.38 -34.56 -21.11
N LEU G 450 -6.70 -35.62 -21.50
CA LEU G 450 -6.97 -36.97 -21.00
C LEU G 450 -5.84 -37.49 -20.12
N THR G 451 -6.20 -38.41 -19.24
CA THR G 451 -5.29 -39.06 -18.31
C THR G 451 -5.65 -40.54 -18.28
N ARG G 452 -4.65 -41.41 -18.48
CA ARG G 452 -4.84 -42.85 -18.50
C ARG G 452 -4.48 -43.44 -17.14
N ASP G 453 -5.36 -44.28 -16.61
CA ASP G 453 -5.13 -44.90 -15.32
C ASP G 453 -3.95 -45.86 -15.39
N GLY G 454 -3.29 -46.07 -14.25
CA GLY G 454 -2.16 -46.96 -14.17
C GLY G 454 -2.56 -48.42 -14.02
N GLY G 455 -3.04 -49.02 -15.10
CA GLY G 455 -3.43 -50.40 -15.08
C GLY G 455 -2.25 -51.34 -15.06
N LYS G 456 -2.55 -52.63 -15.02
CA LYS G 456 -1.54 -53.68 -14.99
C LYS G 456 -1.04 -54.05 -16.39
N ASP G 457 -1.60 -53.45 -17.44
CA ASP G 457 -1.21 -53.68 -18.84
C ASP G 457 -1.67 -55.02 -19.40
N ASN G 458 -2.22 -55.91 -18.57
CA ASN G 458 -2.68 -57.21 -19.06
C ASN G 458 -4.18 -57.23 -19.34
N ASN G 459 -4.88 -56.13 -19.05
CA ASN G 459 -6.32 -56.09 -19.27
C ASN G 459 -6.62 -55.94 -20.75
N VAL G 460 -7.88 -56.22 -21.11
CA VAL G 460 -8.34 -56.10 -22.49
C VAL G 460 -8.97 -54.74 -22.77
N ASN G 461 -8.73 -53.75 -21.90
CA ASN G 461 -9.29 -52.43 -22.07
C ASN G 461 -8.38 -51.40 -21.43
N GLU G 462 -8.60 -50.13 -21.78
CA GLU G 462 -7.85 -49.00 -21.26
C GLU G 462 -8.84 -47.92 -20.84
N THR G 463 -8.66 -47.41 -19.63
CA THR G 463 -9.54 -46.38 -19.07
C THR G 463 -8.85 -45.02 -19.16
N PHE G 464 -9.61 -44.02 -19.61
CA PHE G 464 -9.14 -42.65 -19.74
C PHE G 464 -10.03 -41.75 -18.87
N ARG G 465 -9.42 -40.72 -18.28
CA ARG G 465 -10.12 -39.79 -17.41
C ARG G 465 -9.84 -38.36 -17.84
N PRO G 466 -10.80 -37.44 -17.71
CA PRO G 466 -10.52 -36.05 -18.08
C PRO G 466 -9.66 -35.44 -16.98
N GLY G 467 -8.38 -35.28 -17.24
CA GLY G 467 -7.43 -34.75 -16.28
C GLY G 467 -7.20 -33.26 -16.47
N GLY G 468 -7.17 -32.54 -15.34
CA GLY G 468 -6.92 -31.11 -15.40
C GLY G 468 -5.49 -30.79 -15.79
N GLY G 469 -4.56 -31.68 -15.44
CA GLY G 469 -3.16 -31.48 -15.76
C GLY G 469 -2.64 -30.19 -15.14
N ASP G 470 -1.85 -29.47 -15.93
CA ASP G 470 -1.26 -28.20 -15.53
C ASP G 470 -1.78 -27.10 -16.44
N MET G 471 -1.82 -25.88 -15.92
CA MET G 471 -2.32 -24.76 -16.72
C MET G 471 -1.46 -24.53 -17.96
N ARG G 472 -0.19 -24.93 -17.91
CA ARG G 472 0.69 -24.76 -19.06
C ARG G 472 0.23 -25.60 -20.25
N ASP G 473 -0.52 -26.66 -20.01
CA ASP G 473 -1.01 -27.49 -21.11
C ASP G 473 -1.91 -26.71 -22.04
N ASN G 474 -2.67 -25.75 -21.53
CA ASN G 474 -3.55 -24.95 -22.37
C ASN G 474 -2.73 -24.15 -23.38
N TRP G 475 -1.61 -23.58 -22.93
CA TRP G 475 -0.76 -22.82 -23.84
C TRP G 475 0.02 -23.77 -24.74
N ARG G 476 0.44 -24.90 -24.21
CA ARG G 476 1.20 -25.89 -24.98
C ARG G 476 0.39 -26.46 -26.13
N SER G 477 -0.95 -26.47 -26.02
CA SER G 477 -1.77 -27.00 -27.09
C SER G 477 -1.77 -26.09 -28.32
N GLU G 478 -1.39 -24.82 -28.17
CA GLU G 478 -1.35 -23.86 -29.26
C GLU G 478 0.06 -23.52 -29.71
N LEU G 479 1.05 -23.64 -28.82
CA LEU G 479 2.43 -23.32 -29.14
C LEU G 479 3.26 -24.53 -29.53
N TYR G 480 2.62 -25.70 -29.71
CA TYR G 480 3.37 -26.89 -30.09
C TYR G 480 3.98 -26.75 -31.48
N LYS G 481 3.40 -25.91 -32.33
CA LYS G 481 3.86 -25.70 -33.69
C LYS G 481 4.96 -24.65 -33.83
N TYR G 482 5.36 -23.99 -32.74
CA TYR G 482 6.37 -22.95 -32.79
C TYR G 482 7.58 -23.27 -31.91
N LYS G 483 8.68 -22.58 -32.22
CA LYS G 483 9.95 -22.68 -31.50
C LYS G 483 10.75 -21.44 -31.84
N VAL G 484 11.44 -20.89 -30.85
CA VAL G 484 12.25 -19.69 -31.01
C VAL G 484 13.71 -20.09 -31.20
N VAL G 485 14.37 -19.47 -32.18
CA VAL G 485 15.76 -19.74 -32.51
C VAL G 485 16.50 -18.43 -32.68
N GLU G 486 17.80 -18.44 -32.41
CA GLU G 486 18.65 -17.26 -32.54
C GLU G 486 19.48 -17.40 -33.82
N ILE G 487 19.31 -16.46 -34.74
CA ILE G 487 20.05 -16.51 -35.99
C ILE G 487 21.47 -15.99 -35.79
N GLU G 488 22.43 -16.69 -36.40
CA GLU G 488 23.85 -16.36 -36.34
C GLU G 488 24.27 -15.80 -37.69
N PRO G 489 24.08 -14.49 -37.94
CA PRO G 489 24.45 -13.94 -39.24
C PRO G 489 25.94 -14.04 -39.57
N LEU G 490 26.81 -14.19 -38.57
CA LEU G 490 28.25 -14.28 -38.82
C LEU G 490 28.60 -15.74 -39.14
N GLY G 491 29.13 -15.97 -40.33
CA GLY G 491 29.54 -17.28 -40.78
C GLY G 491 30.97 -17.26 -41.25
N VAL G 492 31.63 -18.42 -41.28
CA VAL G 492 33.02 -18.54 -41.70
C VAL G 492 33.15 -19.74 -42.62
N ALA G 493 33.81 -19.55 -43.77
CA ALA G 493 34.02 -20.62 -44.72
C ALA G 493 35.23 -20.28 -45.58
N PRO G 494 35.93 -21.27 -46.13
CA PRO G 494 37.10 -20.96 -46.96
C PRO G 494 36.77 -20.84 -48.43
N THR G 495 37.69 -20.23 -49.17
CA THR G 495 37.54 -20.04 -50.61
C THR G 495 38.85 -19.48 -51.15
N ARG G 496 39.12 -19.80 -52.42
CA ARG G 496 40.35 -19.34 -53.07
C ARG G 496 40.26 -17.85 -53.41
N CYS G 497 40.27 -17.01 -52.39
CA CYS G 497 40.20 -15.57 -52.56
C CYS G 497 41.59 -15.00 -52.80
N LYS G 498 41.69 -13.67 -52.81
CA LYS G 498 42.94 -12.95 -53.01
C LYS G 498 43.62 -13.33 -54.33
N ARG G 499 42.85 -13.32 -55.42
CA ARG G 499 43.38 -13.65 -56.74
C ARG G 499 43.75 -12.39 -57.50
N ARG H 8 12.47 -14.48 -55.73
CA ARG H 8 13.23 -13.94 -54.56
C ARG H 8 12.47 -14.24 -53.28
N ARG H 9 13.03 -15.11 -52.46
CA ARG H 9 12.40 -15.48 -51.21
C ARG H 9 12.47 -14.33 -50.20
N GLY H 10 11.78 -14.50 -49.08
CA GLY H 10 11.75 -13.51 -48.04
C GLY H 10 12.92 -13.69 -47.09
N PHE H 11 12.71 -13.25 -45.84
CA PHE H 11 13.75 -13.35 -44.83
C PHE H 11 14.00 -14.79 -44.44
N LEU H 12 15.28 -15.18 -44.42
CA LEU H 12 15.71 -16.52 -44.04
C LEU H 12 15.13 -17.59 -44.95
N GLY H 13 14.74 -17.22 -46.17
CA GLY H 13 14.18 -18.19 -47.08
C GLY H 13 15.20 -19.09 -47.76
N ALA H 14 16.47 -18.66 -47.80
CA ALA H 14 17.53 -19.45 -48.43
C ALA H 14 18.23 -20.38 -47.45
N ALA H 15 17.57 -20.79 -46.37
CA ALA H 15 18.20 -21.68 -45.39
C ALA H 15 18.43 -23.08 -45.94
N GLY H 16 17.62 -23.53 -46.89
CA GLY H 16 17.78 -24.85 -47.45
C GLY H 16 18.63 -24.94 -48.69
N SER H 17 18.89 -23.81 -49.34
CA SER H 17 19.71 -23.82 -50.54
C SER H 17 21.17 -24.08 -50.18
N THR H 18 21.93 -24.47 -51.21
CA THR H 18 23.35 -24.75 -51.00
C THR H 18 24.09 -23.48 -50.60
N MET H 19 25.35 -23.67 -50.18
CA MET H 19 26.16 -22.54 -49.75
C MET H 19 26.35 -21.52 -50.88
N GLY H 20 26.67 -22.00 -52.08
CA GLY H 20 26.88 -21.08 -53.19
C GLY H 20 25.65 -20.28 -53.54
N ALA H 21 24.47 -20.88 -53.44
CA ALA H 21 23.23 -20.17 -53.77
C ALA H 21 22.68 -19.38 -52.58
N ALA H 22 23.20 -19.60 -51.37
CA ALA H 22 22.69 -18.87 -50.21
C ALA H 22 23.34 -17.50 -50.08
N SER H 23 24.56 -17.33 -50.61
CA SER H 23 25.25 -16.05 -50.52
C SER H 23 24.63 -14.97 -51.38
N ILE H 24 23.67 -15.30 -52.25
CA ILE H 24 23.06 -14.29 -53.10
C ILE H 24 22.03 -13.46 -52.35
N THR H 25 21.53 -13.96 -51.21
CA THR H 25 20.51 -13.28 -50.42
C THR H 25 20.99 -12.71 -49.09
N LEU H 26 22.31 -12.64 -48.86
CA LEU H 26 22.85 -12.14 -47.60
C LEU H 26 22.22 -10.83 -47.11
N THR H 27 21.91 -9.92 -48.04
CA THR H 27 21.33 -8.64 -47.66
C THR H 27 19.95 -8.80 -47.03
N VAL H 28 19.15 -9.78 -47.47
CA VAL H 28 17.82 -9.94 -46.90
C VAL H 28 17.88 -10.32 -45.43
N GLN H 29 18.91 -11.06 -45.01
CA GLN H 29 19.03 -11.43 -43.60
C GLN H 29 19.75 -10.35 -42.81
N ALA H 30 20.70 -9.66 -43.45
CA ALA H 30 21.43 -8.61 -42.73
C ALA H 30 20.55 -7.39 -42.47
N ARG H 31 19.59 -7.12 -43.36
CA ARG H 31 18.73 -5.96 -43.17
C ARG H 31 17.71 -6.15 -42.05
N GLN H 32 17.30 -7.39 -41.79
CA GLN H 32 16.30 -7.66 -40.76
C GLN H 32 16.90 -7.84 -39.36
N LEU H 33 18.18 -7.56 -39.15
CA LEU H 33 18.75 -7.72 -37.83
C LEU H 33 18.28 -6.66 -36.83
N LEU H 34 17.61 -5.59 -37.30
CA LEU H 34 17.10 -4.54 -36.44
C LEU H 34 15.70 -4.10 -36.87
N SER H 35 14.98 -4.93 -37.62
CA SER H 35 13.64 -4.61 -38.08
C SER H 35 12.80 -5.86 -38.23
N GLN H 52 4.13 3.00 -30.15
CA GLN H 52 3.93 4.22 -29.31
C GLN H 52 5.27 4.76 -28.83
N HIS H 53 5.47 6.06 -29.02
CA HIS H 53 6.71 6.68 -28.58
C HIS H 53 6.89 6.60 -27.06
N LEU H 54 5.81 6.77 -26.30
CA LEU H 54 5.91 6.68 -24.85
C LEU H 54 6.06 5.22 -24.43
N LEU H 55 6.43 5.03 -23.16
CA LEU H 55 6.60 3.70 -22.59
C LEU H 55 6.00 3.68 -21.19
N LYS H 56 5.05 2.77 -20.97
CA LYS H 56 4.40 2.64 -19.67
C LYS H 56 5.23 1.84 -18.68
N LEU H 57 6.22 1.07 -19.16
CA LEU H 57 7.08 0.26 -18.32
C LEU H 57 6.30 -0.77 -17.51
N GLY H 58 5.21 -1.28 -18.09
CA GLY H 58 4.41 -2.30 -17.44
C GLY H 58 4.95 -3.68 -17.73
N VAL H 59 4.06 -4.67 -17.64
CA VAL H 59 4.48 -6.05 -17.92
C VAL H 59 4.92 -6.17 -19.37
N TRP H 60 4.09 -5.66 -20.29
CA TRP H 60 4.46 -5.70 -21.70
C TRP H 60 5.52 -4.67 -22.03
N GLY H 61 5.47 -3.50 -21.41
CA GLY H 61 6.47 -2.48 -21.69
C GLY H 61 7.88 -2.92 -21.29
N ILE H 62 8.00 -3.60 -20.15
CA ILE H 62 9.31 -4.05 -19.70
C ILE H 62 9.89 -5.06 -20.68
N LYS H 63 9.04 -6.00 -21.16
CA LYS H 63 9.52 -6.99 -22.11
C LYS H 63 9.98 -6.33 -23.41
N GLN H 64 9.22 -5.35 -23.90
CA GLN H 64 9.61 -4.67 -25.13
C GLN H 64 10.91 -3.91 -24.93
N LEU H 65 11.07 -3.28 -23.77
CA LEU H 65 12.30 -2.53 -23.51
C LEU H 65 13.51 -3.46 -23.54
N GLN H 66 13.38 -4.63 -22.90
CA GLN H 66 14.49 -5.59 -22.91
C GLN H 66 14.74 -6.09 -24.32
N ALA H 67 13.66 -6.31 -25.08
CA ALA H 67 13.81 -6.80 -26.46
C ALA H 67 14.56 -5.78 -27.31
N ARG H 68 14.23 -4.50 -27.17
CA ARG H 68 14.91 -3.47 -27.95
C ARG H 68 16.38 -3.37 -27.57
N VAL H 69 16.67 -3.40 -26.27
CA VAL H 69 18.05 -3.33 -25.81
C VAL H 69 18.81 -4.58 -26.24
N LEU H 70 18.17 -5.74 -26.10
CA LEU H 70 18.81 -7.00 -26.49
C LEU H 70 19.12 -7.01 -27.98
N ALA H 71 18.20 -6.49 -28.80
CA ALA H 71 18.42 -6.47 -30.24
C ALA H 71 19.61 -5.59 -30.60
N VAL H 72 19.74 -4.43 -29.95
CA VAL H 72 20.85 -3.54 -30.23
C VAL H 72 22.17 -4.20 -29.85
N GLU H 73 22.21 -4.85 -28.69
CA GLU H 73 23.43 -5.53 -28.25
C GLU H 73 23.82 -6.64 -29.21
N ARG H 74 22.85 -7.42 -29.65
CA ARG H 74 23.15 -8.50 -30.59
C ARG H 74 23.73 -7.95 -31.88
N TYR H 75 23.16 -6.86 -32.38
CA TYR H 75 23.67 -6.26 -33.60
C TYR H 75 25.08 -5.72 -33.40
N LEU H 76 25.31 -5.02 -32.28
CA LEU H 76 26.63 -4.48 -32.00
C LEU H 76 27.64 -5.57 -31.67
N ARG H 77 27.18 -6.68 -31.07
CA ARG H 77 28.09 -7.77 -30.74
C ARG H 77 28.73 -8.34 -32.00
N ASP H 78 27.94 -8.52 -33.06
CA ASP H 78 28.48 -9.03 -34.31
C ASP H 78 29.12 -7.94 -35.14
N GLN H 79 28.66 -6.70 -34.99
CA GLN H 79 29.22 -5.59 -35.75
C GLN H 79 30.62 -5.23 -35.26
N GLN H 80 30.84 -5.28 -33.94
CA GLN H 80 32.17 -4.93 -33.43
C GLN H 80 33.22 -5.92 -33.92
N LEU H 81 32.84 -7.18 -34.11
CA LEU H 81 33.81 -8.17 -34.60
C LEU H 81 34.27 -7.79 -36.01
N LEU H 82 33.34 -7.35 -36.86
CA LEU H 82 33.71 -6.96 -38.20
C LEU H 82 34.57 -5.69 -38.18
N GLY H 83 34.33 -4.81 -37.21
CA GLY H 83 35.10 -3.59 -37.11
C GLY H 83 36.57 -3.86 -36.82
N ILE H 84 36.84 -4.69 -35.80
CA ILE H 84 38.22 -5.01 -35.47
C ILE H 84 38.85 -5.83 -36.58
N TRP H 85 38.08 -6.71 -37.24
CA TRP H 85 38.60 -7.51 -38.33
C TRP H 85 38.86 -6.71 -39.59
N GLY H 86 38.44 -5.45 -39.64
CA GLY H 86 38.65 -4.63 -40.81
C GLY H 86 37.68 -4.90 -41.94
N CYS H 87 36.53 -5.50 -41.65
CA CYS H 87 35.53 -5.82 -42.66
C CYS H 87 34.22 -5.08 -42.43
N SER H 88 34.22 -4.00 -41.65
CA SER H 88 32.99 -3.25 -41.42
C SER H 88 32.49 -2.66 -42.73
N GLY H 89 31.18 -2.75 -42.94
CA GLY H 89 30.58 -2.24 -44.16
C GLY H 89 30.72 -3.16 -45.35
N LYS H 90 31.17 -4.40 -45.14
CA LYS H 90 31.34 -5.38 -46.20
C LYS H 90 30.57 -6.64 -45.85
N LEU H 91 29.77 -7.12 -46.80
CA LEU H 91 29.01 -8.34 -46.59
C LEU H 91 29.89 -9.58 -46.68
N ILE H 92 30.95 -9.51 -47.49
CA ILE H 92 31.90 -10.59 -47.69
C ILE H 92 33.29 -9.97 -47.68
N CYS H 93 34.24 -10.65 -47.03
CA CYS H 93 35.60 -10.15 -46.97
C CYS H 93 36.55 -11.32 -46.76
N CYS H 94 37.74 -11.20 -47.32
CA CYS H 94 38.79 -12.20 -47.23
C CYS H 94 39.90 -11.71 -46.33
N THR H 95 40.35 -12.57 -45.42
CA THR H 95 41.41 -12.23 -44.47
C THR H 95 42.68 -12.98 -44.83
N ASN H 96 43.76 -12.68 -44.09
CA ASN H 96 45.06 -13.28 -44.31
C ASN H 96 45.25 -14.61 -43.60
N VAL H 97 44.29 -15.09 -42.84
CA VAL H 97 44.44 -16.36 -42.14
C VAL H 97 44.24 -17.52 -43.11
N PRO H 98 45.25 -18.36 -43.39
CA PRO H 98 45.01 -19.48 -44.31
C PRO H 98 44.12 -20.52 -43.68
N TRP H 99 43.45 -21.30 -44.53
CA TRP H 99 42.55 -22.34 -44.05
C TRP H 99 43.34 -23.58 -43.64
N ASN H 100 43.30 -23.90 -42.36
CA ASN H 100 43.99 -25.07 -41.83
C ASN H 100 43.13 -26.30 -42.13
N SER H 101 43.71 -27.29 -42.82
CA SER H 101 42.97 -28.50 -43.16
C SER H 101 42.45 -29.24 -41.94
N SER H 102 43.07 -29.05 -40.77
CA SER H 102 42.61 -29.73 -39.57
C SER H 102 41.18 -29.35 -39.22
N TRP H 103 40.79 -28.10 -39.47
CA TRP H 103 39.42 -27.67 -39.16
C TRP H 103 38.42 -28.42 -40.03
N SER H 104 38.72 -28.59 -41.31
CA SER H 104 37.83 -29.29 -42.24
C SER H 104 38.63 -29.68 -43.46
N ASN H 105 38.68 -30.98 -43.76
CA ASN H 105 39.43 -31.49 -44.91
C ASN H 105 38.58 -31.64 -46.17
N LYS H 106 37.31 -31.23 -46.14
CA LYS H 106 36.47 -31.36 -47.31
C LYS H 106 36.91 -30.42 -48.42
N SER H 107 36.66 -30.83 -49.65
CA SER H 107 37.05 -30.05 -50.82
C SER H 107 36.21 -28.77 -50.95
N LEU H 108 36.51 -28.01 -52.00
CA LEU H 108 35.82 -26.75 -52.26
C LEU H 108 34.56 -26.97 -53.10
N ASP H 109 34.58 -27.96 -53.97
CA ASP H 109 33.43 -28.19 -54.84
C ASP H 109 32.24 -28.74 -54.06
N GLU H 110 32.48 -29.63 -53.09
CA GLU H 110 31.36 -30.19 -52.34
C GLU H 110 30.86 -29.27 -51.25
N ILE H 111 31.67 -28.31 -50.80
CA ILE H 111 31.23 -27.41 -49.73
C ILE H 111 30.39 -26.26 -50.28
N TRP H 112 30.78 -25.71 -51.44
CA TRP H 112 30.05 -24.57 -52.00
C TRP H 112 28.94 -24.95 -52.98
N ASN H 113 28.81 -26.23 -53.36
CA ASN H 113 27.77 -26.64 -54.31
C ASN H 113 26.92 -27.81 -53.86
N ASN H 114 27.22 -28.43 -52.71
CA ASN H 114 26.44 -29.57 -52.24
C ASN H 114 25.96 -29.41 -50.80
N MET H 115 26.80 -28.82 -49.95
CA MET H 115 26.45 -28.63 -48.55
C MET H 115 25.84 -27.25 -48.31
N THR H 116 25.03 -27.16 -47.25
CA THR H 116 24.37 -25.92 -46.85
C THR H 116 25.07 -25.33 -45.63
N TRP H 117 24.71 -24.10 -45.29
CA TRP H 117 25.32 -23.41 -44.16
C TRP H 117 24.99 -24.08 -42.83
N LEU H 118 23.77 -24.59 -42.68
CA LEU H 118 23.38 -25.22 -41.42
C LEU H 118 24.25 -26.43 -41.09
N GLN H 119 24.54 -27.28 -42.08
CA GLN H 119 25.38 -28.44 -41.83
C GLN H 119 26.82 -28.06 -41.56
N TRP H 120 27.27 -26.96 -42.17
CA TRP H 120 28.66 -26.52 -41.97
C TRP H 120 28.83 -25.83 -40.61
N ASP H 121 27.77 -25.22 -40.09
CA ASP H 121 27.87 -24.52 -38.81
C ASP H 121 28.24 -25.46 -37.68
N LYS H 122 27.67 -26.67 -37.67
CA LYS H 122 27.95 -27.63 -36.61
C LYS H 122 29.34 -28.28 -36.75
N GLU H 123 30.02 -28.07 -37.88
CA GLU H 123 31.34 -28.65 -38.08
C GLU H 123 32.45 -27.71 -37.62
N ILE H 124 32.28 -26.42 -37.89
CA ILE H 124 33.28 -25.42 -37.51
C ILE H 124 33.01 -24.81 -36.14
N GLY H 125 31.88 -25.13 -35.50
CA GLY H 125 31.56 -24.59 -34.19
C GLY H 125 32.70 -24.85 -33.21
N ASN H 126 33.34 -26.01 -33.31
CA ASN H 126 34.45 -26.31 -32.41
C ASN H 126 35.62 -25.37 -32.63
N TYR H 127 35.93 -25.04 -33.88
CA TYR H 127 37.04 -24.16 -34.22
C TYR H 127 36.62 -22.72 -34.51
N THR H 128 35.36 -22.36 -34.25
CA THR H 128 34.92 -20.99 -34.53
C THR H 128 35.63 -19.99 -33.65
N GLN H 129 35.77 -20.30 -32.35
CA GLN H 129 36.43 -19.37 -31.43
C GLN H 129 37.90 -19.17 -31.80
N LEU H 130 38.62 -20.24 -32.15
CA LEU H 130 40.02 -20.10 -32.50
C LEU H 130 40.19 -19.28 -33.78
N ILE H 131 39.31 -19.50 -34.75
CA ILE H 131 39.40 -18.74 -36.01
C ILE H 131 39.14 -17.27 -35.75
N TYR H 132 38.21 -16.95 -34.85
CA TYR H 132 37.93 -15.56 -34.53
C TYR H 132 39.16 -14.86 -33.98
N ARG H 133 39.87 -15.53 -33.07
CA ARG H 133 41.07 -14.92 -32.50
C ARG H 133 42.16 -14.82 -33.56
N LEU H 134 42.34 -15.84 -34.39
CA LEU H 134 43.38 -15.83 -35.40
C LEU H 134 43.20 -14.67 -36.38
N ILE H 135 41.96 -14.29 -36.66
CA ILE H 135 41.71 -13.20 -37.60
C ILE H 135 42.00 -11.84 -36.97
N GLU H 136 42.08 -11.79 -35.64
CA GLU H 136 42.30 -10.51 -34.96
C GLU H 136 43.74 -10.01 -35.12
N GLU H 137 44.71 -10.70 -34.53
CA GLU H 137 46.09 -10.24 -34.66
C GLU H 137 46.55 -10.26 -36.10
N SER H 138 45.97 -11.12 -36.94
CA SER H 138 46.36 -11.15 -38.35
C SER H 138 46.07 -9.82 -39.03
N GLN H 139 45.06 -9.08 -38.54
CA GLN H 139 44.69 -7.78 -39.07
C GLN H 139 45.41 -6.68 -38.30
N ASN H 140 45.54 -6.85 -36.99
CA ASN H 140 46.23 -5.85 -36.16
C ASN H 140 47.70 -5.74 -36.57
N GLN H 141 48.35 -6.88 -36.78
CA GLN H 141 49.76 -6.86 -37.18
C GLN H 141 49.91 -6.19 -38.55
N GLN H 142 48.98 -6.46 -39.46
CA GLN H 142 49.04 -5.85 -40.79
C GLN H 142 48.88 -4.34 -40.69
N GLU H 143 48.00 -3.88 -39.79
CA GLU H 143 47.78 -2.45 -39.62
C GLU H 143 49.05 -1.75 -39.16
N LYS H 144 49.69 -2.28 -38.12
CA LYS H 144 50.92 -1.69 -37.61
C LYS H 144 52.07 -1.85 -38.59
N ASN H 145 52.04 -2.87 -39.45
CA ASN H 145 53.10 -3.07 -40.43
C ASN H 145 53.01 -2.06 -41.57
N GLU H 146 51.80 -1.81 -42.07
CA GLU H 146 51.63 -0.86 -43.16
C GLU H 146 51.61 0.57 -42.65
N LYS H 147 50.83 0.85 -41.62
CA LYS H 147 50.74 2.16 -41.02
C LYS H 147 51.79 2.29 -39.93
N GLU H 148 51.88 3.47 -39.32
CA GLU H 148 52.88 3.72 -38.27
C GLU H 148 54.28 3.47 -38.81
N LEU H 149 54.65 4.29 -39.80
CA LEU H 149 55.95 4.16 -40.44
C LEU H 149 57.09 4.28 -39.43
N LEU H 150 56.92 5.09 -38.39
CA LEU H 150 57.95 5.26 -37.38
C LEU H 150 57.38 5.90 -36.12
N GLU I 1 0.70 -23.87 44.91
CA GLU I 1 -0.58 -24.20 44.24
C GLU I 1 -1.64 -23.11 44.44
N VAL I 2 -2.70 -23.17 43.63
CA VAL I 2 -3.75 -22.17 43.69
C VAL I 2 -4.40 -22.17 45.06
N HIS I 3 -4.21 -21.08 45.80
CA HIS I 3 -4.76 -20.93 47.14
C HIS I 3 -5.64 -19.70 47.17
N LEU I 4 -6.84 -19.85 47.74
CA LEU I 4 -7.82 -18.78 47.85
C LEU I 4 -8.29 -18.64 49.29
N VAL I 5 -8.61 -17.41 49.67
CA VAL I 5 -9.08 -17.08 51.01
C VAL I 5 -10.07 -15.91 50.90
N GLU I 6 -11.02 -15.88 51.81
CA GLU I 6 -12.03 -14.83 51.85
C GLU I 6 -12.35 -14.43 53.28
N SER I 7 -12.81 -13.20 53.44
CA SER I 7 -13.16 -12.65 54.74
C SER I 7 -14.12 -11.49 54.54
N GLY I 8 -14.62 -10.97 55.65
CA GLY I 8 -15.54 -9.85 55.66
C GLY I 8 -16.99 -10.24 55.86
N GLY I 9 -17.35 -11.50 55.60
CA GLY I 9 -18.72 -11.91 55.79
C GLY I 9 -19.05 -12.13 57.26
N GLY I 10 -20.33 -12.01 57.58
CA GLY I 10 -20.75 -12.19 58.96
C GLY I 10 -22.18 -11.71 59.18
N LEU I 11 -22.49 -11.45 60.45
CA LEU I 11 -23.82 -10.99 60.81
C LEU I 11 -24.02 -9.53 60.42
N ALA I 12 -25.18 -9.24 59.83
CA ALA I 12 -25.53 -7.90 59.40
C ALA I 12 -27.03 -7.71 59.59
N THR I 13 -27.42 -6.47 59.84
CA THR I 13 -28.85 -6.17 60.04
C THR I 13 -29.60 -6.40 58.74
N PRO I 14 -30.83 -6.93 58.77
CA PRO I 14 -31.56 -7.14 57.51
C PRO I 14 -31.79 -5.83 56.78
N GLY I 15 -31.68 -5.88 55.45
CA GLY I 15 -31.87 -4.71 54.62
C GLY I 15 -30.74 -3.70 54.67
N GLY I 16 -29.64 -4.01 55.34
CA GLY I 16 -28.52 -3.09 55.44
C GLY I 16 -27.52 -3.27 54.31
N SER I 17 -26.23 -3.22 54.64
CA SER I 17 -25.17 -3.37 53.67
C SER I 17 -24.06 -4.22 54.26
N LEU I 18 -23.32 -4.89 53.38
CA LEU I 18 -22.21 -5.75 53.78
C LEU I 18 -21.22 -5.83 52.64
N ARG I 19 -19.98 -6.18 52.96
CA ARG I 19 -18.91 -6.29 51.98
C ARG I 19 -18.15 -7.59 52.19
N LEU I 20 -17.91 -8.30 51.09
CA LEU I 20 -17.18 -9.56 51.09
C LEU I 20 -15.92 -9.38 50.26
N SER I 21 -14.79 -9.87 50.79
CA SER I 21 -13.50 -9.77 50.12
C SER I 21 -12.90 -11.15 49.96
N CYS I 22 -12.09 -11.31 48.91
CA CYS I 22 -11.44 -12.58 48.62
C CYS I 22 -10.05 -12.32 48.04
N ALA I 23 -9.05 -12.94 48.65
CA ALA I 23 -7.66 -12.81 48.22
C ALA I 23 -7.19 -14.16 47.69
N ALA I 24 -6.29 -14.12 46.71
CA ALA I 24 -5.77 -15.32 46.10
C ALA I 24 -4.29 -15.17 45.82
N SER I 25 -3.61 -16.30 45.64
CA SER I 25 -2.18 -16.32 45.38
C SER I 25 -1.82 -17.62 44.66
N GLY I 26 -0.61 -17.67 44.14
CA GLY I 26 -0.11 -18.84 43.44
C GLY I 26 -0.45 -18.89 41.96
N PHE I 27 -0.90 -17.78 41.37
CA PHE I 27 -1.24 -17.76 39.96
C PHE I 27 -1.39 -16.32 39.51
N THR I 28 -1.45 -16.13 38.20
CA THR I 28 -1.62 -14.80 37.62
C THR I 28 -3.08 -14.39 37.79
N PHE I 29 -3.36 -13.63 38.85
CA PHE I 29 -4.73 -13.20 39.13
C PHE I 29 -5.31 -12.34 38.00
N SER I 30 -4.45 -11.69 37.22
CA SER I 30 -4.93 -10.84 36.14
C SER I 30 -5.26 -11.61 34.86
N ASN I 31 -5.42 -12.93 34.91
CA ASN I 31 -5.74 -13.73 33.74
C ASN I 31 -6.78 -14.81 34.01
N TYR I 32 -7.65 -14.61 35.00
CA TYR I 32 -8.69 -15.58 35.33
C TYR I 32 -9.96 -14.91 35.80
N TRP I 33 -11.09 -15.39 35.29
CA TRP I 33 -12.39 -14.87 35.70
C TRP I 33 -12.68 -15.32 37.11
N MET I 34 -13.47 -14.54 37.83
CA MET I 34 -13.85 -14.85 39.21
C MET I 34 -15.36 -14.84 39.32
N ASN I 35 -15.88 -15.88 40.00
CA ASN I 35 -17.31 -16.04 40.21
C ASN I 35 -17.60 -16.25 41.69
N TRP I 36 -18.77 -15.78 42.10
CA TRP I 36 -19.25 -15.91 43.48
C TRP I 36 -20.50 -16.78 43.48
N VAL I 37 -20.53 -17.76 44.37
CA VAL I 37 -21.66 -18.68 44.50
C VAL I 37 -21.96 -18.85 45.98
N ARG I 38 -23.18 -19.29 46.27
CA ARG I 38 -23.66 -19.50 47.63
C ARG I 38 -24.20 -20.92 47.81
N GLN I 39 -24.13 -21.40 49.05
CA GLN I 39 -24.61 -22.73 49.42
C GLN I 39 -25.55 -22.60 50.61
N THR I 40 -26.85 -22.54 50.34
CA THR I 40 -27.83 -22.43 51.40
C THR I 40 -28.07 -23.80 52.03
N PRO I 41 -28.53 -23.85 53.28
CA PRO I 41 -28.80 -25.16 53.89
C PRO I 41 -29.96 -25.85 53.20
N GLY I 42 -29.78 -27.13 52.90
CA GLY I 42 -30.80 -27.89 52.23
C GLY I 42 -30.85 -27.65 50.73
N LYS I 43 -31.23 -26.43 50.32
CA LYS I 43 -31.30 -26.15 48.88
C LYS I 43 -29.89 -26.18 48.30
N GLY I 44 -29.78 -26.70 47.08
CA GLY I 44 -28.52 -26.84 46.40
C GLY I 44 -27.79 -25.52 46.18
N LEU I 45 -26.63 -25.63 45.52
CA LEU I 45 -25.79 -24.48 45.22
C LEU I 45 -26.51 -23.55 44.25
N GLU I 46 -25.99 -22.32 44.12
CA GLU I 46 -26.58 -21.33 43.22
C GLU I 46 -25.56 -20.24 42.95
N TRP I 47 -25.24 -20.04 41.67
CA TRP I 47 -24.29 -19.00 41.29
C TRP I 47 -24.98 -17.64 41.39
N ILE I 48 -24.24 -16.62 41.82
CA ILE I 48 -24.82 -15.29 42.01
C ILE I 48 -24.13 -14.18 41.22
N ALA I 49 -22.84 -14.33 40.88
CA ALA I 49 -22.17 -13.28 40.14
C ALA I 49 -20.89 -13.79 39.50
N SER I 50 -20.38 -12.99 38.56
CA SER I 50 -19.16 -13.28 37.84
C SER I 50 -18.59 -11.97 37.32
N ILE I 51 -17.26 -11.91 37.24
CA ILE I 51 -16.55 -10.72 36.77
C ILE I 51 -15.41 -11.17 35.87
N ASN I 52 -15.09 -10.36 34.87
CA ASN I 52 -14.02 -10.70 33.94
C ASN I 52 -12.65 -10.53 34.60
N SER I 53 -11.61 -10.92 33.85
CA SER I 53 -10.24 -10.82 34.35
C SER I 53 -9.85 -9.38 34.60
N ALA I 54 -10.14 -8.49 33.65
CA ALA I 54 -9.79 -7.08 33.78
C ALA I 54 -10.71 -6.32 34.72
N GLY I 55 -11.83 -6.90 35.14
CA GLY I 55 -12.73 -6.22 36.06
C GLY I 55 -13.70 -5.26 35.40
N GLY I 56 -13.86 -5.31 34.09
CA GLY I 56 -14.77 -4.42 33.40
C GLY I 56 -16.17 -4.97 33.24
N ALA I 57 -16.29 -6.16 32.64
CA ALA I 57 -17.59 -6.78 32.41
C ALA I 57 -18.06 -7.48 33.69
N ARG I 58 -19.37 -7.39 33.95
CA ARG I 58 -19.97 -8.00 35.12
C ARG I 58 -21.29 -8.65 34.74
N ASP I 59 -21.69 -9.64 35.53
CA ASP I 59 -22.93 -10.36 35.32
C ASP I 59 -23.40 -10.89 36.67
N TYR I 60 -24.72 -10.91 36.86
CA TYR I 60 -25.31 -11.38 38.11
C TYR I 60 -26.58 -12.16 37.82
N ALA I 61 -26.98 -12.97 38.80
CA ALA I 61 -28.21 -13.73 38.66
C ALA I 61 -29.39 -12.81 38.95
N ASP I 62 -30.55 -13.13 38.38
CA ASP I 62 -31.73 -12.30 38.59
C ASP I 62 -32.11 -12.19 40.06
N SER I 63 -31.73 -13.15 40.90
CA SER I 63 -32.07 -13.10 42.32
C SER I 63 -31.27 -12.04 43.08
N VAL I 64 -30.14 -11.59 42.53
CA VAL I 64 -29.30 -10.59 43.18
C VAL I 64 -28.95 -9.46 42.23
N MET I 65 -29.57 -9.43 41.04
CA MET I 65 -29.28 -8.39 40.08
C MET I 65 -29.62 -7.01 40.64
N GLY I 66 -28.67 -6.10 40.54
CA GLY I 66 -28.84 -4.75 41.03
C GLY I 66 -28.55 -4.56 42.51
N ARG I 67 -28.91 -5.55 43.33
CA ARG I 67 -28.67 -5.44 44.76
C ARG I 67 -27.20 -5.62 45.10
N PHE I 68 -26.51 -6.53 44.43
CA PHE I 68 -25.11 -6.81 44.68
C PHE I 68 -24.24 -6.04 43.69
N THR I 69 -22.92 -6.08 43.93
CA THR I 69 -21.97 -5.39 43.07
C THR I 69 -20.61 -6.06 43.25
N ILE I 70 -20.12 -6.70 42.20
CA ILE I 70 -18.84 -7.39 42.21
C ILE I 70 -17.76 -6.47 41.67
N SER I 71 -16.56 -6.56 42.24
CA SER I 71 -15.44 -5.74 41.82
C SER I 71 -14.15 -6.46 42.16
N ARG I 72 -13.06 -6.02 41.54
CA ARG I 72 -11.75 -6.63 41.76
C ARG I 72 -10.66 -5.60 41.54
N ASP I 73 -9.48 -5.91 42.07
CA ASP I 73 -8.29 -5.07 41.97
C ASP I 73 -7.11 -5.99 41.68
N ASN I 74 -6.69 -6.06 40.42
CA ASN I 74 -5.59 -6.91 40.02
C ASN I 74 -4.26 -6.51 40.62
N SER I 75 -4.08 -5.24 40.99
CA SER I 75 -2.81 -4.79 41.57
C SER I 75 -2.55 -5.41 42.94
N LYS I 76 -3.60 -5.84 43.65
CA LYS I 76 -3.45 -6.44 44.97
C LYS I 76 -3.93 -7.88 45.03
N ASN I 77 -4.39 -8.45 43.91
CA ASN I 77 -4.88 -9.83 43.89
C ASN I 77 -6.02 -10.01 44.90
N THR I 78 -6.94 -9.06 44.91
CA THR I 78 -8.08 -9.06 45.81
C THR I 78 -9.38 -8.91 45.03
N LEU I 79 -10.37 -9.73 45.38
CA LEU I 79 -11.69 -9.72 44.78
C LEU I 79 -12.68 -9.24 45.85
N SER I 80 -13.71 -8.53 45.40
CA SER I 80 -14.70 -7.99 46.33
C SER I 80 -16.11 -8.18 45.79
N LEU I 81 -17.07 -8.09 46.70
CA LEU I 81 -18.49 -8.24 46.36
C LEU I 81 -19.28 -7.41 47.36
N LYS I 82 -19.73 -6.23 46.94
CA LYS I 82 -20.49 -5.36 47.82
C LYS I 82 -21.94 -5.84 47.87
N MET I 83 -22.55 -5.75 49.05
CA MET I 83 -23.93 -6.15 49.28
C MET I 83 -24.73 -4.96 49.77
N ASN I 84 -25.91 -4.76 49.18
CA ASN I 84 -26.80 -3.68 49.54
C ASN I 84 -28.24 -4.19 49.50
N SER I 85 -29.02 -3.81 50.51
CA SER I 85 -30.41 -4.22 50.61
C SER I 85 -30.54 -5.74 50.73
N LEU I 86 -29.57 -6.36 51.41
CA LEU I 86 -29.60 -7.81 51.59
C LEU I 86 -30.82 -8.19 52.43
N ARG I 87 -31.33 -9.40 52.21
CA ARG I 87 -32.50 -9.90 52.90
C ARG I 87 -32.18 -11.21 53.63
N THR I 88 -33.20 -11.73 54.33
CA THR I 88 -33.04 -12.95 55.11
C THR I 88 -32.77 -14.17 54.25
N GLU I 89 -33.32 -14.21 53.03
CA GLU I 89 -33.08 -15.38 52.19
C GLU I 89 -31.67 -15.42 51.62
N ASP I 90 -30.88 -14.37 51.79
CA ASP I 90 -29.52 -14.34 51.27
C ASP I 90 -28.51 -15.02 52.20
N THR I 91 -28.93 -15.46 53.39
CA THR I 91 -28.01 -16.11 54.32
C THR I 91 -27.52 -17.42 53.72
N ALA I 92 -26.20 -17.56 53.60
CA ALA I 92 -25.61 -18.76 53.03
C ALA I 92 -24.09 -18.68 53.16
N VAL I 93 -23.43 -19.73 52.69
CA VAL I 93 -21.96 -19.79 52.70
C VAL I 93 -21.48 -19.37 51.32
N TYR I 94 -20.88 -18.20 51.24
CA TYR I 94 -20.39 -17.64 49.98
C TYR I 94 -18.99 -18.16 49.71
N TYR I 95 -18.80 -18.75 48.53
CA TYR I 95 -17.54 -19.32 48.10
C TYR I 95 -16.90 -18.46 47.02
N CYS I 96 -15.60 -18.24 47.14
CA CYS I 96 -14.86 -17.47 46.15
C CYS I 96 -14.27 -18.45 45.14
N ALA I 97 -14.91 -18.56 43.98
CA ALA I 97 -14.50 -19.49 42.94
C ALA I 97 -13.72 -18.79 41.83
N LYS I 98 -12.89 -19.58 41.15
CA LYS I 98 -12.06 -19.13 40.03
C LYS I 98 -12.32 -20.08 38.87
N VAL I 99 -12.27 -19.56 37.65
CA VAL I 99 -12.52 -20.41 36.49
C VAL I 99 -11.38 -21.39 36.31
N ASP I 100 -11.57 -22.33 35.38
CA ASP I 100 -10.57 -23.36 35.13
C ASP I 100 -9.52 -22.93 34.10
N GLU I 101 -9.92 -22.20 33.05
CA GLU I 101 -9.01 -21.77 32.00
C GLU I 101 -8.84 -20.27 31.99
N ASP I 102 -7.63 -19.84 31.62
CA ASP I 102 -7.33 -18.42 31.54
C ASP I 102 -8.08 -17.78 30.37
N ASP I 103 -8.18 -16.45 30.41
CA ASP I 103 -8.89 -15.70 29.39
C ASP I 103 -8.13 -15.58 28.06
N TYR I 104 -7.00 -16.23 27.81
CA TYR I 104 -6.33 -16.08 26.53
C TYR I 104 -7.13 -16.80 25.43
N GLY I 105 -7.03 -16.27 24.23
CA GLY I 105 -7.70 -16.80 23.06
C GLY I 105 -8.58 -15.77 22.38
N TYR I 106 -9.30 -16.25 21.37
CA TYR I 106 -10.21 -15.39 20.62
C TYR I 106 -11.34 -14.89 21.51
N PHE I 107 -11.85 -13.70 21.19
CA PHE I 107 -12.94 -13.13 21.96
C PHE I 107 -13.65 -12.10 21.09
N SER I 108 -14.87 -11.75 21.50
CA SER I 108 -15.71 -10.80 20.76
C SER I 108 -15.66 -9.40 21.35
N ILE I 109 -16.03 -9.25 22.63
CA ILE I 109 -16.06 -7.96 23.30
C ILE I 109 -15.08 -7.90 24.47
N VAL I 110 -15.24 -8.76 25.46
CA VAL I 110 -14.37 -8.80 26.64
C VAL I 110 -13.37 -9.94 26.40
N PRO I 111 -12.15 -9.89 26.93
CA PRO I 111 -11.17 -10.97 26.66
C PRO I 111 -11.62 -12.38 26.99
N GLY I 112 -12.34 -12.59 28.09
CA GLY I 112 -12.74 -13.93 28.46
C GLY I 112 -14.04 -14.50 27.92
N ASP I 113 -14.86 -13.70 27.23
CA ASP I 113 -16.11 -14.25 26.72
C ASP I 113 -15.82 -15.21 25.56
N LEU I 114 -16.88 -15.74 24.98
CA LEU I 114 -16.78 -16.70 23.87
C LEU I 114 -16.10 -17.99 24.30
N LYS I 115 -16.10 -18.28 25.60
CA LYS I 115 -15.49 -19.47 26.15
C LYS I 115 -16.32 -19.93 27.34
N LYS I 116 -16.45 -21.24 27.49
CA LYS I 116 -17.24 -21.85 28.56
C LYS I 116 -16.30 -22.23 29.69
N TYR I 117 -16.67 -21.88 30.92
CA TYR I 117 -15.86 -22.14 32.10
C TYR I 117 -16.62 -22.95 33.14
N TYR I 118 -15.89 -23.42 34.13
CA TYR I 118 -16.40 -24.19 35.26
C TYR I 118 -15.54 -23.84 36.46
N PHE I 119 -16.08 -24.08 37.66
CA PHE I 119 -15.36 -23.76 38.90
C PHE I 119 -14.39 -24.89 39.23
N LYS I 120 -13.13 -24.67 38.89
CA LYS I 120 -12.10 -25.68 39.14
C LYS I 120 -11.53 -25.56 40.55
N TYR I 121 -11.34 -24.34 41.05
CA TYR I 121 -10.80 -24.14 42.40
C TYR I 121 -11.78 -23.30 43.20
N TRP I 122 -12.01 -23.72 44.45
CA TRP I 122 -12.92 -23.04 45.36
C TRP I 122 -12.22 -22.71 46.66
N GLY I 123 -12.51 -21.52 47.18
CA GLY I 123 -11.95 -21.11 48.45
C GLY I 123 -12.87 -21.48 49.59
N GLN I 124 -12.31 -21.61 50.78
CA GLN I 124 -13.10 -21.97 51.95
C GLN I 124 -14.08 -20.83 52.20
N GLY I 125 -15.34 -21.06 51.85
CA GLY I 125 -16.35 -20.04 51.98
C GLY I 125 -16.51 -19.51 53.40
N VAL I 126 -17.17 -18.37 53.48
CA VAL I 126 -17.44 -17.66 54.74
C VAL I 126 -18.96 -17.54 54.86
N GLN I 127 -19.49 -17.89 56.02
CA GLN I 127 -20.93 -17.82 56.23
C GLN I 127 -21.40 -16.38 56.41
N VAL I 128 -22.60 -16.11 55.90
CA VAL I 128 -23.23 -14.81 55.97
C VAL I 128 -24.67 -15.02 56.39
N THR I 129 -25.17 -14.17 57.28
CA THR I 129 -26.53 -14.28 57.77
C THR I 129 -26.98 -12.93 58.33
N VAL I 130 -28.30 -12.77 58.45
CA VAL I 130 -28.90 -11.54 58.96
C VAL I 130 -30.04 -11.93 59.89
N SER I 131 -30.18 -11.19 60.99
CA SER I 131 -31.22 -11.42 61.97
C SER I 131 -31.25 -10.23 62.92
N SER I 132 -32.23 -10.25 63.82
CA SER I 132 -32.37 -9.17 64.80
C SER I 132 -31.41 -9.37 65.97
N ASP J 1 -36.77 -20.79 31.74
CA ASP J 1 -35.30 -20.78 31.97
C ASP J 1 -34.76 -22.20 32.09
N ILE J 2 -33.44 -22.36 31.92
CA ILE J 2 -32.83 -23.67 31.99
C ILE J 2 -32.52 -24.03 33.45
N GLN J 3 -32.81 -25.28 33.80
CA GLN J 3 -32.56 -25.79 35.15
C GLN J 3 -32.27 -27.28 35.01
N MET J 4 -31.63 -27.84 36.04
CA MET J 4 -31.24 -29.24 36.06
C MET J 4 -32.02 -30.04 37.09
N THR J 5 -32.27 -31.31 36.76
CA THR J 5 -32.96 -32.26 37.61
C THR J 5 -32.00 -33.42 37.82
N GLN J 6 -31.77 -33.78 39.08
CA GLN J 6 -30.84 -34.86 39.42
C GLN J 6 -31.56 -35.95 40.21
N SER J 7 -31.23 -37.20 39.89
CA SER J 7 -31.81 -38.36 40.55
C SER J 7 -30.79 -39.49 40.53
N PRO J 8 -30.83 -40.41 41.50
CA PRO J 8 -31.74 -40.50 42.67
C PRO J 8 -31.39 -39.45 43.71
N SER J 9 -32.36 -38.98 44.50
CA SER J 9 -32.07 -37.96 45.52
C SER J 9 -31.02 -38.43 46.50
N SER J 10 -31.08 -39.71 46.90
CA SER J 10 -30.12 -40.25 47.84
C SER J 10 -30.15 -41.77 47.75
N LEU J 11 -29.01 -42.38 48.06
CA LEU J 11 -28.88 -43.83 48.01
C LEU J 11 -27.81 -44.27 49.00
N SER J 12 -27.86 -45.55 49.36
CA SER J 12 -26.92 -46.16 50.29
C SER J 12 -26.13 -47.23 49.56
N ALA J 13 -24.87 -47.39 49.95
CA ALA J 13 -23.99 -48.38 49.33
C ALA J 13 -23.01 -48.88 50.38
N SER J 14 -21.95 -49.54 49.92
CA SER J 14 -20.91 -50.08 50.80
C SER J 14 -19.62 -50.10 50.01
N VAL J 15 -18.55 -50.54 50.68
CA VAL J 15 -17.24 -50.61 50.03
C VAL J 15 -17.31 -51.63 48.90
N GLY J 16 -16.92 -51.22 47.69
CA GLY J 16 -16.93 -52.09 46.54
C GLY J 16 -18.27 -52.23 45.85
N ASP J 17 -19.29 -51.47 46.27
CA ASP J 17 -20.62 -51.55 45.68
C ASP J 17 -20.70 -50.50 44.57
N ARG J 18 -20.73 -50.95 43.32
CA ARG J 18 -20.81 -50.03 42.19
C ARG J 18 -22.14 -49.27 42.23
N VAL J 19 -22.06 -47.96 42.03
CA VAL J 19 -23.23 -47.08 42.04
C VAL J 19 -23.13 -46.11 40.86
N THR J 20 -24.23 -45.42 40.61
CA THR J 20 -24.28 -44.46 39.51
C THR J 20 -25.28 -43.35 39.84
N ILE J 21 -25.02 -42.17 39.29
CA ILE J 21 -25.85 -40.99 39.47
C ILE J 21 -26.12 -40.40 38.10
N THR J 22 -27.27 -39.75 37.95
CA THR J 22 -27.66 -39.17 36.67
C THR J 22 -28.46 -37.89 36.90
N CYS J 23 -28.45 -37.03 35.88
CA CYS J 23 -29.19 -35.78 35.90
C CYS J 23 -29.60 -35.44 34.48
N GLN J 24 -30.68 -34.68 34.35
CA GLN J 24 -31.22 -34.28 33.06
C GLN J 24 -31.38 -32.78 33.02
N ALA J 25 -31.29 -32.22 31.82
CA ALA J 25 -31.40 -30.79 31.58
C ALA J 25 -32.71 -30.48 30.86
N SER J 26 -33.40 -29.42 31.30
CA SER J 26 -34.65 -29.03 30.67
C SER J 26 -34.44 -28.64 29.20
N GLN J 27 -33.25 -28.17 28.84
CA GLN J 27 -32.93 -27.78 27.48
C GLN J 27 -31.57 -28.39 27.13
N GLY J 28 -31.35 -28.59 25.84
CA GLY J 28 -30.10 -29.18 25.38
C GLY J 28 -28.91 -28.30 25.73
N ILE J 29 -27.83 -28.93 26.19
CA ILE J 29 -26.60 -28.24 26.57
C ILE J 29 -25.41 -28.90 25.89
N SER J 30 -25.66 -29.72 24.86
CA SER J 30 -24.60 -30.41 24.14
C SER J 30 -23.78 -31.29 25.08
N SER J 31 -22.63 -30.78 25.55
CA SER J 31 -21.79 -31.55 26.46
C SER J 31 -21.16 -30.71 27.56
N TRP J 32 -21.58 -29.45 27.75
CA TRP J 32 -21.01 -28.58 28.77
C TRP J 32 -21.65 -28.91 30.12
N LEU J 33 -21.17 -29.99 30.73
CA LEU J 33 -21.66 -30.46 32.02
C LEU J 33 -20.48 -30.94 32.86
N ALA J 34 -20.45 -30.52 34.12
CA ALA J 34 -19.40 -30.88 35.06
C ALA J 34 -20.01 -31.46 36.32
N TRP J 35 -19.22 -32.29 37.01
CA TRP J 35 -19.63 -32.94 38.25
C TRP J 35 -18.71 -32.50 39.39
N TYR J 36 -19.28 -32.40 40.59
CA TYR J 36 -18.55 -31.99 41.77
C TYR J 36 -18.94 -32.85 42.96
N GLN J 37 -18.02 -32.97 43.92
CA GLN J 37 -18.23 -33.72 45.15
C GLN J 37 -17.86 -32.79 46.29
N GLN J 38 -18.62 -32.85 47.39
CA GLN J 38 -18.38 -31.98 48.54
C GLN J 38 -18.53 -32.76 49.83
N LYS J 39 -17.44 -32.82 50.60
CA LYS J 39 -17.49 -33.47 51.90
C LYS J 39 -18.15 -32.52 52.89
N PRO J 40 -18.78 -33.02 53.95
CA PRO J 40 -19.42 -32.10 54.91
C PRO J 40 -18.42 -31.17 55.55
N GLY J 41 -18.72 -29.87 55.49
CA GLY J 41 -17.89 -28.84 56.07
C GLY J 41 -16.74 -28.37 55.21
N LYS J 42 -16.63 -28.84 53.96
CA LYS J 42 -15.55 -28.45 53.06
C LYS J 42 -16.13 -27.94 51.74
N ALA J 43 -15.34 -27.15 51.02
CA ALA J 43 -15.80 -26.62 49.75
C ALA J 43 -15.87 -27.73 48.70
N PRO J 44 -16.76 -27.62 47.71
CA PRO J 44 -16.84 -28.67 46.69
C PRO J 44 -15.56 -28.77 45.86
N LYS J 45 -15.34 -29.98 45.32
CA LYS J 45 -14.18 -30.28 44.50
C LYS J 45 -14.64 -30.77 43.13
N SER J 46 -13.95 -30.33 42.09
CA SER J 46 -14.29 -30.75 40.74
C SER J 46 -13.76 -32.16 40.49
N LEU J 47 -14.62 -33.00 39.91
CA LEU J 47 -14.27 -34.38 39.62
C LEU J 47 -14.24 -34.62 38.12
N ILE J 48 -15.26 -34.13 37.41
CA ILE J 48 -15.38 -34.27 35.97
C ILE J 48 -15.81 -32.92 35.41
N TYR J 49 -15.01 -32.38 34.49
CA TYR J 49 -15.30 -31.08 33.89
C TYR J 49 -16.17 -31.20 32.64
N LYS J 50 -15.70 -31.89 31.62
CA LYS J 50 -16.52 -32.07 30.42
C LYS J 50 -17.50 -33.21 30.68
N ALA J 51 -18.40 -33.45 29.73
CA ALA J 51 -19.39 -34.50 29.90
C ALA J 51 -18.75 -35.86 30.19
N SER J 52 -17.55 -36.13 29.67
CA SER J 52 -16.87 -37.39 29.88
C SER J 52 -15.37 -37.28 30.12
N SER J 53 -14.87 -36.14 30.58
CA SER J 53 -13.44 -35.95 30.82
C SER J 53 -13.19 -35.90 32.32
N LEU J 54 -12.36 -36.81 32.82
CA LEU J 54 -12.04 -36.89 34.24
C LEU J 54 -11.05 -35.79 34.63
N GLU J 55 -11.21 -35.28 35.85
CA GLU J 55 -10.33 -34.21 36.36
C GLU J 55 -8.96 -34.80 36.70
N SER J 56 -7.89 -34.06 36.38
CA SER J 56 -6.55 -34.55 36.64
C SER J 56 -6.33 -34.76 38.13
N GLY J 57 -5.70 -35.87 38.47
CA GLY J 57 -5.42 -36.22 39.85
C GLY J 57 -6.48 -37.06 40.53
N VAL J 58 -7.69 -37.12 39.98
CA VAL J 58 -8.78 -37.90 40.56
C VAL J 58 -8.55 -39.37 40.17
N PRO J 59 -8.81 -40.34 41.05
CA PRO J 59 -8.59 -41.73 40.65
C PRO J 59 -9.54 -42.16 39.53
N SER J 60 -9.22 -43.29 38.91
CA SER J 60 -10.03 -43.82 37.82
C SER J 60 -11.34 -44.45 38.29
N ARG J 61 -11.63 -44.42 39.60
CA ARG J 61 -12.86 -44.98 40.11
C ARG J 61 -14.08 -44.32 39.50
N PHE J 62 -13.99 -43.02 39.23
CA PHE J 62 -15.09 -42.26 38.65
C PHE J 62 -15.06 -42.31 37.13
N SER J 63 -16.22 -42.00 36.53
CA SER J 63 -16.38 -41.98 35.09
C SER J 63 -17.71 -41.32 34.78
N GLY J 64 -17.78 -40.71 33.59
CA GLY J 64 -18.99 -40.03 33.18
C GLY J 64 -19.29 -40.31 31.72
N SER J 65 -20.56 -40.10 31.36
CA SER J 65 -21.02 -40.32 30.00
C SER J 65 -22.32 -39.55 29.81
N GLY J 66 -22.69 -39.40 28.54
CA GLY J 66 -23.90 -38.69 28.16
C GLY J 66 -23.62 -37.53 27.23
N SER J 67 -24.70 -37.02 26.65
CA SER J 67 -24.61 -35.90 25.72
C SER J 67 -26.03 -35.47 25.36
N GLY J 68 -26.16 -34.21 24.97
CA GLY J 68 -27.43 -33.65 24.57
C GLY J 68 -28.29 -33.12 25.71
N THR J 69 -29.07 -34.00 26.36
CA THR J 69 -29.96 -33.60 27.45
C THR J 69 -29.81 -34.41 28.73
N ASP J 70 -29.33 -35.64 28.69
CA ASP J 70 -29.17 -36.47 29.89
C ASP J 70 -27.73 -36.95 30.02
N PHE J 71 -27.25 -36.98 31.26
CA PHE J 71 -25.89 -37.39 31.57
C PHE J 71 -25.92 -38.36 32.75
N THR J 72 -24.85 -39.14 32.89
CA THR J 72 -24.74 -40.13 33.95
C THR J 72 -23.32 -40.19 34.48
N LEU J 73 -23.13 -40.55 35.76
CA LEU J 73 -21.81 -40.58 36.43
C LEU J 73 -21.62 -41.91 37.15
N THR J 74 -20.82 -42.84 36.61
CA THR J 74 -20.64 -44.17 37.22
C THR J 74 -19.52 -44.13 38.22
N ILE J 75 -19.83 -44.22 39.50
CA ILE J 75 -18.76 -44.33 40.53
C ILE J 75 -18.37 -45.81 40.56
N SER J 76 -17.69 -46.29 39.52
CA SER J 76 -17.34 -47.73 39.43
C SER J 76 -16.53 -48.11 40.67
N SER J 77 -16.90 -49.19 41.34
CA SER J 77 -16.21 -49.63 42.58
C SER J 77 -16.57 -48.66 43.72
N LEU J 78 -15.91 -48.77 44.88
CA LEU J 78 -16.18 -47.79 45.97
C LEU J 78 -15.11 -47.88 47.07
N GLN J 79 -14.83 -46.75 47.72
CA GLN J 79 -13.82 -46.64 48.81
C GLN J 79 -14.48 -45.78 49.88
N PRO J 80 -13.97 -45.69 51.12
CA PRO J 80 -14.56 -44.78 52.09
C PRO J 80 -14.43 -43.33 51.65
N GLU J 81 -13.54 -43.04 50.69
CA GLU J 81 -13.29 -41.66 50.21
C GLU J 81 -14.47 -41.13 49.40
N ASP J 82 -15.33 -41.99 48.86
CA ASP J 82 -16.43 -41.58 47.96
C ASP J 82 -17.70 -41.19 48.71
N PHE J 83 -17.72 -41.30 50.03
CA PHE J 83 -18.97 -41.10 50.81
C PHE J 83 -19.16 -39.62 51.07
N ALA J 84 -19.72 -38.89 50.11
CA ALA J 84 -19.98 -37.44 50.22
C ALA J 84 -21.01 -37.04 49.17
N THR J 85 -21.46 -35.79 49.13
CA THR J 85 -22.48 -35.33 48.18
C THR J 85 -21.91 -35.30 46.80
N TYR J 86 -22.76 -35.29 45.78
CA TYR J 86 -22.32 -35.17 44.38
C TYR J 86 -23.30 -34.25 43.69
N TYR J 87 -22.88 -33.13 43.12
CA TYR J 87 -23.69 -32.10 42.47
C TYR J 87 -23.52 -32.15 40.96
N CYS J 88 -24.63 -32.00 40.25
CA CYS J 88 -24.62 -31.98 38.79
C CYS J 88 -24.81 -30.54 38.32
N GLN J 89 -23.81 -30.01 37.62
CA GLN J 89 -23.84 -28.63 37.15
C GLN J 89 -23.69 -28.55 35.64
N GLN J 90 -24.36 -27.56 35.06
CA GLN J 90 -24.32 -27.29 33.64
C GLN J 90 -23.87 -25.84 33.44
N TYR J 91 -22.97 -25.64 32.48
CA TYR J 91 -22.49 -24.30 32.17
C TYR J 91 -22.92 -24.01 30.74
N ASP J 92 -22.46 -22.92 30.15
CA ASP J 92 -22.86 -22.50 28.80
C ASP J 92 -24.30 -21.99 28.86
N SER J 93 -24.59 -21.22 29.91
CA SER J 93 -25.90 -20.65 30.14
C SER J 93 -25.72 -19.50 31.13
N ALA J 94 -26.67 -18.57 31.10
CA ALA J 94 -26.59 -17.41 31.99
C ALA J 94 -26.58 -17.77 33.47
N PRO J 95 -27.46 -18.66 33.98
CA PRO J 95 -27.43 -18.95 35.42
C PRO J 95 -26.43 -19.98 35.91
N PHE J 96 -25.94 -20.89 35.07
CA PHE J 96 -24.99 -21.93 35.49
C PHE J 96 -25.62 -22.73 36.63
N SER J 97 -26.84 -23.20 36.38
CA SER J 97 -27.59 -23.94 37.38
C SER J 97 -26.88 -25.21 37.84
N PHE J 98 -27.06 -25.51 39.12
CA PHE J 98 -26.49 -26.70 39.75
C PHE J 98 -27.59 -27.74 39.95
N GLY J 99 -27.16 -28.98 40.21
CA GLY J 99 -28.10 -30.04 40.46
C GLY J 99 -28.62 -29.94 41.89
N GLN J 100 -29.66 -30.73 42.15
CA GLN J 100 -30.25 -30.73 43.49
C GLN J 100 -29.32 -31.33 44.53
N GLY J 101 -28.25 -32.00 44.11
CA GLY J 101 -27.30 -32.62 45.02
C GLY J 101 -27.76 -33.99 45.49
N THR J 102 -26.89 -35.00 45.40
CA THR J 102 -27.21 -36.36 45.82
C THR J 102 -26.13 -36.84 46.78
N GLU J 103 -26.55 -37.35 47.94
CA GLU J 103 -25.62 -37.83 48.94
C GLU J 103 -25.64 -39.35 49.00
N VAL J 104 -24.47 -39.95 48.90
CA VAL J 104 -24.28 -41.40 48.95
C VAL J 104 -23.67 -41.71 50.32
N GLU J 105 -24.29 -42.63 51.05
CA GLU J 105 -23.84 -43.00 52.39
C GLU J 105 -23.68 -44.51 52.49
N ILE J 106 -23.21 -44.94 53.67
CA ILE J 106 -23.01 -46.36 53.92
C ILE J 106 -24.33 -46.99 54.34
N LYS J 107 -24.58 -48.21 53.87
CA LYS J 107 -25.80 -48.92 54.20
C LYS J 107 -25.72 -49.49 55.61
N ASN K 38 57.56 16.42 -42.97
CA ASN K 38 56.68 16.87 -41.86
C ASN K 38 56.03 15.69 -41.14
N LEU K 39 55.16 16.00 -40.17
CA LEU K 39 54.46 15.00 -39.39
C LEU K 39 52.96 15.22 -39.49
N TRP K 40 52.23 14.11 -39.53
CA TRP K 40 50.78 14.10 -39.63
C TRP K 40 50.19 13.50 -38.37
N VAL K 41 49.00 13.96 -38.00
CA VAL K 41 48.33 13.45 -36.81
C VAL K 41 47.62 12.14 -37.13
N THR K 42 47.75 11.17 -36.24
CA THR K 42 47.13 9.87 -36.39
C THR K 42 46.38 9.52 -35.11
N VAL K 43 45.19 8.94 -35.28
CA VAL K 43 44.33 8.56 -34.18
C VAL K 43 44.40 7.05 -33.99
N TYR K 44 44.48 6.61 -32.73
CA TYR K 44 44.57 5.21 -32.38
C TYR K 44 43.34 4.80 -31.60
N TYR K 45 42.82 3.60 -31.90
CA TYR K 45 41.64 3.05 -31.23
C TYR K 45 42.10 1.89 -30.37
N GLY K 46 41.66 1.87 -29.12
CA GLY K 46 42.05 0.84 -28.18
C GLY K 46 43.31 1.15 -27.40
N VAL K 47 43.67 2.43 -27.27
CA VAL K 47 44.87 2.82 -26.54
C VAL K 47 44.71 2.45 -25.07
N PRO K 48 45.76 1.94 -24.38
CA PRO K 48 45.59 1.60 -22.95
C PRO K 48 45.81 2.78 -22.00
N VAL K 49 44.77 3.60 -21.87
CA VAL K 49 44.78 4.77 -20.99
C VAL K 49 43.47 4.78 -20.23
N TRP K 50 43.44 5.57 -19.15
CA TRP K 50 42.23 5.65 -18.33
C TRP K 50 42.21 6.95 -17.55
N ARG K 51 41.07 7.18 -16.89
CA ARG K 51 40.82 8.35 -16.06
C ARG K 51 39.89 7.97 -14.92
N ASP K 52 39.91 8.77 -13.86
CA ASP K 52 39.04 8.52 -12.74
C ASP K 52 37.60 8.79 -13.17
N ALA K 53 36.68 7.92 -12.75
CA ALA K 53 35.29 8.09 -13.15
C ALA K 53 34.38 7.41 -12.14
N GLU K 54 33.08 7.55 -12.39
CA GLU K 54 32.02 6.98 -11.57
C GLU K 54 31.02 6.29 -12.48
N THR K 55 30.59 5.08 -12.10
CA THR K 55 29.65 4.33 -12.91
C THR K 55 28.79 3.44 -12.03
N THR K 56 27.74 2.88 -12.64
CA THR K 56 26.82 2.00 -11.95
C THR K 56 27.35 0.56 -11.93
N LEU K 57 27.96 0.17 -10.82
CA LEU K 57 28.50 -1.17 -10.69
C LEU K 57 27.37 -2.14 -10.36
N PHE K 58 27.36 -3.28 -11.06
CA PHE K 58 26.35 -4.31 -10.87
C PHE K 58 26.93 -5.50 -10.12
N CYS K 59 26.05 -6.24 -9.46
CA CYS K 59 26.45 -7.40 -8.67
C CYS K 59 26.86 -8.58 -9.54
N ALA K 60 27.53 -9.53 -8.90
CA ALA K 60 28.00 -10.76 -9.51
C ALA K 60 28.33 -11.74 -8.41
N SER K 61 27.69 -12.91 -8.43
CA SER K 61 27.92 -13.90 -7.41
C SER K 61 27.60 -15.28 -7.96
N ASP K 62 28.07 -16.31 -7.25
CA ASP K 62 27.84 -17.70 -7.64
C ASP K 62 26.40 -18.06 -7.31
N ALA K 63 25.53 -17.86 -8.29
CA ALA K 63 24.11 -18.15 -8.11
C ALA K 63 23.89 -19.65 -8.01
N LYS K 64 22.74 -20.02 -7.45
CA LYS K 64 22.37 -21.42 -7.28
C LYS K 64 20.86 -21.60 -7.45
N GLU K 69 16.78 -22.23 -4.13
CA GLU K 69 17.52 -22.18 -2.84
C GLU K 69 16.97 -21.03 -2.00
N LYS K 70 16.91 -21.22 -0.67
CA LYS K 70 16.42 -20.16 0.24
C LYS K 70 16.97 -18.81 -0.20
N HIS K 71 16.10 -17.82 -0.38
CA HIS K 71 16.49 -16.46 -0.70
C HIS K 71 17.19 -15.79 0.47
N ASN K 72 17.79 -14.63 0.20
CA ASN K 72 18.51 -13.87 1.21
C ASN K 72 18.11 -12.40 1.09
N VAL K 73 18.36 -11.65 2.16
CA VAL K 73 18.03 -10.24 2.20
C VAL K 73 18.76 -9.43 1.14
N TRP K 74 19.90 -9.91 0.66
CA TRP K 74 20.68 -9.21 -0.34
C TRP K 74 20.22 -9.47 -1.77
N ALA K 75 19.29 -10.42 -1.98
CA ALA K 75 18.78 -10.74 -3.32
C ALA K 75 19.89 -11.05 -4.30
N THR K 76 20.89 -11.83 -3.86
CA THR K 76 22.01 -12.16 -4.74
C THR K 76 21.55 -13.02 -5.92
N HIS K 77 20.46 -13.78 -5.76
CA HIS K 77 19.98 -14.63 -6.84
C HIS K 77 19.49 -13.83 -8.03
N ALA K 78 19.20 -12.54 -7.86
CA ALA K 78 18.69 -11.72 -8.95
C ALA K 78 19.78 -11.03 -9.78
N CYS K 79 21.06 -11.16 -9.41
CA CYS K 79 22.13 -10.51 -10.15
C CYS K 79 22.84 -11.50 -11.08
N VAL K 80 23.74 -10.95 -11.88
CA VAL K 80 24.49 -11.73 -12.89
C VAL K 80 25.27 -12.85 -12.22
N PRO K 81 25.43 -14.02 -12.84
CA PRO K 81 26.23 -15.09 -12.20
C PRO K 81 27.71 -14.83 -12.43
N THR K 82 28.50 -14.94 -11.38
CA THR K 82 29.93 -14.71 -11.49
C THR K 82 30.60 -15.78 -12.34
N ASP K 83 31.67 -15.38 -13.02
CA ASP K 83 32.40 -16.32 -13.87
C ASP K 83 33.20 -17.30 -13.00
N PRO K 84 33.51 -18.48 -13.52
CA PRO K 84 34.28 -19.44 -12.71
C PRO K 84 35.76 -19.13 -12.62
N ASN K 85 36.33 -18.47 -13.63
CA ASN K 85 37.75 -18.14 -13.67
C ASN K 85 37.92 -16.66 -14.05
N PRO K 86 37.63 -15.74 -13.14
CA PRO K 86 37.78 -14.32 -13.47
C PRO K 86 39.21 -13.99 -13.83
N GLN K 87 39.38 -13.12 -14.83
CA GLN K 87 40.70 -12.74 -15.29
C GLN K 87 41.26 -11.55 -14.51
N GLU K 88 42.53 -11.67 -14.11
CA GLU K 88 43.25 -10.63 -13.39
C GLU K 88 44.57 -10.44 -14.12
N ILE K 89 44.91 -9.20 -14.43
CA ILE K 89 46.13 -8.87 -15.17
C ILE K 89 46.98 -7.92 -14.34
N HIS K 90 48.27 -8.22 -14.25
CA HIS K 90 49.20 -7.39 -13.50
C HIS K 90 49.85 -6.39 -14.45
N LEU K 91 49.72 -5.11 -14.13
CA LEU K 91 50.27 -4.05 -14.97
C LEU K 91 51.74 -3.81 -14.63
N ASP K 92 52.64 -4.25 -15.51
CA ASP K 92 54.06 -4.05 -15.29
C ASP K 92 54.43 -2.61 -15.56
N ASN K 93 55.41 -2.09 -14.82
CA ASN K 93 55.89 -0.73 -14.95
C ASN K 93 54.85 0.34 -14.59
N VAL K 94 53.66 -0.06 -14.12
CA VAL K 94 52.61 0.92 -13.83
C VAL K 94 52.51 1.21 -12.33
N THR K 95 52.29 2.49 -12.03
CA THR K 95 52.10 3.00 -10.69
C THR K 95 50.91 3.95 -10.74
N GLU K 96 49.98 3.81 -9.80
CA GLU K 96 48.78 4.63 -9.80
C GLU K 96 48.49 5.13 -8.39
N LYS K 97 47.80 6.27 -8.32
CA LYS K 97 47.43 6.89 -7.06
C LYS K 97 46.07 6.37 -6.61
N PHE K 98 45.98 6.02 -5.33
CA PHE K 98 44.77 5.49 -4.72
C PHE K 98 44.36 6.35 -3.54
N ASN K 99 43.05 6.46 -3.33
CA ASN K 99 42.50 7.25 -2.21
C ASN K 99 41.24 6.51 -1.73
N MET K 100 41.42 5.69 -0.71
CA MET K 100 40.30 4.93 -0.16
C MET K 100 39.25 5.82 0.49
N TRP K 101 39.62 7.01 0.93
CA TRP K 101 38.68 7.91 1.58
C TRP K 101 37.84 8.72 0.60
N LYS K 102 38.34 8.96 -0.60
CA LYS K 102 37.61 9.70 -1.63
C LYS K 102 37.09 8.77 -2.71
N ASN K 103 37.04 7.47 -2.45
CA ASN K 103 36.54 6.51 -3.42
C ASN K 103 35.02 6.55 -3.50
N ASN K 104 34.49 6.32 -4.71
CA ASN K 104 33.05 6.34 -4.90
C ASN K 104 32.42 4.96 -4.71
N MET K 105 33.23 3.89 -4.77
CA MET K 105 32.69 2.54 -4.60
C MET K 105 32.09 2.37 -3.21
N VAL K 106 32.76 2.90 -2.18
CA VAL K 106 32.24 2.76 -0.82
C VAL K 106 30.91 3.48 -0.69
N GLU K 107 30.78 4.66 -1.30
CA GLU K 107 29.52 5.40 -1.22
C GLU K 107 28.43 4.71 -2.03
N GLN K 108 28.77 4.25 -3.24
CA GLN K 108 27.78 3.58 -4.08
C GLN K 108 27.31 2.27 -3.45
N MET K 109 28.24 1.51 -2.86
CA MET K 109 27.86 0.25 -2.23
C MET K 109 26.94 0.49 -1.04
N HIS K 110 27.16 1.58 -0.30
CA HIS K 110 26.32 1.88 0.84
C HIS K 110 24.87 2.07 0.43
N THR K 111 24.64 2.78 -0.68
CA THR K 111 23.28 3.00 -1.14
C THR K 111 22.65 1.69 -1.62
N ASP K 112 23.43 0.84 -2.30
CA ASP K 112 22.90 -0.42 -2.78
C ASP K 112 22.49 -1.33 -1.62
N ILE K 113 23.32 -1.42 -0.58
CA ILE K 113 23.00 -2.26 0.55
C ILE K 113 21.72 -1.76 1.22
N ILE K 114 21.60 -0.44 1.39
CA ILE K 114 20.39 0.11 2.00
C ILE K 114 19.17 -0.16 1.12
N SER K 115 19.34 0.01 -0.20
CA SER K 115 18.22 -0.22 -1.11
C SER K 115 17.78 -1.68 -1.06
N LEU K 116 18.73 -2.62 -1.04
CA LEU K 116 18.38 -4.03 -0.97
C LEU K 116 17.65 -4.36 0.33
N TRP K 117 18.09 -3.73 1.43
CA TRP K 117 17.46 -3.98 2.72
C TRP K 117 15.99 -3.56 2.68
N ASP K 118 15.71 -2.40 2.08
CA ASP K 118 14.33 -1.94 1.98
C ASP K 118 13.53 -2.78 1.00
N GLN K 119 14.17 -3.20 -0.10
CA GLN K 119 13.47 -4.02 -1.09
C GLN K 119 13.03 -5.36 -0.50
N SER K 120 13.90 -5.97 0.31
CA SER K 120 13.56 -7.26 0.90
C SER K 120 12.44 -7.14 1.94
N LEU K 121 12.37 -6.01 2.64
CA LEU K 121 11.33 -5.82 3.64
C LEU K 121 10.02 -5.29 3.07
N LYS K 122 10.03 -4.84 1.81
CA LYS K 122 8.81 -4.30 1.20
C LYS K 122 7.67 -5.31 1.13
N PRO K 123 7.86 -6.54 0.65
CA PRO K 123 6.72 -7.48 0.58
C PRO K 123 6.34 -8.12 1.91
N CYS K 124 7.15 -7.98 2.96
CA CYS K 124 6.83 -8.59 4.23
C CYS K 124 5.69 -7.83 4.93
N VAL K 125 5.05 -8.52 5.88
CA VAL K 125 3.94 -7.93 6.62
C VAL K 125 4.44 -6.78 7.49
N LYS K 126 3.65 -5.72 7.55
CA LYS K 126 3.97 -4.55 8.36
C LYS K 126 3.26 -4.70 9.70
N LEU K 127 4.02 -4.66 10.79
CA LEU K 127 3.45 -4.82 12.14
C LEU K 127 2.79 -3.55 12.66
N THR K 128 1.84 -2.99 11.94
CA THR K 128 1.15 -1.79 12.44
C THR K 128 0.19 -2.07 13.59
N PRO K 129 -0.52 -3.21 13.68
CA PRO K 129 -1.41 -3.39 14.83
C PRO K 129 -0.69 -3.70 16.13
N LEU K 130 0.61 -4.01 16.09
CA LEU K 130 1.35 -4.32 17.30
C LEU K 130 1.52 -3.13 18.22
N CYS K 131 1.27 -1.91 17.74
CA CYS K 131 1.40 -0.71 18.58
C CYS K 131 0.17 -0.64 19.47
N VAL K 132 0.19 -1.47 20.52
CA VAL K 132 -0.89 -1.56 21.50
C VAL K 132 -0.29 -1.51 22.89
N THR K 133 -1.15 -1.28 23.88
CA THR K 133 -0.71 -1.24 25.26
C THR K 133 -0.31 -2.64 25.71
N LEU K 134 0.89 -2.77 26.27
CA LEU K 134 1.42 -4.04 26.73
C LEU K 134 1.50 -4.09 28.25
N HIS K 135 0.94 -5.16 28.82
CA HIS K 135 0.96 -5.41 30.25
C HIS K 135 1.99 -6.50 30.49
N CYS K 136 3.14 -6.12 31.07
CA CYS K 136 4.24 -7.05 31.29
C CYS K 136 4.51 -7.29 32.77
N THR K 137 5.17 -8.42 33.02
CA THR K 137 5.58 -8.87 34.33
C THR K 137 6.90 -9.61 34.19
N ASN K 138 7.61 -9.78 35.30
CA ASN K 138 8.89 -10.47 35.25
C ASN K 138 8.70 -11.94 34.86
N VAL K 139 9.71 -12.49 34.20
CA VAL K 139 9.66 -13.89 33.78
C VAL K 139 9.63 -14.79 35.00
N THR K 140 8.82 -15.84 34.93
CA THR K 140 8.70 -16.78 36.03
C THR K 140 9.97 -17.59 36.19
N ASP K 147 21.94 -10.47 36.21
CA ASP K 147 20.49 -10.13 36.33
C ASP K 147 19.66 -10.95 35.35
N ARG K 148 18.42 -11.24 35.73
CA ARG K 148 17.49 -12.01 34.91
C ARG K 148 16.29 -11.19 34.45
N GLU K 149 16.35 -9.87 34.54
CA GLU K 149 15.25 -9.01 34.11
C GLU K 149 15.42 -8.60 32.65
N GLU K 150 16.29 -9.30 31.92
CA GLU K 150 16.52 -8.99 30.51
C GLU K 150 15.28 -9.25 29.66
N LEU K 151 14.39 -10.14 30.11
CA LEU K 151 13.18 -10.49 29.40
C LEU K 151 11.95 -10.04 30.19
N LYS K 152 10.84 -9.87 29.48
CA LYS K 152 9.58 -9.46 30.06
C LYS K 152 8.43 -10.24 29.41
N ASN K 153 7.60 -10.84 30.26
CA ASN K 153 6.44 -11.62 29.81
C ASN K 153 5.27 -10.64 29.66
N CYS K 154 5.00 -10.23 28.42
CA CYS K 154 3.95 -9.27 28.12
C CYS K 154 2.73 -9.93 27.52
N SER K 155 1.56 -9.39 27.85
CA SER K 155 0.28 -9.84 27.36
C SER K 155 -0.42 -8.65 26.72
N PHE K 156 -1.13 -8.87 25.62
CA PHE K 156 -1.78 -7.77 24.94
C PHE K 156 -2.88 -8.27 24.03
N ASN K 157 -3.78 -7.37 23.65
CA ASN K 157 -4.86 -7.66 22.73
C ASN K 157 -4.33 -7.64 21.31
N MET K 158 -5.02 -8.33 20.41
CA MET K 158 -4.58 -8.37 19.02
C MET K 158 -5.75 -8.68 18.10
N THR K 159 -5.62 -8.24 16.85
CA THR K 159 -6.65 -8.48 15.85
C THR K 159 -6.53 -9.90 15.33
N THR K 160 -7.52 -10.31 14.55
CA THR K 160 -7.57 -11.65 13.97
C THR K 160 -8.08 -11.54 12.54
N GLU K 161 -8.09 -12.68 11.84
CA GLU K 161 -8.58 -12.70 10.47
C GLU K 161 -10.03 -12.22 10.38
N LEU K 162 -10.81 -12.39 11.44
CA LEU K 162 -12.19 -11.94 11.50
C LEU K 162 -12.18 -10.51 12.02
N ARG K 163 -12.61 -9.56 11.19
CA ARG K 163 -12.62 -8.15 11.59
C ARG K 163 -13.51 -7.91 12.80
N ASP K 164 -14.53 -8.73 13.01
CA ASP K 164 -15.45 -8.57 14.12
C ASP K 164 -15.01 -9.32 15.37
N LYS K 165 -13.78 -9.80 15.44
CA LYS K 165 -13.28 -10.53 16.59
C LYS K 165 -11.85 -10.10 16.90
N ARG K 166 -11.48 -10.25 18.17
CA ARG K 166 -10.16 -9.91 18.69
C ARG K 166 -9.65 -11.10 19.49
N GLN K 167 -8.38 -11.03 19.89
CA GLN K 167 -7.76 -12.10 20.65
C GLN K 167 -6.73 -11.55 21.62
N LYS K 168 -6.63 -12.19 22.79
CA LYS K 168 -5.66 -11.82 23.81
C LYS K 168 -4.53 -12.84 23.72
N VAL K 169 -3.31 -12.35 23.53
CA VAL K 169 -2.13 -13.20 23.39
C VAL K 169 -1.04 -12.71 24.33
N TYR K 170 0.02 -13.51 24.43
CA TYR K 170 1.16 -13.21 25.26
C TYR K 170 2.43 -13.67 24.55
N SER K 171 3.54 -13.00 24.86
CA SER K 171 4.82 -13.34 24.27
C SER K 171 5.90 -12.54 24.98
N LEU K 172 7.07 -13.16 25.10
CA LEU K 172 8.19 -12.51 25.76
C LEU K 172 8.76 -11.39 24.90
N PHE K 173 9.38 -10.42 25.56
CA PHE K 173 9.99 -9.29 24.87
C PHE K 173 11.23 -8.84 25.62
N TYR K 174 12.31 -8.60 24.88
CA TYR K 174 13.54 -8.12 25.50
C TYR K 174 13.28 -6.74 26.08
N ARG K 175 13.88 -6.47 27.24
CA ARG K 175 13.66 -5.17 27.88
C ARG K 175 14.09 -4.00 27.01
N LEU K 176 15.07 -4.19 26.13
CA LEU K 176 15.52 -3.10 25.27
C LEU K 176 14.47 -2.70 24.25
N ASP K 177 13.62 -3.63 23.81
CA ASP K 177 12.58 -3.34 22.84
C ASP K 177 11.26 -2.96 23.50
N ILE K 178 11.28 -2.51 24.74
CA ILE K 178 10.08 -2.14 25.48
C ILE K 178 10.31 -0.79 26.15
N VAL K 179 9.29 0.06 26.14
CA VAL K 179 9.35 1.39 26.74
C VAL K 179 8.14 1.57 27.65
N PRO K 180 8.29 2.02 28.90
CA PRO K 180 7.11 2.18 29.75
C PRO K 180 6.31 3.44 29.43
N ILE K 181 4.99 3.31 29.46
CA ILE K 181 4.12 4.45 29.21
C ILE K 181 4.15 5.42 30.39
N ASN K 182 4.44 4.92 31.59
CA ASN K 182 4.54 5.70 32.83
C ASN K 182 3.19 6.10 33.41
N GLU K 183 2.09 5.84 32.70
CA GLU K 183 0.79 6.20 33.25
C GLU K 183 0.40 5.25 34.37
N SER K 184 0.72 3.96 34.24
CA SER K 184 0.45 2.96 35.26
C SER K 184 1.74 2.50 35.92
N GLN K 185 2.79 3.31 35.81
CA GLN K 185 4.11 3.08 36.40
C GLN K 185 4.86 1.86 35.85
N GLY K 186 4.89 0.73 36.58
CA GLY K 186 5.66 -0.43 36.16
C GLY K 186 4.88 -1.62 35.63
N SER K 187 3.60 -1.46 35.26
CA SER K 187 2.81 -2.56 34.73
C SER K 187 2.23 -2.30 33.36
N GLU K 188 2.63 -1.22 32.69
CA GLU K 188 2.13 -0.88 31.36
C GLU K 188 3.31 -0.42 30.51
N TYR K 189 3.41 -0.96 29.30
CA TYR K 189 4.50 -0.61 28.40
C TYR K 189 4.00 -0.59 26.96
N ARG K 190 4.92 -0.24 26.06
CA ARG K 190 4.66 -0.19 24.63
C ARG K 190 5.97 -0.49 23.90
N LEU K 191 5.86 -0.91 22.64
CA LEU K 191 7.04 -1.23 21.86
C LEU K 191 7.86 0.03 21.60
N ILE K 192 9.18 -0.13 21.62
CA ILE K 192 10.05 1.02 21.37
C ILE K 192 9.91 1.44 19.90
N ASN K 193 10.16 2.72 19.66
CA ASN K 193 10.07 3.31 18.32
C ASN K 193 8.65 3.23 17.76
N CYS K 194 7.66 2.94 18.62
CA CYS K 194 6.28 2.88 18.15
C CYS K 194 5.76 4.28 17.85
N ASN K 195 6.29 5.30 18.53
CA ASN K 195 5.90 6.68 18.33
C ASN K 195 6.64 7.34 17.17
N THR K 196 7.41 6.57 16.38
CA THR K 196 8.16 7.08 15.24
C THR K 196 7.86 6.37 13.93
N SER K 197 7.60 5.07 13.93
CA SER K 197 7.31 4.33 12.70
C SER K 197 6.91 2.91 13.07
N ALA K 198 6.15 2.28 12.18
CA ALA K 198 5.70 0.90 12.36
C ALA K 198 6.73 -0.02 11.74
N CYS K 199 7.39 -0.82 12.57
CA CYS K 199 8.42 -1.73 12.09
C CYS K 199 7.81 -2.83 11.22
N THR K 200 8.58 -3.27 10.23
CA THR K 200 8.17 -4.31 9.32
C THR K 200 8.83 -5.63 9.73
N GLN K 201 8.00 -6.66 9.93
CA GLN K 201 8.52 -7.95 10.34
C GLN K 201 9.34 -8.56 9.20
N ALA K 202 10.56 -8.99 9.51
CA ALA K 202 11.40 -9.60 8.49
C ALA K 202 10.80 -10.93 8.07
N CYS K 203 10.77 -11.18 6.76
CA CYS K 203 10.21 -12.42 6.25
C CYS K 203 11.05 -13.60 6.76
N PRO K 204 10.44 -14.60 7.42
CA PRO K 204 11.25 -15.73 7.90
C PRO K 204 11.82 -16.60 6.80
N LYS K 205 11.32 -16.49 5.57
CA LYS K 205 11.82 -17.31 4.47
C LYS K 205 13.12 -16.80 3.87
N VAL K 206 13.56 -15.59 4.22
CA VAL K 206 14.80 -15.01 3.71
C VAL K 206 15.79 -14.95 4.87
N SER K 207 17.03 -15.38 4.60
CA SER K 207 18.09 -15.39 5.60
C SER K 207 19.00 -14.19 5.46
N PHE K 208 19.60 -13.80 6.58
CA PHE K 208 20.53 -12.67 6.63
C PHE K 208 21.97 -13.11 6.44
N GLU K 209 22.21 -14.24 5.79
CA GLU K 209 23.56 -14.72 5.58
C GLU K 209 24.31 -13.76 4.66
N PRO K 210 25.50 -13.26 5.06
CA PRO K 210 26.22 -12.33 4.17
C PRO K 210 27.10 -13.08 3.16
N ILE K 211 26.48 -13.62 2.12
CA ILE K 211 27.23 -14.35 1.10
C ILE K 211 28.06 -13.34 0.31
N PRO K 212 29.22 -13.72 -0.21
CA PRO K 212 30.03 -12.74 -0.95
C PRO K 212 29.35 -12.29 -2.24
N ILE K 213 29.53 -11.01 -2.57
CA ILE K 213 28.98 -10.41 -3.78
C ILE K 213 30.12 -9.65 -4.47
N HIS K 214 30.28 -9.87 -5.76
CA HIS K 214 31.34 -9.22 -6.52
C HIS K 214 30.80 -8.00 -7.24
N TYR K 215 31.53 -6.89 -7.13
CA TYR K 215 31.16 -5.64 -7.77
C TYR K 215 31.90 -5.53 -9.09
N CYS K 216 31.15 -5.63 -10.19
CA CYS K 216 31.70 -5.56 -11.54
C CYS K 216 31.41 -4.19 -12.15
N ALA K 217 32.26 -3.78 -13.11
CA ALA K 217 32.13 -2.52 -13.81
C ALA K 217 31.58 -2.77 -15.21
N PRO K 218 30.85 -1.82 -15.81
CA PRO K 218 30.33 -2.06 -17.16
C PRO K 218 31.44 -2.15 -18.18
N ALA K 219 31.08 -2.54 -19.40
CA ALA K 219 32.07 -2.64 -20.47
C ALA K 219 32.62 -1.25 -20.75
N GLY K 220 33.90 -1.19 -21.11
CA GLY K 220 34.54 0.09 -21.37
C GLY K 220 35.10 0.75 -20.13
N PHE K 221 35.06 0.05 -18.99
CA PHE K 221 35.58 0.53 -17.71
C PHE K 221 36.35 -0.61 -17.08
N ALA K 222 37.06 -0.31 -15.99
CA ALA K 222 37.83 -1.34 -15.33
C ALA K 222 38.07 -0.95 -13.87
N ILE K 223 38.34 -1.97 -13.05
CA ILE K 223 38.60 -1.79 -11.63
C ILE K 223 40.09 -2.03 -11.39
N LEU K 224 40.81 -0.97 -11.02
CA LEU K 224 42.23 -1.07 -10.77
C LEU K 224 42.46 -1.58 -9.35
N LYS K 225 43.37 -2.55 -9.24
CA LYS K 225 43.72 -3.19 -7.97
C LYS K 225 45.18 -2.90 -7.64
N CYS K 226 45.45 -2.64 -6.36
CA CYS K 226 46.79 -2.36 -5.87
C CYS K 226 47.32 -3.58 -5.13
N LYS K 227 48.42 -4.13 -5.62
CA LYS K 227 49.06 -5.30 -5.04
C LYS K 227 50.27 -4.97 -4.19
N ASP K 228 50.50 -3.68 -3.90
CA ASP K 228 51.66 -3.30 -3.09
C ASP K 228 51.56 -3.91 -1.71
N GLU K 229 52.68 -4.44 -1.21
CA GLU K 229 52.72 -5.07 0.09
C GLU K 229 52.58 -4.01 1.19
N GLY K 230 51.67 -4.25 2.12
CA GLY K 230 51.45 -3.33 3.22
C GLY K 230 51.01 -1.95 2.83
N PHE K 231 50.19 -1.83 1.78
CA PHE K 231 49.71 -0.52 1.37
C PHE K 231 48.74 0.02 2.40
N ASN K 232 48.94 1.27 2.81
CA ASN K 232 48.06 1.86 3.83
C ASN K 232 46.77 2.44 3.25
N GLY K 233 46.50 2.25 1.97
CA GLY K 233 45.28 2.74 1.36
C GLY K 233 45.32 4.12 0.76
N THR K 234 46.42 4.85 0.88
CA THR K 234 46.52 6.20 0.32
C THR K 234 47.92 6.39 -0.24
N GLY K 235 48.01 7.14 -1.34
CA GLY K 235 49.27 7.43 -1.99
C GLY K 235 49.41 6.72 -3.32
N LEU K 236 50.64 6.72 -3.82
CA LEU K 236 50.95 6.09 -5.11
C LEU K 236 51.27 4.62 -4.87
N CYS K 237 50.54 3.75 -5.55
CA CYS K 237 50.77 2.31 -5.43
C CYS K 237 51.85 1.88 -6.41
N LYS K 238 52.90 1.26 -5.90
CA LYS K 238 54.03 0.82 -6.73
C LYS K 238 53.83 -0.54 -7.37
N ASN K 239 52.70 -1.21 -7.11
CA ASN K 239 52.41 -2.54 -7.67
C ASN K 239 50.91 -2.54 -7.99
N VAL K 240 50.57 -2.18 -9.23
CA VAL K 240 49.20 -2.08 -9.69
C VAL K 240 48.80 -3.32 -10.50
N SER K 241 47.50 -3.59 -10.50
CA SER K 241 46.90 -4.70 -11.22
C SER K 241 45.48 -4.27 -11.59
N THR K 242 44.90 -4.98 -12.56
CA THR K 242 43.55 -4.68 -13.03
C THR K 242 42.69 -5.93 -13.00
N VAL K 243 41.39 -5.73 -12.78
CA VAL K 243 40.43 -6.81 -12.73
C VAL K 243 39.07 -6.25 -13.12
N GLN K 244 38.22 -7.11 -13.70
CA GLN K 244 36.88 -6.67 -14.10
C GLN K 244 35.91 -6.62 -12.94
N CYS K 245 36.06 -7.51 -11.96
CA CYS K 245 35.18 -7.55 -10.79
C CYS K 245 36.01 -7.68 -9.53
N THR K 246 35.50 -7.10 -8.45
CA THR K 246 36.18 -7.17 -7.17
C THR K 246 36.04 -8.57 -6.58
N HIS K 247 36.87 -8.87 -5.59
CA HIS K 247 36.79 -10.18 -4.95
C HIS K 247 35.48 -10.29 -4.18
N GLY K 248 35.23 -11.47 -3.62
CA GLY K 248 34.01 -11.67 -2.87
C GLY K 248 33.89 -10.77 -1.67
N ILE K 249 33.00 -9.79 -1.73
CA ILE K 249 32.78 -8.86 -0.63
C ILE K 249 31.59 -9.36 0.18
N LYS K 250 31.83 -9.71 1.43
CA LYS K 250 30.76 -10.19 2.29
C LYS K 250 30.17 -9.01 3.06
N PRO K 251 28.91 -8.62 2.80
CA PRO K 251 28.35 -7.47 3.55
C PRO K 251 28.06 -7.82 5.00
N VAL K 252 29.12 -7.98 5.79
CA VAL K 252 29.02 -8.31 7.21
C VAL K 252 28.88 -7.00 7.97
N VAL K 253 27.68 -6.73 8.47
CA VAL K 253 27.44 -5.51 9.23
C VAL K 253 27.97 -5.72 10.64
N SER K 254 28.91 -4.87 11.06
CA SER K 254 29.50 -4.98 12.38
C SER K 254 29.91 -3.60 12.88
N THR K 255 30.11 -3.51 14.20
CA THR K 255 30.52 -2.27 14.86
C THR K 255 31.63 -2.56 15.86
N GLN K 256 32.69 -1.74 15.77
CA GLN K 256 33.88 -1.78 16.62
C GLN K 256 34.82 -2.95 16.33
N LEU K 257 34.39 -3.91 15.52
CA LEU K 257 35.19 -5.08 15.18
C LEU K 257 34.76 -5.61 13.82
N LEU K 258 35.68 -5.67 12.88
CA LEU K 258 35.38 -6.18 11.55
C LEU K 258 35.41 -7.70 11.61
N LEU K 259 34.29 -8.34 11.25
CA LEU K 259 34.15 -9.79 11.28
C LEU K 259 34.13 -10.38 9.88
N ASN K 260 34.79 -11.53 9.72
CA ASN K 260 34.87 -12.25 8.46
C ASN K 260 35.41 -11.40 7.32
N GLY K 261 36.24 -10.41 7.64
CA GLY K 261 36.81 -9.55 6.62
C GLY K 261 38.17 -10.07 6.15
N SER K 262 38.76 -9.32 5.24
CA SER K 262 40.07 -9.71 4.72
C SER K 262 41.14 -9.51 5.79
N LEU K 263 42.19 -10.32 5.70
CA LEU K 263 43.29 -10.26 6.64
C LEU K 263 44.51 -9.60 6.00
N ALA K 264 45.31 -8.94 6.84
CA ALA K 264 46.52 -8.28 6.35
C ALA K 264 47.48 -9.33 5.80
N GLU K 265 48.33 -8.91 4.86
CA GLU K 265 49.25 -9.85 4.23
C GLU K 265 50.43 -10.23 5.11
N LYS K 266 51.23 -9.26 5.59
CA LYS K 266 52.40 -9.55 6.41
C LYS K 266 52.47 -8.80 7.74
N ASN K 267 51.97 -7.56 7.81
CA ASN K 267 52.03 -6.80 9.05
C ASN K 267 50.69 -6.11 9.32
N ILE K 268 50.48 -5.80 10.60
CA ILE K 268 49.26 -5.11 11.02
C ILE K 268 49.26 -3.72 10.41
N THR K 269 48.38 -3.52 9.43
CA THR K 269 48.27 -2.25 8.73
C THR K 269 47.27 -1.35 9.42
N ILE K 270 47.57 -0.05 9.44
CA ILE K 270 46.74 0.98 10.04
C ILE K 270 46.40 1.98 8.94
N ARG K 271 45.15 2.41 8.89
CA ARG K 271 44.69 3.33 7.86
C ARG K 271 43.86 4.45 8.46
N SER K 272 44.08 5.67 7.97
CA SER K 272 43.38 6.86 8.42
C SER K 272 43.74 7.99 7.47
N GLU K 273 42.74 8.81 7.12
CA GLU K 273 43.01 9.93 6.23
C GLU K 273 43.93 10.95 6.88
N ASN K 274 43.79 11.15 8.19
CA ASN K 274 44.65 12.08 8.92
C ASN K 274 44.84 11.46 10.32
N ILE K 275 45.93 10.70 10.46
CA ILE K 275 46.22 10.03 11.73
C ILE K 275 46.36 11.04 12.86
N THR K 276 46.89 12.22 12.57
CA THR K 276 47.05 13.23 13.61
C THR K 276 45.73 13.83 14.06
N ASN K 277 44.68 13.72 13.24
CA ASN K 277 43.38 14.26 13.61
C ASN K 277 42.73 13.39 14.67
N ASN K 278 41.80 13.99 15.43
CA ASN K 278 41.10 13.30 16.50
C ASN K 278 39.72 12.80 16.10
N ALA K 279 39.04 13.49 15.18
CA ALA K 279 37.70 13.09 14.76
C ALA K 279 37.70 12.01 13.69
N LYS K 280 38.84 11.71 13.08
CA LYS K 280 38.90 10.69 12.03
C LYS K 280 39.06 9.31 12.63
N ILE K 281 38.31 8.34 12.09
CA ILE K 281 38.36 6.97 12.56
C ILE K 281 39.63 6.30 12.06
N ILE K 282 40.18 5.42 12.88
CA ILE K 282 41.40 4.68 12.57
C ILE K 282 41.01 3.23 12.30
N ILE K 283 41.40 2.74 11.13
CA ILE K 283 41.11 1.37 10.72
C ILE K 283 42.41 0.58 10.78
N VAL K 284 42.42 -0.49 11.58
CA VAL K 284 43.58 -1.35 11.75
C VAL K 284 43.21 -2.76 11.28
N GLN K 285 44.07 -3.35 10.46
CA GLN K 285 43.87 -4.69 9.91
C GLN K 285 44.83 -5.65 10.59
N LEU K 286 44.30 -6.79 11.02
CA LEU K 286 45.09 -7.81 11.70
C LEU K 286 45.59 -8.87 10.74
N VAL K 287 46.72 -9.48 11.10
CA VAL K 287 47.30 -10.54 10.28
C VAL K 287 46.85 -11.93 10.75
N GLN K 288 46.57 -12.08 12.05
CA GLN K 288 46.13 -13.34 12.62
C GLN K 288 44.64 -13.25 12.93
N PRO K 289 43.76 -14.07 12.37
CA PRO K 289 42.33 -13.95 12.68
C PRO K 289 42.04 -14.42 14.09
N VAL K 290 41.53 -13.51 14.93
CA VAL K 290 41.19 -13.83 16.30
C VAL K 290 39.79 -14.44 16.32
N THR K 291 39.71 -15.74 16.56
CA THR K 291 38.43 -16.43 16.57
C THR K 291 37.60 -15.99 17.78
N ILE K 292 36.31 -15.75 17.54
CA ILE K 292 35.36 -15.35 18.57
C ILE K 292 34.13 -16.23 18.42
N LYS K 293 33.74 -16.89 19.51
CA LYS K 293 32.59 -17.78 19.53
C LYS K 293 31.47 -17.16 20.36
N CYS K 294 30.30 -16.98 19.75
CA CYS K 294 29.13 -16.41 20.40
C CYS K 294 28.05 -17.47 20.45
N ILE K 295 27.14 -17.34 21.42
CA ILE K 295 26.06 -18.30 21.59
C ILE K 295 24.86 -17.64 22.26
N ARG K 296 23.67 -18.14 21.92
CA ARG K 296 22.39 -17.70 22.47
C ARG K 296 21.86 -18.94 23.19
N PRO K 297 22.26 -19.18 24.45
CA PRO K 297 21.82 -20.41 25.14
C PRO K 297 20.33 -20.53 25.37
N ASN K 298 19.56 -19.45 25.35
CA ASN K 298 18.12 -19.57 25.58
C ASN K 298 17.47 -20.37 24.45
N ASN K 299 16.58 -21.28 24.84
CA ASN K 299 15.84 -22.16 23.93
C ASN K 299 14.36 -21.76 23.96
N TYR K 300 13.98 -20.82 23.10
CA TYR K 300 12.61 -20.35 23.04
C TYR K 300 11.75 -21.18 22.10
N THR K 301 10.44 -21.07 22.26
CA THR K 301 9.48 -21.77 21.41
C THR K 301 8.77 -20.77 20.52
N ARG K 302 9.01 -20.87 19.22
CA ARG K 302 8.38 -19.94 18.30
C ARG K 302 6.89 -20.22 18.19
N LYS K 303 6.09 -19.17 18.35
CA LYS K 303 4.64 -19.23 18.26
C LYS K 303 4.17 -18.21 17.24
N SER K 304 3.26 -18.63 16.37
CA SER K 304 2.71 -17.80 15.32
C SER K 304 1.24 -17.49 15.60
N ILE K 305 0.90 -16.21 15.56
CA ILE K 305 -0.47 -15.73 15.79
C ILE K 305 -0.89 -14.93 14.58
N ARG K 306 -2.08 -15.22 14.06
CA ARG K 306 -2.59 -14.54 12.87
C ARG K 306 -3.19 -13.20 13.28
N ILE K 307 -2.47 -12.12 13.00
CA ILE K 307 -2.95 -10.78 13.34
C ILE K 307 -3.98 -10.28 12.33
N GLY K 308 -3.97 -10.80 11.11
CA GLY K 308 -4.89 -10.39 10.09
C GLY K 308 -5.07 -11.45 9.02
N PRO K 309 -5.95 -11.19 8.05
CA PRO K 309 -6.17 -12.18 6.98
C PRO K 309 -4.93 -12.47 6.15
N GLY K 310 -4.44 -13.72 6.22
CA GLY K 310 -3.29 -14.13 5.45
C GLY K 310 -1.94 -13.69 5.96
N GLN K 311 -1.86 -13.12 7.16
CA GLN K 311 -0.59 -12.66 7.70
C GLN K 311 -0.55 -13.00 9.19
N ALA K 312 0.64 -13.37 9.68
CA ALA K 312 0.83 -13.73 11.07
C ALA K 312 2.06 -13.05 11.64
N PHE K 313 2.09 -12.98 12.96
CA PHE K 313 3.17 -12.35 13.73
C PHE K 313 3.87 -13.42 14.55
N TYR K 314 5.18 -13.53 14.38
CA TYR K 314 5.99 -14.52 15.10
C TYR K 314 6.61 -13.88 16.33
N ALA K 315 6.57 -14.58 17.45
CA ALA K 315 7.12 -14.10 18.70
C ALA K 315 7.62 -15.28 19.53
N MET K 316 8.33 -14.92 20.59
CA MET K 316 8.95 -15.94 21.44
C MET K 316 7.93 -16.44 22.45
N GLY K 317 7.79 -17.75 22.58
CA GLY K 317 6.90 -18.28 23.60
C GLY K 317 7.69 -18.48 24.87
N ASP K 318 7.35 -19.52 25.61
CA ASP K 318 8.03 -19.72 26.93
C ASP K 318 9.47 -20.17 26.66
N ILE K 319 10.31 -20.10 27.70
CA ILE K 319 11.73 -20.51 27.56
C ILE K 319 11.86 -21.93 28.14
N ILE K 320 12.59 -22.82 27.46
CA ILE K 320 12.82 -24.17 27.99
C ILE K 320 13.98 -24.12 28.96
N GLY K 321 13.84 -24.80 30.09
CA GLY K 321 14.89 -24.82 31.08
C GLY K 321 14.85 -23.58 31.94
N ASP K 322 15.95 -22.82 31.94
CA ASP K 322 16.06 -21.60 32.73
C ASP K 322 16.73 -20.52 31.88
N ILE K 323 16.68 -19.28 32.41
CA ILE K 323 17.27 -18.15 31.71
C ILE K 323 18.78 -18.23 31.78
N ARG K 324 19.45 -17.87 30.68
CA ARG K 324 20.90 -17.87 30.61
C ARG K 324 21.33 -16.67 29.76
N GLN K 325 22.39 -16.02 30.20
CA GLN K 325 22.90 -14.83 29.52
C GLN K 325 23.69 -15.19 28.28
N ALA K 326 23.44 -14.45 27.20
CA ALA K 326 24.17 -14.66 25.95
C ALA K 326 25.55 -14.03 26.11
N HIS K 327 26.55 -14.64 25.48
CA HIS K 327 27.91 -14.11 25.60
C HIS K 327 28.76 -14.56 24.42
N CYS K 328 29.98 -14.03 24.38
CA CYS K 328 30.96 -14.35 23.35
C CYS K 328 32.30 -14.64 24.01
N ASN K 329 32.95 -15.70 23.55
CA ASN K 329 34.25 -16.14 24.07
C ASN K 329 35.36 -15.78 23.10
N VAL K 330 36.55 -15.58 23.64
CA VAL K 330 37.73 -15.25 22.84
C VAL K 330 38.96 -15.57 23.68
N SER K 331 39.96 -16.19 23.04
CA SER K 331 41.19 -16.56 23.73
C SER K 331 41.90 -15.31 24.24
N ARG K 332 42.29 -15.34 25.52
CA ARG K 332 42.98 -14.19 26.11
C ARG K 332 44.42 -14.10 25.63
N SER K 333 45.11 -15.24 25.55
CA SER K 333 46.50 -15.23 25.11
C SER K 333 46.63 -14.70 23.69
N ARG K 334 45.78 -15.18 22.77
CA ARG K 334 45.85 -14.72 21.40
C ARG K 334 45.24 -13.34 21.22
N TRP K 335 44.28 -12.95 22.08
CA TRP K 335 43.66 -11.64 21.91
C TRP K 335 44.58 -10.52 22.35
N ASN K 336 44.98 -10.50 23.63
CA ASN K 336 45.81 -9.39 24.06
C ASN K 336 47.22 -9.46 23.46
N LYS K 337 47.59 -10.57 22.81
CA LYS K 337 48.87 -10.61 22.13
C LYS K 337 48.83 -9.66 20.95
N THR K 338 47.71 -9.66 20.22
CA THR K 338 47.54 -8.77 19.08
C THR K 338 47.51 -7.33 19.54
N LEU K 339 46.95 -7.07 20.73
CA LEU K 339 46.92 -5.69 21.24
C LEU K 339 48.33 -5.16 21.39
N GLN K 340 49.27 -6.00 21.82
CA GLN K 340 50.66 -5.58 21.93
C GLN K 340 51.20 -5.24 20.55
N GLU K 341 50.90 -6.09 19.56
CA GLU K 341 51.34 -5.83 18.19
C GLU K 341 50.65 -4.59 17.65
N VAL K 342 49.36 -4.41 17.99
CA VAL K 342 48.64 -3.24 17.54
C VAL K 342 49.17 -2.00 18.26
N ALA K 343 49.51 -2.15 19.53
CA ALA K 343 50.04 -1.02 20.30
C ALA K 343 51.40 -0.58 19.77
N GLU K 344 52.30 -1.54 19.55
CA GLU K 344 53.63 -1.17 19.04
C GLU K 344 53.53 -0.56 17.65
N LYS K 345 52.64 -1.09 16.79
CA LYS K 345 52.48 -0.52 15.46
C LYS K 345 51.94 0.90 15.58
N LEU K 346 50.99 1.12 16.49
CA LEU K 346 50.45 2.45 16.69
C LEU K 346 51.51 3.39 17.25
N ARG K 347 52.46 2.84 18.01
CA ARG K 347 53.52 3.65 18.60
C ARG K 347 54.39 4.32 17.54
N THR K 348 54.48 3.74 16.35
CA THR K 348 55.29 4.33 15.29
C THR K 348 54.77 5.69 14.84
N TYR K 349 53.48 5.94 15.01
CA TYR K 349 52.88 7.22 14.61
C TYR K 349 52.77 8.23 15.74
N PHE K 350 53.25 7.90 16.95
CA PHE K 350 53.18 8.82 18.08
C PHE K 350 54.45 8.85 18.92
N GLY K 351 55.60 8.54 18.37
CA GLY K 351 56.82 8.57 19.16
C GLY K 351 56.91 7.40 20.12
N ASN K 352 57.60 7.65 21.24
CA ASN K 352 57.79 6.63 22.27
C ASN K 352 56.73 6.71 23.36
N LYS K 353 55.55 7.23 23.02
CA LYS K 353 54.48 7.32 24.00
C LYS K 353 53.82 5.96 24.20
N THR K 354 53.20 5.78 25.36
CA THR K 354 52.52 4.53 25.67
C THR K 354 51.12 4.54 25.07
N ILE K 355 50.58 3.34 24.84
CA ILE K 355 49.26 3.15 24.25
C ILE K 355 48.32 2.63 25.33
N ILE K 356 47.14 3.23 25.41
CA ILE K 356 46.12 2.87 26.40
C ILE K 356 44.83 2.58 25.65
N PHE K 357 44.16 1.49 26.02
CA PHE K 357 42.90 1.08 25.42
C PHE K 357 41.80 1.17 26.47
N ALA K 358 40.73 1.90 26.15
CA ALA K 358 39.64 2.08 27.13
C ALA K 358 38.33 1.78 26.42
N ASN K 359 37.28 1.48 27.17
CA ASN K 359 36.01 1.09 26.50
C ASN K 359 35.35 2.32 25.90
N SER K 360 34.40 2.11 25.00
CA SER K 360 33.76 3.26 24.31
C SER K 360 33.23 4.25 25.34
N SER K 361 33.30 5.55 25.03
CA SER K 361 32.88 6.58 26.01
C SER K 361 31.44 6.33 26.45
N GLY K 362 30.50 6.32 25.50
CA GLY K 362 29.08 6.17 25.85
C GLY K 362 28.20 6.75 24.76
N GLY K 363 26.90 6.48 24.81
CA GLY K 363 25.98 6.94 23.74
C GLY K 363 25.03 5.86 23.31
N ASP K 364 24.83 5.71 21.99
CA ASP K 364 23.87 4.73 21.51
C ASP K 364 24.39 3.32 21.70
N LEU K 365 23.47 2.36 21.87
CA LEU K 365 23.87 0.97 22.06
C LEU K 365 24.57 0.42 20.83
N GLU K 366 24.19 0.90 19.65
CA GLU K 366 24.80 0.41 18.41
C GLU K 366 26.29 0.76 18.34
N ILE K 367 26.65 1.97 18.78
CA ILE K 367 28.05 2.40 18.72
C ILE K 367 28.84 2.03 19.99
N THR K 368 28.18 1.89 21.13
CA THR K 368 28.88 1.57 22.37
C THR K 368 29.11 0.07 22.57
N THR K 369 28.48 -0.79 21.77
CA THR K 369 28.63 -2.22 21.92
C THR K 369 28.88 -2.87 20.56
N HIS K 370 29.62 -3.97 20.58
CA HIS K 370 29.94 -4.70 19.37
C HIS K 370 28.69 -5.38 18.84
N SER K 371 28.09 -4.81 17.80
CA SER K 371 26.88 -5.32 17.19
C SER K 371 27.21 -6.19 16.00
N PHE K 372 26.46 -7.28 15.83
CA PHE K 372 26.64 -8.21 14.73
C PHE K 372 25.37 -9.06 14.64
N ASN K 373 25.43 -10.16 13.88
CA ASN K 373 24.26 -11.01 13.70
C ASN K 373 24.72 -12.45 13.46
N CYS K 374 24.17 -13.39 14.23
CA CYS K 374 24.49 -14.82 14.10
C CYS K 374 23.49 -15.45 13.13
N GLY K 375 23.34 -14.81 11.97
CA GLY K 375 22.42 -15.31 10.97
C GLY K 375 20.97 -15.37 11.40
N GLY K 376 20.44 -14.29 11.99
CA GLY K 376 19.06 -14.26 12.44
C GLY K 376 18.81 -13.48 13.72
N GLU K 377 19.78 -13.47 14.63
CA GLU K 377 19.67 -12.75 15.90
C GLU K 377 20.74 -11.68 15.98
N PHE K 378 20.31 -10.45 16.26
CA PHE K 378 21.21 -9.30 16.36
C PHE K 378 21.76 -9.23 17.78
N PHE K 379 23.09 -9.29 17.91
CA PHE K 379 23.76 -9.23 19.19
C PHE K 379 24.25 -7.83 19.51
N TYR K 380 24.54 -7.59 20.78
CA TYR K 380 25.05 -6.32 21.28
C TYR K 380 25.92 -6.69 22.48
N CYS K 381 27.21 -6.87 22.24
CA CYS K 381 28.16 -7.28 23.26
C CYS K 381 29.04 -6.12 23.71
N ASN K 382 29.33 -6.09 25.02
CA ASN K 382 30.13 -5.02 25.63
C ASN K 382 31.61 -5.38 25.50
N THR K 383 32.38 -4.55 24.81
CA THR K 383 33.80 -4.81 24.57
C THR K 383 34.71 -4.24 25.64
N SER K 384 34.18 -3.90 26.82
CA SER K 384 35.03 -3.36 27.87
C SER K 384 36.08 -4.34 28.35
N GLY K 385 35.82 -5.65 28.23
CA GLY K 385 36.80 -6.63 28.66
C GLY K 385 37.97 -6.81 27.72
N LEU K 386 37.89 -6.22 26.52
CA LEU K 386 38.95 -6.31 25.52
C LEU K 386 39.83 -5.06 25.51
N PHE K 387 39.24 -3.89 25.31
CA PHE K 387 39.99 -2.63 25.27
C PHE K 387 40.14 -2.07 26.69
N ASN K 388 40.81 -2.85 27.54
CA ASN K 388 41.05 -2.49 28.93
C ASN K 388 42.49 -2.93 29.27
N SER K 389 43.45 -2.04 29.01
CA SER K 389 44.85 -2.30 29.28
C SER K 389 45.67 -1.10 28.86
N THR K 390 46.93 -1.09 29.32
CA THR K 390 47.91 -0.06 29.00
C THR K 390 49.19 -0.76 28.61
N TRP K 391 49.84 -0.28 27.56
CA TRP K 391 51.08 -0.89 27.04
C TRP K 391 52.20 0.13 26.99
N TYR K 392 53.27 -0.15 27.73
CA TYR K 392 54.43 0.73 27.77
C TYR K 392 55.36 0.43 26.59
N VAL K 393 56.41 1.23 26.45
CA VAL K 393 57.32 1.07 25.28
C VAL K 393 58.03 -0.29 25.35
N ASN K 394 58.21 -0.83 26.55
CA ASN K 394 58.94 -2.12 26.70
C ASN K 394 57.96 -3.22 27.11
N SER K 395 56.68 -2.86 27.29
CA SER K 395 55.68 -3.83 27.78
C SER K 395 55.61 -5.05 26.85
N THR K 396 55.55 -6.26 27.41
CA THR K 396 55.41 -7.47 26.62
C THR K 396 54.22 -8.25 27.15
N TRP K 397 53.48 -8.88 26.23
CA TRP K 397 52.30 -9.65 26.63
C TRP K 397 52.68 -10.86 27.48
N ASN K 398 53.80 -11.51 27.20
CA ASN K 398 54.25 -12.68 27.94
C ASN K 398 53.22 -13.80 27.88
N SER K 406 47.15 -22.51 28.12
CA SER K 406 45.91 -22.31 28.91
C SER K 406 44.85 -21.61 28.07
N ASN K 407 43.58 -21.73 28.48
CA ASN K 407 42.49 -21.09 27.74
C ASN K 407 42.23 -19.68 28.22
N ASP K 408 41.77 -19.54 29.48
CA ASP K 408 41.47 -18.24 30.09
C ASP K 408 40.67 -17.33 29.15
N THR K 409 39.72 -17.90 28.42
CA THR K 409 38.93 -17.15 27.46
C THR K 409 38.19 -15.99 28.11
N ILE K 410 38.16 -14.86 27.41
CA ILE K 410 37.48 -13.67 27.89
C ILE K 410 36.01 -13.77 27.49
N THR K 411 35.12 -13.54 28.45
CA THR K 411 33.68 -13.61 28.22
C THR K 411 33.11 -12.20 28.13
N LEU K 412 32.34 -11.94 27.07
CA LEU K 412 31.74 -10.64 26.84
C LEU K 412 30.22 -10.75 27.00
N PRO K 413 29.59 -10.12 28.00
CA PRO K 413 28.13 -10.23 28.09
C PRO K 413 27.49 -9.55 26.88
N CYS K 414 26.34 -10.08 26.45
CA CYS K 414 25.66 -9.55 25.28
C CYS K 414 24.16 -9.39 25.49
N ARG K 415 23.60 -8.40 24.82
CA ARG K 415 22.18 -8.08 24.81
C ARG K 415 21.65 -8.35 23.41
N ILE K 416 20.36 -8.65 23.33
CA ILE K 416 19.71 -8.95 22.06
C ILE K 416 18.47 -8.10 21.91
N LYS K 417 18.24 -7.61 20.69
CA LYS K 417 17.10 -6.77 20.35
C LYS K 417 16.40 -7.30 19.12
N GLN K 418 15.08 -7.09 19.08
CA GLN K 418 14.23 -7.46 17.96
C GLN K 418 13.91 -6.25 17.10
N ILE K 419 13.60 -5.12 17.73
CA ILE K 419 13.34 -3.88 17.02
C ILE K 419 14.71 -3.24 16.78
N ILE K 420 15.10 -3.09 15.53
CA ILE K 420 16.41 -2.58 15.18
C ILE K 420 16.35 -1.58 14.03
N ASN K 421 17.32 -0.67 14.01
CA ASN K 421 17.51 0.35 12.98
C ASN K 421 18.95 0.12 12.52
N MET K 422 19.09 -0.56 11.38
CA MET K 422 20.41 -0.93 10.88
C MET K 422 21.26 0.27 10.46
N TRP K 423 20.69 1.17 9.64
CA TRP K 423 21.44 2.29 9.08
C TRP K 423 21.21 3.61 9.79
N GLN K 424 20.98 3.59 11.10
CA GLN K 424 20.80 4.79 11.92
C GLN K 424 19.73 5.74 11.37
N ARG K 425 18.78 5.24 10.58
CA ARG K 425 17.76 6.09 10.00
C ARG K 425 16.55 6.23 10.93
N ALA K 426 15.96 7.42 10.92
CA ALA K 426 14.78 7.65 11.74
C ALA K 426 13.62 6.86 11.14
N GLY K 427 12.95 6.09 11.98
CA GLY K 427 11.88 5.29 11.41
C GLY K 427 12.51 4.17 10.61
N GLN K 428 11.70 3.56 9.75
CA GLN K 428 12.14 2.46 8.90
C GLN K 428 12.69 1.30 9.73
N CYS K 429 12.16 1.12 10.94
CA CYS K 429 12.63 0.05 11.80
C CYS K 429 12.18 -1.30 11.28
N MET K 430 12.84 -2.35 11.79
CA MET K 430 12.57 -3.73 11.40
C MET K 430 12.48 -4.60 12.64
N TYR K 431 11.57 -5.57 12.60
CA TYR K 431 11.37 -6.52 13.69
C TYR K 431 11.94 -7.86 13.26
N ALA K 432 12.98 -8.33 13.98
CA ALA K 432 13.61 -9.59 13.66
C ALA K 432 12.86 -10.73 14.32
N PRO K 433 12.29 -11.69 13.58
CA PRO K 433 11.58 -12.78 14.25
C PRO K 433 12.55 -13.66 15.01
N PRO K 434 12.09 -14.33 16.08
CA PRO K 434 13.01 -15.19 16.83
C PRO K 434 13.35 -16.46 16.08
N ILE K 435 14.57 -16.95 16.29
CA ILE K 435 15.06 -18.17 15.67
C ILE K 435 14.86 -19.30 16.67
N PRO K 436 14.13 -20.37 16.35
CA PRO K 436 13.92 -21.43 17.34
C PRO K 436 15.21 -22.18 17.65
N GLY K 437 15.30 -22.68 18.88
CA GLY K 437 16.45 -23.43 19.32
C GLY K 437 17.64 -22.56 19.63
N VAL K 438 18.71 -23.22 20.08
CA VAL K 438 19.95 -22.55 20.43
C VAL K 438 20.74 -22.31 19.15
N ILE K 439 21.37 -21.14 19.05
CA ILE K 439 22.15 -20.75 17.88
C ILE K 439 23.58 -20.39 18.32
N LYS K 440 24.54 -20.78 17.49
CA LYS K 440 25.95 -20.51 17.72
C LYS K 440 26.60 -20.08 16.42
N CYS K 441 27.46 -19.07 16.48
CA CYS K 441 28.15 -18.58 15.29
C CYS K 441 29.59 -18.21 15.64
N GLU K 442 30.54 -18.71 14.85
CA GLU K 442 31.95 -18.42 15.03
C GLU K 442 32.37 -17.41 13.96
N SER K 443 33.05 -16.36 14.37
CA SER K 443 33.49 -15.29 13.47
C SER K 443 34.99 -15.08 13.56
N ASN K 444 35.54 -14.53 12.49
CA ASN K 444 36.97 -14.23 12.39
C ASN K 444 37.17 -12.73 12.54
N ILE K 445 37.76 -12.30 13.65
CA ILE K 445 38.02 -10.89 13.86
C ILE K 445 39.30 -10.52 13.12
N THR K 446 39.16 -9.72 12.06
CA THR K 446 40.29 -9.32 11.23
C THR K 446 40.57 -7.83 11.25
N GLY K 447 39.80 -7.03 11.98
CA GLY K 447 40.04 -5.60 12.00
C GLY K 447 39.29 -4.95 13.15
N LEU K 448 39.75 -3.75 13.49
CA LEU K 448 39.17 -2.97 14.58
C LEU K 448 39.01 -1.52 14.15
N LEU K 449 37.95 -0.89 14.69
CA LEU K 449 37.65 0.51 14.44
C LEU K 449 38.00 1.27 15.71
N LEU K 450 39.04 2.10 15.65
CA LEU K 450 39.53 2.83 16.79
C LEU K 450 39.30 4.33 16.66
N THR K 451 39.17 4.99 17.81
CA THR K 451 38.98 6.43 17.92
C THR K 451 39.93 6.94 18.99
N ARG K 452 40.65 8.02 18.67
CA ARG K 452 41.63 8.61 19.58
C ARG K 452 41.03 9.81 20.30
N ASP K 453 41.18 9.83 21.62
CA ASP K 453 40.65 10.93 22.42
C ASP K 453 41.37 12.23 22.08
N GLY K 454 40.63 13.34 22.15
CA GLY K 454 41.19 14.63 21.84
C GLY K 454 41.77 15.38 23.02
N GLY K 455 42.82 14.84 23.62
CA GLY K 455 43.46 15.48 24.75
C GLY K 455 44.53 16.47 24.30
N LYS K 456 45.26 16.99 25.27
CA LYS K 456 46.32 17.96 24.99
C LYS K 456 47.47 17.32 24.20
N ASP K 457 47.60 15.99 24.25
CA ASP K 457 48.63 15.23 23.54
C ASP K 457 50.06 15.45 24.03
N ASN K 458 50.26 16.32 25.03
CA ASN K 458 51.62 16.53 25.52
C ASN K 458 51.98 15.50 26.60
N ASN K 459 51.05 14.62 26.95
CA ASN K 459 51.26 13.60 27.96
C ASN K 459 52.19 12.51 27.46
N VAL K 460 52.59 11.59 28.35
CA VAL K 460 53.45 10.48 27.97
C VAL K 460 52.65 9.29 27.47
N ASN K 461 51.32 9.43 27.35
CA ASN K 461 50.46 8.36 26.89
C ASN K 461 49.34 8.93 26.02
N GLU K 462 48.70 8.05 25.27
CA GLU K 462 47.60 8.39 24.39
C GLU K 462 46.57 7.28 24.46
N THR K 463 45.31 7.64 24.64
CA THR K 463 44.21 6.69 24.78
C THR K 463 43.51 6.46 23.44
N PHE K 464 42.99 5.26 23.26
CA PHE K 464 42.24 4.85 22.08
C PHE K 464 40.96 4.18 22.55
N ARG K 465 39.88 4.39 21.80
CA ARG K 465 38.58 3.82 22.15
C ARG K 465 37.96 3.11 20.95
N PRO K 466 37.16 2.05 21.18
CA PRO K 466 36.54 1.38 20.03
C PRO K 466 35.35 2.21 19.57
N GLY K 467 35.53 2.94 18.48
CA GLY K 467 34.50 3.81 17.94
C GLY K 467 33.69 3.14 16.84
N GLY K 468 32.37 3.36 16.87
CA GLY K 468 31.51 2.78 15.86
C GLY K 468 31.71 3.44 14.50
N GLY K 469 32.09 4.72 14.50
CA GLY K 469 32.30 5.43 13.25
C GLY K 469 31.04 5.45 12.40
N ASP K 470 31.23 5.24 11.10
CA ASP K 470 30.14 5.22 10.14
C ASP K 470 30.06 3.83 9.52
N MET K 471 28.86 3.45 9.08
CA MET K 471 28.69 2.13 8.47
C MET K 471 29.52 1.98 7.21
N ARG K 472 29.85 3.10 6.54
CA ARG K 472 30.65 3.02 5.33
C ARG K 472 32.06 2.50 5.62
N ASP K 473 32.52 2.65 6.87
CA ASP K 473 33.85 2.17 7.22
C ASP K 473 33.96 0.66 7.04
N ASN K 474 32.88 -0.09 7.27
CA ASN K 474 32.92 -1.53 7.10
C ASN K 474 33.22 -1.88 5.64
N TRP K 475 32.59 -1.16 4.71
CA TRP K 475 32.82 -1.43 3.29
C TRP K 475 34.18 -0.87 2.88
N ARG K 476 34.56 0.27 3.43
CA ARG K 476 35.84 0.90 3.11
C ARG K 476 37.02 0.03 3.52
N SER K 477 36.85 -0.84 4.51
CA SER K 477 37.94 -1.70 4.94
C SER K 477 38.26 -2.78 3.90
N GLU K 478 37.33 -3.06 3.00
CA GLU K 478 37.52 -4.08 1.96
C GLU K 478 37.71 -3.48 0.57
N LEU K 479 37.20 -2.28 0.31
CA LEU K 479 37.33 -1.63 -0.98
C LEU K 479 38.50 -0.66 -1.05
N TYR K 480 39.35 -0.62 -0.04
CA TYR K 480 40.51 0.28 -0.06
C TYR K 480 41.48 -0.08 -1.18
N LYS K 481 41.47 -1.34 -1.61
CA LYS K 481 42.36 -1.83 -2.65
C LYS K 481 41.82 -1.66 -4.05
N TYR K 482 40.64 -1.06 -4.23
CA TYR K 482 40.04 -0.89 -5.55
C TYR K 482 39.68 0.56 -5.86
N LYS K 483 39.59 0.84 -7.16
CA LYS K 483 39.22 2.13 -7.70
C LYS K 483 38.75 1.90 -9.13
N VAL K 484 37.64 2.55 -9.49
CA VAL K 484 37.06 2.42 -10.82
C VAL K 484 37.59 3.54 -11.71
N VAL K 485 37.98 3.18 -12.93
CA VAL K 485 38.51 4.12 -13.90
C VAL K 485 37.82 3.90 -15.24
N GLU K 486 37.75 4.97 -16.04
CA GLU K 486 37.14 4.91 -17.37
C GLU K 486 38.24 4.89 -18.41
N ILE K 487 38.32 3.82 -19.19
CA ILE K 487 39.34 3.71 -20.22
C ILE K 487 38.95 4.53 -21.44
N GLU K 488 39.94 5.23 -21.99
CA GLU K 488 39.77 6.09 -23.16
C GLU K 488 40.43 5.40 -24.36
N PRO K 489 39.72 4.50 -25.06
CA PRO K 489 40.37 3.81 -26.20
C PRO K 489 40.82 4.75 -27.31
N LEU K 490 40.23 5.92 -27.45
CA LEU K 490 40.61 6.85 -28.51
C LEU K 490 41.84 7.64 -28.08
N GLY K 491 42.88 7.60 -28.92
CA GLY K 491 44.11 8.32 -28.65
C GLY K 491 44.55 9.05 -29.90
N VAL K 492 45.42 10.05 -29.70
CA VAL K 492 45.94 10.86 -30.79
C VAL K 492 47.45 11.03 -30.58
N ALA K 493 48.21 10.83 -31.64
CA ALA K 493 49.67 10.96 -31.59
C ALA K 493 50.18 11.20 -33.00
N PRO K 494 51.30 11.91 -33.17
CA PRO K 494 51.81 12.16 -34.51
C PRO K 494 52.82 11.11 -34.96
N THR K 495 53.00 11.03 -36.28
CA THR K 495 53.95 10.10 -36.88
C THR K 495 54.11 10.45 -38.35
N ARG K 496 55.28 10.12 -38.89
CA ARG K 496 55.58 10.40 -40.29
C ARG K 496 54.84 9.43 -41.21
N CYS K 497 53.52 9.61 -41.31
CA CYS K 497 52.69 8.75 -42.15
C CYS K 497 52.66 9.30 -43.57
N LYS K 498 51.81 8.71 -44.40
CA LYS K 498 51.64 9.11 -45.81
C LYS K 498 52.95 9.01 -46.59
N ARG K 499 53.66 7.90 -46.44
CA ARG K 499 54.92 7.67 -47.14
C ARG K 499 54.68 6.82 -48.38
N ARG L 8 52.18 -12.75 -24.46
CA ARG L 8 51.00 -11.88 -24.77
C ARG L 8 50.20 -11.59 -23.51
N ARG L 9 50.20 -10.32 -23.08
CA ARG L 9 49.48 -9.93 -21.88
C ARG L 9 47.97 -9.93 -22.16
N GLY L 10 47.20 -9.82 -21.08
CA GLY L 10 45.75 -9.79 -21.18
C GLY L 10 45.24 -8.41 -21.50
N PHE L 11 44.02 -8.13 -21.03
CA PHE L 11 43.40 -6.84 -21.27
C PHE L 11 44.08 -5.74 -20.47
N LEU L 12 44.40 -4.64 -21.16
CA LEU L 12 45.04 -3.48 -20.54
C LEU L 12 46.39 -3.80 -19.93
N GLY L 13 47.02 -4.90 -20.35
CA GLY L 13 48.31 -5.27 -19.79
C GLY L 13 49.47 -4.45 -20.32
N ALA L 14 49.31 -3.81 -21.48
CA ALA L 14 50.38 -3.00 -22.06
C ALA L 14 50.32 -1.54 -21.64
N ALA L 15 49.71 -1.24 -20.49
CA ALA L 15 49.62 0.14 -20.04
C ALA L 15 50.96 0.72 -19.64
N GLY L 16 51.90 -0.10 -19.20
CA GLY L 16 53.21 0.38 -18.79
C GLY L 16 54.25 0.45 -19.89
N SER L 17 54.01 -0.26 -21.00
CA SER L 17 54.96 -0.24 -22.10
C SER L 17 54.94 1.10 -22.81
N THR L 18 55.99 1.36 -23.58
CA THR L 18 56.10 2.61 -24.32
C THR L 18 55.00 2.68 -25.39
N MET L 19 54.86 3.86 -25.98
CA MET L 19 53.84 4.05 -27.01
C MET L 19 54.10 3.16 -28.22
N GLY L 20 55.37 3.02 -28.62
CA GLY L 20 55.69 2.18 -29.76
C GLY L 20 55.36 0.72 -29.55
N ALA L 21 55.55 0.20 -28.34
CA ALA L 21 55.28 -1.20 -28.05
C ALA L 21 53.84 -1.44 -27.58
N ALA L 22 53.16 -0.40 -27.09
CA ALA L 22 51.78 -0.59 -26.64
C ALA L 22 50.81 -0.67 -27.81
N SER L 23 51.17 -0.12 -28.96
CA SER L 23 50.30 -0.16 -30.13
C SER L 23 50.20 -1.54 -30.76
N ILE L 24 50.94 -2.53 -30.29
CA ILE L 24 50.84 -3.85 -30.99
C ILE L 24 49.71 -4.68 -30.33
N THR L 25 49.18 -4.22 -29.20
CA THR L 25 48.08 -4.93 -28.55
C THR L 25 46.74 -4.22 -28.61
N LEU L 26 46.57 -3.21 -29.47
CA LEU L 26 45.33 -2.46 -29.59
C LEU L 26 44.07 -3.32 -29.65
N THR L 27 44.14 -4.45 -30.34
CA THR L 27 42.97 -5.31 -30.49
C THR L 27 42.51 -5.88 -29.15
N VAL L 28 43.42 -6.18 -28.23
CA VAL L 28 43.00 -6.74 -26.96
C VAL L 28 42.16 -5.76 -26.16
N GLN L 29 42.43 -4.46 -26.26
CA GLN L 29 41.63 -3.47 -25.53
C GLN L 29 40.37 -3.12 -26.31
N ALA L 30 40.45 -3.10 -27.64
CA ALA L 30 39.28 -2.76 -28.45
C ALA L 30 38.22 -3.85 -28.37
N ARG L 31 38.64 -5.12 -28.22
CA ARG L 31 37.68 -6.21 -28.17
C ARG L 31 36.85 -6.21 -26.88
N GLN L 32 37.45 -5.78 -25.76
CA GLN L 32 36.75 -5.77 -24.48
C GLN L 32 35.91 -4.53 -24.24
N LEU L 33 35.63 -3.72 -25.26
CA LEU L 33 34.83 -2.52 -25.05
C LEU L 33 33.34 -2.83 -24.89
N LEU L 34 32.91 -4.07 -25.17
CA LEU L 34 31.51 -4.47 -25.02
C LEU L 34 31.38 -5.79 -24.26
N SER L 35 32.42 -6.19 -23.53
CA SER L 35 32.38 -7.44 -22.78
C SER L 35 33.35 -7.39 -21.61
N GLN L 52 20.84 -13.94 -17.31
CA GLN L 52 19.41 -14.32 -17.53
C GLN L 52 18.78 -13.44 -18.61
N HIS L 53 18.10 -14.07 -19.56
CA HIS L 53 17.45 -13.32 -20.63
C HIS L 53 16.37 -12.39 -20.07
N LEU L 54 15.62 -12.85 -19.07
CA LEU L 54 14.58 -12.01 -18.48
C LEU L 54 15.22 -10.96 -17.57
N LEU L 55 14.42 -9.96 -17.20
CA LEU L 55 14.86 -8.88 -16.33
C LEU L 55 13.77 -8.58 -15.31
N LYS L 56 14.13 -8.59 -14.03
CA LYS L 56 13.19 -8.31 -12.96
C LYS L 56 13.07 -6.82 -12.65
N LEU L 57 14.01 -6.02 -13.13
CA LEU L 57 14.01 -4.57 -12.91
C LEU L 57 14.06 -4.21 -11.42
N GLY L 58 14.77 -5.01 -10.63
CA GLY L 58 14.91 -4.75 -9.21
C GLY L 58 16.08 -3.83 -8.95
N VAL L 59 16.60 -3.90 -7.72
CA VAL L 59 17.75 -3.07 -7.37
C VAL L 59 18.94 -3.45 -8.25
N TRP L 60 19.24 -4.75 -8.31
CA TRP L 60 20.35 -5.20 -9.15
C TRP L 60 20.00 -5.13 -10.63
N GLY L 61 18.75 -5.43 -10.99
CA GLY L 61 18.35 -5.37 -12.38
C GLY L 61 18.45 -3.97 -12.96
N ILE L 62 18.06 -2.96 -12.18
CA ILE L 62 18.13 -1.58 -12.67
C ILE L 62 19.58 -1.18 -12.93
N LYS L 63 20.48 -1.55 -12.00
CA LYS L 63 21.90 -1.21 -12.18
C LYS L 63 22.46 -1.90 -13.42
N GLN L 64 22.11 -3.17 -13.62
CA GLN L 64 22.62 -3.87 -14.80
C GLN L 64 22.07 -3.25 -16.07
N LEU L 65 20.79 -2.86 -16.07
CA LEU L 65 20.20 -2.25 -17.25
C LEU L 65 20.93 -0.96 -17.60
N GLN L 66 21.21 -0.13 -16.59
CA GLN L 66 21.91 1.12 -16.84
C GLN L 66 23.34 0.84 -17.31
N ALA L 67 23.98 -0.17 -16.73
CA ALA L 67 25.34 -0.52 -17.13
C ALA L 67 25.36 -0.99 -18.58
N ARG L 68 24.39 -1.80 -18.97
CA ARG L 68 24.33 -2.28 -20.35
C ARG L 68 24.08 -1.13 -21.32
N VAL L 69 23.15 -0.24 -20.97
CA VAL L 69 22.86 0.90 -21.84
C VAL L 69 24.05 1.85 -21.88
N LEU L 70 24.68 2.07 -20.72
CA LEU L 70 25.85 2.96 -20.66
C LEU L 70 26.99 2.42 -21.51
N ALA L 71 27.19 1.10 -21.49
CA ALA L 71 28.27 0.50 -22.28
C ALA L 71 28.05 0.72 -23.77
N VAL L 72 26.81 0.55 -24.23
CA VAL L 72 26.52 0.73 -25.65
C VAL L 72 26.75 2.18 -26.06
N GLU L 73 26.32 3.12 -25.21
CA GLU L 73 26.50 4.54 -25.51
C GLU L 73 27.97 4.89 -25.57
N ARG L 74 28.78 4.38 -24.63
CA ARG L 74 30.20 4.66 -24.63
C ARG L 74 30.85 4.14 -25.91
N TYR L 75 30.48 2.93 -26.32
CA TYR L 75 31.05 2.36 -27.54
C TYR L 75 30.64 3.18 -28.77
N LEU L 76 29.36 3.57 -28.83
CA LEU L 76 28.90 4.36 -29.97
C LEU L 76 29.46 5.78 -29.93
N ARG L 77 29.69 6.31 -28.72
CA ARG L 77 30.23 7.65 -28.60
C ARG L 77 31.60 7.75 -29.27
N ASP L 78 32.44 6.73 -29.09
CA ASP L 78 33.76 6.73 -29.70
C ASP L 78 33.71 6.20 -31.12
N GLN L 79 32.75 5.32 -31.41
CA GLN L 79 32.64 4.76 -32.76
C GLN L 79 32.15 5.80 -33.75
N GLN L 80 31.20 6.65 -33.35
CA GLN L 80 30.69 7.66 -34.26
C GLN L 80 31.79 8.64 -34.68
N LEU L 81 32.73 8.92 -33.79
CA LEU L 81 33.82 9.83 -34.15
C LEU L 81 34.65 9.24 -35.28
N LEU L 82 34.95 7.94 -35.19
CA LEU L 82 35.72 7.30 -36.26
C LEU L 82 34.93 7.27 -37.56
N GLY L 83 33.60 7.19 -37.48
CA GLY L 83 32.77 7.17 -38.66
C GLY L 83 32.87 8.47 -39.43
N ILE L 84 32.70 9.60 -38.75
CA ILE L 84 32.79 10.88 -39.42
C ILE L 84 34.22 11.16 -39.87
N TRP L 85 35.21 10.68 -39.11
CA TRP L 85 36.61 10.86 -39.46
C TRP L 85 37.03 10.01 -40.65
N GLY L 86 36.18 9.08 -41.10
CA GLY L 86 36.53 8.24 -42.21
C GLY L 86 37.47 7.11 -41.87
N CYS L 87 37.57 6.76 -40.58
CA CYS L 87 38.45 5.71 -40.09
C CYS L 87 37.69 4.54 -39.48
N SER L 88 36.39 4.41 -39.77
CA SER L 88 35.62 3.30 -39.22
C SER L 88 36.17 1.98 -39.71
N GLY L 89 36.30 1.02 -38.81
CA GLY L 89 36.82 -0.28 -39.17
C GLY L 89 38.34 -0.34 -39.26
N LYS L 90 39.03 0.71 -38.79
CA LYS L 90 40.49 0.78 -38.82
C LYS L 90 41.01 1.03 -37.42
N LEU L 91 41.98 0.23 -36.99
CA LEU L 91 42.57 0.42 -35.68
C LEU L 91 43.51 1.62 -35.67
N ILE L 92 44.15 1.89 -36.80
CA ILE L 92 45.08 3.00 -36.96
C ILE L 92 44.77 3.66 -38.29
N CYS L 93 44.80 4.99 -38.33
CA CYS L 93 44.53 5.72 -39.55
C CYS L 93 45.23 7.07 -39.48
N CYS L 94 45.65 7.57 -40.64
CA CYS L 94 46.34 8.85 -40.76
C CYS L 94 45.42 9.85 -41.44
N THR L 95 45.36 11.06 -40.89
CA THR L 95 44.52 12.12 -41.41
C THR L 95 45.39 13.21 -42.03
N ASN L 96 44.74 14.12 -42.76
CA ASN L 96 45.43 15.21 -43.43
C ASN L 96 45.78 16.38 -42.52
N VAL L 97 45.40 16.35 -41.25
CA VAL L 97 45.72 17.46 -40.34
C VAL L 97 47.19 17.40 -39.97
N PRO L 98 48.03 18.39 -40.30
CA PRO L 98 49.43 18.32 -39.91
C PRO L 98 49.58 18.53 -38.41
N TRP L 99 50.67 18.01 -37.86
CA TRP L 99 50.93 18.14 -36.43
C TRP L 99 51.52 19.51 -36.12
N ASN L 100 50.77 20.32 -35.38
CA ASN L 100 51.22 21.65 -34.98
C ASN L 100 52.17 21.50 -33.79
N SER L 101 53.40 22.00 -33.94
CA SER L 101 54.38 21.88 -32.86
C SER L 101 53.92 22.55 -31.57
N SER L 102 52.99 23.50 -31.65
CA SER L 102 52.51 24.17 -30.44
C SER L 102 51.85 23.18 -29.48
N TRP L 103 51.17 22.16 -30.01
CA TRP L 103 50.52 21.19 -29.14
C TRP L 103 51.55 20.42 -28.32
N SER L 104 52.65 20.01 -28.95
CA SER L 104 53.71 19.27 -28.27
C SER L 104 54.97 19.28 -29.11
N ASN L 105 56.10 19.69 -28.50
CA ASN L 105 57.38 19.76 -29.20
C ASN L 105 58.23 18.52 -29.00
N LYS L 106 57.68 17.44 -28.44
CA LYS L 106 58.45 16.23 -28.22
C LYS L 106 58.94 15.65 -29.54
N SER L 107 60.18 15.17 -29.55
CA SER L 107 60.74 14.59 -30.76
C SER L 107 60.06 13.26 -31.09
N LEU L 108 60.19 12.85 -32.35
CA LEU L 108 59.56 11.61 -32.81
C LEU L 108 60.21 10.36 -32.22
N ASP L 109 61.39 10.48 -31.59
CA ASP L 109 62.05 9.31 -31.04
C ASP L 109 61.61 9.06 -29.60
N GLU L 110 61.81 10.03 -28.71
CA GLU L 110 61.44 9.85 -27.31
C GLU L 110 59.93 9.68 -27.12
N ILE L 111 59.13 10.24 -28.03
CA ILE L 111 57.68 10.15 -27.89
C ILE L 111 57.19 8.73 -28.11
N TRP L 112 57.81 8.00 -29.04
CA TRP L 112 57.38 6.64 -29.36
C TRP L 112 58.20 5.53 -28.70
N ASN L 113 59.50 5.74 -28.45
CA ASN L 113 60.34 4.71 -27.87
C ASN L 113 60.67 4.89 -26.40
N ASN L 114 60.36 6.03 -25.80
CA ASN L 114 60.67 6.27 -24.39
C ASN L 114 59.44 6.60 -23.55
N MET L 115 58.56 7.44 -24.08
CA MET L 115 57.37 7.87 -23.36
C MET L 115 56.21 6.91 -23.60
N THR L 116 55.27 6.87 -22.65
CA THR L 116 54.11 6.00 -22.70
C THR L 116 52.84 6.80 -22.97
N TRP L 117 51.75 6.06 -23.26
CA TRP L 117 50.47 6.68 -23.57
C TRP L 117 49.88 7.45 -22.38
N LEU L 118 49.97 6.88 -21.17
CA LEU L 118 49.40 7.56 -20.01
C LEU L 118 50.00 8.94 -19.81
N GLN L 119 51.30 9.10 -20.06
CA GLN L 119 51.93 10.41 -19.91
C GLN L 119 51.57 11.32 -21.08
N TRP L 120 51.23 10.72 -22.23
CA TRP L 120 50.88 11.51 -23.41
C TRP L 120 49.44 11.99 -23.35
N ASP L 121 48.58 11.26 -22.63
CA ASP L 121 47.18 11.64 -22.55
C ASP L 121 47.03 12.98 -21.82
N LYS L 122 47.79 13.18 -20.75
CA LYS L 122 47.71 14.42 -19.98
C LYS L 122 48.37 15.62 -20.68
N GLU L 123 49.12 15.40 -21.75
CA GLU L 123 49.76 16.50 -22.45
C GLU L 123 48.89 17.03 -23.58
N ILE L 124 48.22 16.12 -24.29
CA ILE L 124 47.35 16.52 -25.40
C ILE L 124 45.91 16.76 -24.94
N GLY L 125 45.59 16.48 -23.67
CA GLY L 125 44.23 16.70 -23.18
C GLY L 125 43.76 18.13 -23.41
N ASN L 126 44.68 19.10 -23.34
CA ASN L 126 44.30 20.49 -23.53
C ASN L 126 43.91 20.77 -24.98
N TYR L 127 44.56 20.09 -25.94
CA TYR L 127 44.30 20.28 -27.35
C TYR L 127 43.54 19.13 -28.01
N THR L 128 43.00 18.19 -27.23
CA THR L 128 42.28 17.07 -27.83
C THR L 128 41.02 17.53 -28.55
N GLN L 129 40.25 18.42 -27.92
CA GLN L 129 39.02 18.91 -28.55
C GLN L 129 39.29 19.65 -29.84
N LEU L 130 40.32 20.51 -29.86
CA LEU L 130 40.64 21.26 -31.07
C LEU L 130 41.06 20.33 -32.19
N ILE L 131 41.84 19.30 -31.86
CA ILE L 131 42.30 18.36 -32.89
C ILE L 131 41.12 17.58 -33.46
N TYR L 132 40.13 17.26 -32.61
CA TYR L 132 38.97 16.52 -33.08
C TYR L 132 38.20 17.32 -34.12
N ARG L 133 37.96 18.61 -33.85
CA ARG L 133 37.23 19.44 -34.79
C ARG L 133 38.01 19.61 -36.09
N LEU L 134 39.32 19.78 -36.00
CA LEU L 134 40.14 19.96 -37.20
C LEU L 134 40.06 18.73 -38.09
N ILE L 135 40.09 17.54 -37.51
CA ILE L 135 40.02 16.32 -38.31
C ILE L 135 38.66 16.20 -38.98
N GLU L 136 37.60 16.64 -38.30
CA GLU L 136 36.26 16.54 -38.87
C GLU L 136 36.09 17.37 -40.13
N GLU L 137 36.45 18.66 -40.06
CA GLU L 137 36.28 19.51 -41.25
C GLU L 137 37.24 19.11 -42.35
N SER L 138 38.43 18.61 -41.99
CA SER L 138 39.39 18.19 -43.01
C SER L 138 38.84 17.02 -43.83
N GLN L 139 38.24 16.05 -43.15
CA GLN L 139 37.69 14.89 -43.86
C GLN L 139 36.46 15.30 -44.67
N ASN L 140 35.61 16.15 -44.10
CA ASN L 140 34.41 16.58 -44.81
C ASN L 140 34.77 17.36 -46.06
N GLN L 141 35.74 18.28 -45.97
CA GLN L 141 36.14 19.05 -47.14
C GLN L 141 36.74 18.14 -48.21
N GLN L 142 37.57 17.19 -47.81
CA GLN L 142 38.17 16.28 -48.77
C GLN L 142 37.11 15.40 -49.42
N GLU L 143 36.11 14.97 -48.66
CA GLU L 143 35.06 14.13 -49.22
C GLU L 143 34.28 14.87 -50.31
N LYS L 144 33.91 16.13 -50.04
CA LYS L 144 33.18 16.91 -51.03
C LYS L 144 34.07 17.33 -52.19
N ASN L 145 35.38 17.43 -51.97
CA ASN L 145 36.29 17.82 -53.05
C ASN L 145 36.48 16.68 -54.05
N GLU L 146 36.65 15.45 -53.55
CA GLU L 146 36.84 14.31 -54.44
C GLU L 146 35.52 13.85 -55.03
N LYS L 147 34.51 13.64 -54.19
CA LYS L 147 33.19 13.20 -54.63
C LYS L 147 32.38 14.44 -55.02
N GLU L 148 31.14 14.22 -55.46
CA GLU L 148 30.26 15.30 -55.88
C GLU L 148 30.92 16.12 -56.98
N LEU L 149 31.13 15.45 -58.12
CA LEU L 149 31.79 16.09 -59.26
C LEU L 149 31.05 17.34 -59.71
N LEU L 150 29.72 17.36 -59.59
CA LEU L 150 28.96 18.53 -60.00
C LEU L 150 27.54 18.45 -59.42
#